data_7UFJ
#
_entry.id   7UFJ
#
_cell.length_a   217.936
_cell.length_b   70.888
_cell.length_c   144.387
_cell.angle_alpha   90.000
_cell.angle_beta   104.861
_cell.angle_gamma   90.000
#
_symmetry.space_group_name_H-M   'C 1 2 1'
#
loop_
_entity.id
_entity.type
_entity.pdbx_description
1 polymer 'Major histocompatibility complex class I-related gene protein'
2 polymer Beta-2-microglobulin
3 polymer 'MAIT T-cell receptor alpha chain'
4 polymer 'MAIT T-cell receptor beta chain'
5 non-polymer PROLINE
6 non-polymer 3-ethoxy-4-hydroxybenzaldehyde
7 non-polymer GLYCEROL
8 non-polymer 'ACETATE ION'
9 water water
#
loop_
_entity_poly.entity_id
_entity_poly.type
_entity_poly.pdbx_seq_one_letter_code
_entity_poly.pdbx_strand_id
1 'polypeptide(L)'
;MRTHSLRYFRLGVSDPIHGVPEFISVGYVDSHPITTYDSVTRQKEPRAPWMAENLAPDHWERYTQLLRGWQQMFKVELKR
LQRHYNHSGSHTYQRMIGCELLEDGSTTGFLQYAYDGQDFLIFNKDTLSWLAVDNVAHTIKQAWEANQHELLYQKNWLEE
ECIAWLKRFLEYGKDTLQRTEPPLVRVNRKETFPGVTALFCKAHGFYPPEIYMTWMKNGEEIVQEIDYGDILPSGDGTYQ
AWASIELDPQSSNLYSCHVEHSGVHMVLQVP
;
A,C
2 'polypeptide(L)'
;MIQRTPKIQVYSRHPAENGKSNFLNCYVSGFHPSDIEVDLLKNGERIEKVEHSDLSFSKDWSFYLLYYTEFTPTEKDEYA
CRVNHVTLSQPKIVKWDRDM
;
B,D
3 'polypeptide(L)'
;GQNIDQPTEMTATEGAIVQINCTYQTSGFNGLFWYQQHAGEAPTFLSYNVLDGLEEKGRFSSFLSRSKGYSYLLLKELQM
KDSASYLCAVKDSNYQLIWGAGTKLIIKPDIQNPDPAVYQLRDSKSSDKSVCLFTDFDSQTNVSQSKDSDVYITDKCVLD
MRSMDFKSNSAVAWSNKSDFACANAFNNSIIPEDTFFPSPESS
;
G,E
4 'polypeptide(L)'
;NAGVTQTPKFQVLKTGQSMTLQCAQDMNHNSMYWYRQDPGMGLRLIYYSASEGTTDKGEVPNGYNVSRLNKREFSLRLES
AAPSQTSVYFCASSVWTGEGSGELFFGEGSRLTVLEDLKNVFPPEVAVFEPSEAEISHTQKATLVCLATGFYPDHVELSW
WVNGKEVHSGVCTDPQPLKEQPALNDSRYALSSRLRVSATFWQNPRNHFRCQVQFYGLSENDEWTQDRAKPVTQIVSAEA
WGRAD
;
H,F
#
# COMPACT_ATOMS: atom_id res chain seq x y z
N MET A 1 16.42 -9.91 19.38
CA MET A 1 15.94 -11.28 19.30
C MET A 1 16.50 -12.03 18.10
N ARG A 2 16.94 -13.26 18.36
CA ARG A 2 17.32 -14.21 17.32
C ARG A 2 16.06 -14.78 16.68
N THR A 3 16.23 -15.73 15.76
CA THR A 3 15.09 -16.45 15.24
C THR A 3 14.50 -17.35 16.31
N HIS A 4 13.17 -17.33 16.45
CA HIS A 4 12.46 -18.13 17.43
C HIS A 4 11.30 -18.86 16.75
N SER A 5 10.83 -19.93 17.36
CA SER A 5 9.77 -20.67 16.68
C SER A 5 8.85 -21.38 17.67
N LEU A 6 7.63 -21.63 17.22
CA LEU A 6 6.64 -22.39 17.97
C LEU A 6 6.10 -23.49 17.05
N ARG A 7 6.13 -24.71 17.52
CA ARG A 7 5.78 -25.87 16.71
C ARG A 7 4.92 -26.77 17.59
N TYR A 8 3.86 -27.33 17.03
CA TYR A 8 3.09 -28.37 17.70
C TYR A 8 3.05 -29.61 16.81
N PHE A 9 3.31 -30.77 17.39
CA PHE A 9 3.29 -32.04 16.68
C PHE A 9 2.19 -32.95 17.23
N ARG A 10 1.56 -33.70 16.33
CA ARG A 10 0.64 -34.77 16.68
C ARG A 10 1.16 -36.07 16.08
N LEU A 11 1.01 -37.17 16.82
CA LEU A 11 1.40 -38.49 16.33
C LEU A 11 0.29 -39.48 16.64
N GLY A 12 -0.28 -40.07 15.60
CA GLY A 12 -1.30 -41.09 15.74
C GLY A 12 -0.73 -42.43 15.31
N VAL A 13 -1.12 -43.48 16.04
CA VAL A 13 -0.64 -44.84 15.79
C VAL A 13 -1.84 -45.77 15.84
N SER A 14 -2.24 -46.29 14.69
CA SER A 14 -3.23 -47.34 14.68
C SER A 14 -2.63 -48.62 15.24
N ASP A 15 -3.43 -49.37 15.98
CA ASP A 15 -3.07 -50.71 16.42
C ASP A 15 -1.71 -50.76 17.10
N PRO A 16 -1.47 -49.94 18.11
CA PRO A 16 -0.14 -49.86 18.71
C PRO A 16 0.17 -51.04 19.62
N ILE A 17 1.42 -51.52 19.54
CA ILE A 17 1.89 -52.55 20.48
C ILE A 17 1.88 -51.97 21.88
N HIS A 18 1.48 -52.80 22.87
CA HIS A 18 1.30 -52.35 24.25
C HIS A 18 2.48 -51.49 24.69
N GLY A 19 2.18 -50.40 25.40
CA GLY A 19 3.20 -49.47 25.79
C GLY A 19 3.46 -48.34 24.81
N VAL A 20 2.72 -48.27 23.71
CA VAL A 20 2.85 -47.14 22.79
C VAL A 20 1.50 -46.43 22.74
N PRO A 21 1.39 -45.20 23.24
CA PRO A 21 0.13 -44.45 23.11
C PRO A 21 -0.43 -44.50 21.70
N GLU A 22 -1.76 -44.44 21.57
CA GLU A 22 -2.26 -44.34 20.21
C GLU A 22 -2.23 -42.90 19.70
N PHE A 23 -2.07 -41.93 20.60
CA PHE A 23 -2.03 -40.51 20.25
C PHE A 23 -1.09 -39.80 21.21
N ILE A 24 -0.11 -39.06 20.66
CA ILE A 24 0.80 -38.20 21.43
C ILE A 24 0.81 -36.82 20.79
N SER A 25 0.82 -35.77 21.62
CA SER A 25 0.95 -34.40 21.14
C SER A 25 2.00 -33.65 21.96
N VAL A 26 2.80 -32.83 21.30
CA VAL A 26 3.91 -32.14 21.97
C VAL A 26 4.13 -30.80 21.28
N GLY A 27 4.20 -29.74 22.08
CA GLY A 27 4.59 -28.43 21.59
C GLY A 27 6.00 -28.05 21.99
N TYR A 28 6.63 -27.21 21.16
CA TYR A 28 8.00 -26.75 21.36
C TYR A 28 8.10 -25.25 21.16
N VAL A 29 8.92 -24.61 21.97
CA VAL A 29 9.46 -23.29 21.67
C VAL A 29 10.95 -23.48 21.45
N ASP A 30 11.43 -23.11 20.25
CA ASP A 30 12.82 -23.38 19.89
C ASP A 30 13.05 -24.88 20.11
N SER A 31 14.14 -25.28 20.73
CA SER A 31 14.43 -26.67 21.03
C SER A 31 13.71 -27.18 22.28
N HIS A 32 13.04 -26.30 23.06
CA HIS A 32 12.48 -26.61 24.39
C HIS A 32 11.05 -27.14 24.28
N PRO A 33 10.78 -28.32 24.82
CA PRO A 33 9.38 -28.76 24.96
C PRO A 33 8.64 -27.87 25.94
N ILE A 34 7.38 -27.56 25.64
CA ILE A 34 6.56 -26.71 26.50
C ILE A 34 5.32 -27.43 27.00
N THR A 35 4.72 -28.29 26.17
CA THR A 35 3.43 -28.90 26.47
C THR A 35 3.45 -30.35 25.99
N THR A 36 2.63 -31.18 26.63
CA THR A 36 2.49 -32.55 26.20
C THR A 36 1.09 -33.06 26.54
N TYR A 37 0.61 -33.97 25.71
CA TYR A 37 -0.66 -34.66 25.91
C TYR A 37 -0.50 -36.02 25.28
N ASP A 38 -1.19 -37.03 25.85
CA ASP A 38 -1.27 -38.30 25.14
C ASP A 38 -2.53 -39.04 25.55
N SER A 39 -2.79 -40.15 24.86
CA SER A 39 -4.03 -40.87 25.02
C SER A 39 -4.05 -41.74 26.26
N VAL A 40 -2.93 -41.82 26.99
CA VAL A 40 -2.90 -42.54 28.25
C VAL A 40 -3.23 -41.63 29.41
N THR A 41 -2.56 -40.49 29.52
CA THR A 41 -2.86 -39.56 30.60
C THR A 41 -4.14 -38.77 30.34
N ARG A 42 -4.48 -38.56 29.06
N ARG A 42 -4.51 -38.55 29.08
CA ARG A 42 -5.65 -37.79 28.63
CA ARG A 42 -5.72 -37.81 28.70
C ARG A 42 -5.70 -36.43 29.31
C ARG A 42 -5.70 -36.36 29.21
N GLN A 43 -4.53 -35.86 29.57
CA GLN A 43 -4.36 -34.51 30.13
C GLN A 43 -3.31 -33.76 29.35
N LYS A 44 -3.53 -32.46 29.13
CA LYS A 44 -2.48 -31.59 28.60
C LYS A 44 -1.77 -30.96 29.78
N GLU A 45 -0.46 -31.19 29.88
CA GLU A 45 0.39 -30.75 30.97
C GLU A 45 1.54 -29.90 30.47
N PRO A 46 2.04 -28.96 31.26
CA PRO A 46 3.24 -28.22 30.85
C PRO A 46 4.46 -29.12 30.91
N ARG A 47 5.41 -28.88 30.00
CA ARG A 47 6.70 -29.57 30.03
C ARG A 47 7.84 -28.65 30.41
N ALA A 48 7.58 -27.38 30.71
CA ALA A 48 8.62 -26.47 31.14
C ALA A 48 8.14 -25.70 32.36
N PRO A 49 9.02 -25.42 33.32
CA PRO A 49 8.60 -24.67 34.52
C PRO A 49 8.02 -23.31 34.22
N TRP A 50 8.58 -22.56 33.25
CA TRP A 50 8.01 -21.26 32.93
C TRP A 50 6.66 -21.34 32.22
N MET A 51 6.28 -22.51 31.70
CA MET A 51 4.91 -22.65 31.20
C MET A 51 3.95 -22.89 32.36
N ALA A 52 4.36 -23.74 33.30
CA ALA A 52 3.54 -24.05 34.48
C ALA A 52 3.29 -22.81 35.33
N GLU A 53 4.30 -21.97 35.53
CA GLU A 53 4.19 -20.83 36.42
C GLU A 53 3.39 -19.66 35.85
N ASN A 54 3.13 -19.63 34.53
CA ASN A 54 2.49 -18.48 33.90
C ASN A 54 1.12 -18.77 33.31
N LEU A 55 0.70 -20.03 33.23
CA LEU A 55 -0.58 -20.38 32.63
C LEU A 55 -1.48 -21.00 33.70
N ALA A 56 -2.59 -20.33 33.99
CA ALA A 56 -3.52 -20.75 35.05
C ALA A 56 -4.14 -22.12 34.76
N PRO A 57 -4.60 -22.82 35.81
CA PRO A 57 -5.14 -24.19 35.60
C PRO A 57 -6.27 -24.27 34.61
N ASP A 58 -7.11 -23.24 34.47
CA ASP A 58 -8.16 -23.34 33.47
C ASP A 58 -7.62 -23.37 32.05
N HIS A 59 -6.38 -22.93 31.83
CA HIS A 59 -5.75 -23.13 30.53
C HIS A 59 -5.58 -24.60 30.24
N TRP A 60 -4.92 -25.32 31.15
CA TRP A 60 -4.69 -26.75 30.94
C TRP A 60 -6.01 -27.50 30.91
N GLU A 61 -7.02 -27.05 31.65
CA GLU A 61 -8.32 -27.70 31.58
C GLU A 61 -8.95 -27.54 30.20
N ARG A 62 -8.92 -26.33 29.64
CA ARG A 62 -9.49 -26.10 28.32
C ARG A 62 -8.78 -26.93 27.26
N TYR A 63 -7.46 -26.92 27.29
CA TYR A 63 -6.75 -27.65 26.26
C TYR A 63 -6.78 -29.16 26.49
N THR A 64 -7.05 -29.60 27.72
CA THR A 64 -7.36 -31.01 27.90
C THR A 64 -8.59 -31.42 27.08
N GLN A 65 -9.64 -30.61 27.12
CA GLN A 65 -10.86 -31.00 26.40
C GLN A 65 -10.63 -30.97 24.89
N LEU A 66 -9.91 -29.98 24.38
CA LEU A 66 -9.70 -29.90 22.93
C LEU A 66 -8.86 -31.06 22.43
N LEU A 67 -7.77 -31.39 23.15
CA LEU A 67 -6.90 -32.50 22.73
C LEU A 67 -7.66 -33.82 22.75
N ARG A 68 -8.47 -34.05 23.79
CA ARG A 68 -9.40 -35.19 23.76
C ARG A 68 -10.21 -35.21 22.47
N GLY A 69 -10.82 -34.08 22.10
CA GLY A 69 -11.48 -34.01 20.82
C GLY A 69 -10.54 -34.27 19.66
N TRP A 70 -9.35 -33.67 19.69
CA TRP A 70 -8.42 -33.79 18.58
C TRP A 70 -7.86 -35.20 18.45
N GLN A 71 -7.77 -35.93 19.56
CA GLN A 71 -7.35 -37.33 19.48
C GLN A 71 -8.38 -38.16 18.74
N GLN A 72 -9.67 -37.88 18.97
CA GLN A 72 -10.72 -38.61 18.28
C GLN A 72 -10.72 -38.27 16.80
N MET A 73 -10.45 -37.02 16.46
CA MET A 73 -10.33 -36.63 15.07
C MET A 73 -9.19 -37.39 14.39
N PHE A 74 -8.07 -37.53 15.08
CA PHE A 74 -6.90 -38.16 14.48
C PHE A 74 -7.13 -39.65 14.28
N LYS A 75 -7.78 -40.31 15.25
CA LYS A 75 -8.10 -41.72 15.13
C LYS A 75 -8.95 -41.98 13.90
N VAL A 76 -9.96 -41.16 13.70
CA VAL A 76 -10.90 -41.37 12.62
C VAL A 76 -10.25 -41.09 11.26
N GLU A 77 -9.41 -40.05 11.17
CA GLU A 77 -8.78 -39.76 9.88
C GLU A 77 -7.78 -40.84 9.50
N LEU A 78 -7.01 -41.35 10.46
CA LEU A 78 -6.13 -42.46 10.16
C LEU A 78 -6.91 -43.65 9.61
N LYS A 79 -8.12 -43.89 10.14
CA LYS A 79 -8.93 -45.00 9.65
C LYS A 79 -9.31 -44.78 8.19
N ARG A 80 -9.77 -43.56 7.86
CA ARG A 80 -10.10 -43.26 6.47
C ARG A 80 -8.87 -43.38 5.57
N LEU A 81 -7.71 -42.90 6.03
CA LEU A 81 -6.51 -42.96 5.21
C LEU A 81 -6.16 -44.40 4.88
N GLN A 82 -6.22 -45.27 5.89
CA GLN A 82 -5.93 -46.67 5.67
C GLN A 82 -6.95 -47.28 4.72
N ARG A 83 -8.20 -46.86 4.81
CA ARG A 83 -9.19 -47.35 3.86
C ARG A 83 -8.86 -46.89 2.44
N HIS A 84 -8.44 -45.63 2.28
CA HIS A 84 -8.05 -45.17 0.94
C HIS A 84 -6.87 -45.99 0.41
N TYR A 85 -5.93 -46.35 1.27
CA TYR A 85 -4.75 -47.04 0.79
C TYR A 85 -4.92 -48.54 0.72
N ASN A 86 -5.96 -49.07 1.37
CA ASN A 86 -6.17 -50.51 1.51
C ASN A 86 -5.04 -51.13 2.34
N HIS A 87 -4.81 -50.55 3.52
CA HIS A 87 -3.70 -50.91 4.39
C HIS A 87 -4.25 -51.55 5.66
N SER A 88 -3.81 -52.78 5.96
CA SER A 88 -4.16 -53.36 7.24
C SER A 88 -3.01 -53.13 8.23
N GLY A 89 -3.21 -53.55 9.45
CA GLY A 89 -2.14 -53.45 10.40
C GLY A 89 -1.92 -52.03 10.88
N SER A 90 -0.71 -51.81 11.41
CA SER A 90 -0.40 -50.61 12.16
C SER A 90 0.28 -49.60 11.27
N HIS A 91 -0.19 -48.36 11.30
CA HIS A 91 0.36 -47.29 10.48
C HIS A 91 0.38 -46.02 11.30
N THR A 92 1.15 -45.02 10.85
CA THR A 92 1.28 -43.77 11.59
C THR A 92 0.74 -42.60 10.78
N TYR A 93 0.27 -41.59 11.51
CA TYR A 93 -0.26 -40.36 10.95
C TYR A 93 0.29 -39.22 11.78
N GLN A 94 0.84 -38.17 11.12
CA GLN A 94 1.53 -37.11 11.84
C GLN A 94 1.19 -35.74 11.29
N ARG A 95 1.27 -34.75 12.17
CA ARG A 95 0.94 -33.37 11.85
C ARG A 95 1.94 -32.46 12.52
N MET A 96 2.37 -31.42 11.81
CA MET A 96 3.23 -30.39 12.37
C MET A 96 2.64 -29.05 11.97
N ILE A 97 2.38 -28.19 12.94
CA ILE A 97 1.96 -26.83 12.66
C ILE A 97 2.83 -25.87 13.47
N GLY A 98 3.12 -24.72 12.90
CA GLY A 98 3.87 -23.74 13.65
C GLY A 98 4.23 -22.53 12.83
N CYS A 99 5.03 -21.66 13.46
CA CYS A 99 5.41 -20.39 12.87
C CYS A 99 6.78 -19.99 13.39
N GLU A 100 7.43 -19.07 12.67
CA GLU A 100 8.72 -18.56 13.11
C GLU A 100 8.70 -17.05 13.06
N LEU A 101 9.43 -16.45 13.98
CA LEU A 101 9.63 -15.01 14.05
C LEU A 101 11.14 -14.77 13.96
N LEU A 102 11.63 -14.43 12.77
CA LEU A 102 13.06 -14.23 12.58
C LEU A 102 13.47 -12.83 13.01
N GLU A 103 14.79 -12.62 13.11
CA GLU A 103 15.32 -11.33 13.51
C GLU A 103 14.81 -10.21 12.62
N ASP A 104 14.60 -10.52 11.34
CA ASP A 104 14.29 -9.56 10.28
C ASP A 104 12.99 -8.81 10.52
N GLY A 105 12.16 -9.26 11.46
CA GLY A 105 10.77 -8.88 11.54
C GLY A 105 9.85 -9.76 10.74
N SER A 106 10.36 -10.41 9.69
CA SER A 106 9.53 -11.27 8.84
C SER A 106 9.22 -12.59 9.54
N THR A 107 8.05 -13.15 9.21
CA THR A 107 7.57 -14.35 9.83
C THR A 107 7.41 -15.49 8.82
N THR A 108 7.29 -16.71 9.34
CA THR A 108 6.91 -17.88 8.56
C THR A 108 5.78 -18.61 9.27
N GLY A 109 5.07 -19.45 8.54
CA GLY A 109 4.08 -20.33 9.13
C GLY A 109 3.95 -21.57 8.27
N PHE A 110 3.65 -22.70 8.89
CA PHE A 110 3.62 -23.95 8.13
C PHE A 110 2.63 -24.94 8.74
N LEU A 111 2.19 -25.87 7.91
CA LEU A 111 1.22 -26.86 8.35
C LEU A 111 1.34 -28.05 7.42
N GLN A 112 1.65 -29.23 7.99
CA GLN A 112 2.06 -30.39 7.20
C GLN A 112 1.54 -31.66 7.84
N TYR A 113 1.25 -32.64 7.00
CA TYR A 113 0.82 -33.96 7.41
C TYR A 113 1.72 -34.99 6.77
N ALA A 114 2.03 -36.04 7.54
CA ALA A 114 2.79 -37.20 7.07
C ALA A 114 2.03 -38.48 7.39
N TYR A 115 2.11 -39.44 6.47
CA TYR A 115 1.53 -40.77 6.66
C TYR A 115 2.66 -41.77 6.55
N ASP A 116 2.81 -42.61 7.58
CA ASP A 116 3.96 -43.52 7.68
C ASP A 116 5.28 -42.77 7.69
N GLY A 117 5.28 -41.51 8.17
CA GLY A 117 6.49 -40.75 8.26
C GLY A 117 7.02 -40.17 6.97
N GLN A 118 6.22 -40.16 5.89
CA GLN A 118 6.58 -39.49 4.65
C GLN A 118 5.61 -38.34 4.41
N ASP A 119 6.09 -37.29 3.72
CA ASP A 119 5.25 -36.14 3.40
C ASP A 119 3.94 -36.60 2.77
N PHE A 120 2.84 -35.99 3.21
CA PHE A 120 1.53 -36.35 2.67
C PHE A 120 0.80 -35.13 2.13
N LEU A 121 0.64 -34.08 2.96
CA LEU A 121 -0.05 -32.86 2.56
C LEU A 121 0.67 -31.65 3.16
N ILE A 122 1.01 -30.68 2.31
CA ILE A 122 1.73 -29.47 2.71
C ILE A 122 0.84 -28.27 2.37
N PHE A 123 0.53 -27.48 3.39
CA PHE A 123 -0.32 -26.31 3.23
C PHE A 123 0.53 -25.09 2.89
N ASN A 124 0.08 -24.31 1.90
CA ASN A 124 0.69 -23.03 1.56
C ASN A 124 -0.25 -21.91 2.01
N LYS A 125 0.12 -21.24 3.11
CA LYS A 125 -0.72 -20.16 3.62
C LYS A 125 -0.73 -18.94 2.71
N ASP A 126 0.15 -18.87 1.70
CA ASP A 126 0.18 -17.68 0.85
C ASP A 126 -0.70 -17.83 -0.39
N THR A 127 -0.83 -19.03 -0.92
CA THR A 127 -1.83 -19.30 -1.97
C THR A 127 -3.09 -19.95 -1.42
N LEU A 128 -3.13 -20.25 -0.13
CA LEU A 128 -4.25 -20.96 0.50
C LEU A 128 -4.61 -22.22 -0.29
N SER A 129 -3.63 -23.12 -0.39
CA SER A 129 -3.87 -24.38 -1.06
C SER A 129 -2.94 -25.44 -0.49
N TRP A 130 -3.41 -26.68 -0.53
CA TRP A 130 -2.67 -27.84 -0.10
C TRP A 130 -1.91 -28.50 -1.25
N LEU A 131 -0.69 -28.92 -1.00
CA LEU A 131 0.06 -29.74 -1.94
C LEU A 131 -0.03 -31.21 -1.55
N ALA A 132 -0.40 -32.06 -2.51
CA ALA A 132 -0.65 -33.48 -2.29
C ALA A 132 0.46 -34.30 -2.92
N VAL A 133 1.01 -35.27 -2.16
CA VAL A 133 2.08 -36.07 -2.75
C VAL A 133 1.59 -37.21 -3.65
N ASP A 134 0.32 -37.63 -3.56
CA ASP A 134 -0.16 -38.74 -4.37
C ASP A 134 -1.67 -38.64 -4.48
N ASN A 135 -2.29 -39.69 -5.02
CA ASN A 135 -3.70 -39.59 -5.38
C ASN A 135 -4.64 -39.75 -4.19
N VAL A 136 -4.20 -40.41 -3.12
CA VAL A 136 -4.99 -40.44 -1.89
C VAL A 136 -4.97 -39.07 -1.23
N ALA A 137 -3.79 -38.47 -1.12
CA ALA A 137 -3.69 -37.09 -0.66
C ALA A 137 -4.46 -36.13 -1.57
N HIS A 138 -4.54 -36.42 -2.87
CA HIS A 138 -5.30 -35.53 -3.74
C HIS A 138 -6.79 -35.57 -3.41
N THR A 139 -7.31 -36.71 -2.95
CA THR A 139 -8.69 -36.80 -2.52
C THR A 139 -8.96 -35.92 -1.29
N ILE A 140 -8.10 -36.01 -0.28
CA ILE A 140 -8.24 -35.18 0.93
C ILE A 140 -8.08 -33.70 0.58
N LYS A 141 -7.15 -33.39 -0.32
CA LYS A 141 -6.98 -32.04 -0.84
C LYS A 141 -8.29 -31.45 -1.35
N GLN A 142 -9.06 -32.23 -2.12
CA GLN A 142 -10.31 -31.70 -2.65
C GLN A 142 -11.31 -31.44 -1.54
N ALA A 143 -11.35 -32.31 -0.53
CA ALA A 143 -12.26 -32.09 0.58
C ALA A 143 -11.90 -30.81 1.32
N TRP A 144 -10.62 -30.66 1.68
CA TRP A 144 -10.23 -29.50 2.48
C TRP A 144 -10.30 -28.21 1.69
N GLU A 145 -9.92 -28.24 0.42
CA GLU A 145 -9.94 -27.01 -0.37
C GLU A 145 -11.35 -26.53 -0.70
N ALA A 146 -12.38 -27.37 -0.49
CA ALA A 146 -13.75 -26.96 -0.77
C ALA A 146 -14.36 -26.16 0.36
N ASN A 147 -13.74 -26.16 1.53
CA ASN A 147 -14.17 -25.38 2.68
C ASN A 147 -13.37 -24.09 2.68
N GLN A 148 -13.87 -23.09 1.95
CA GLN A 148 -13.15 -21.85 1.78
C GLN A 148 -12.87 -21.18 3.12
N HIS A 149 -13.88 -21.08 3.97
CA HIS A 149 -13.69 -20.41 5.26
C HIS A 149 -12.61 -21.11 6.07
N GLU A 150 -12.54 -22.43 6.01
CA GLU A 150 -11.54 -23.13 6.82
C GLU A 150 -10.11 -22.78 6.39
N LEU A 151 -9.84 -22.65 5.09
CA LEU A 151 -8.51 -22.20 4.66
C LEU A 151 -8.20 -20.80 5.17
N LEU A 152 -9.18 -19.89 5.11
CA LEU A 152 -8.95 -18.55 5.65
C LEU A 152 -8.63 -18.61 7.13
N TYR A 153 -9.31 -19.48 7.86
CA TYR A 153 -9.03 -19.65 9.27
C TYR A 153 -7.60 -20.12 9.53
N GLN A 154 -7.12 -21.11 8.76
CA GLN A 154 -5.75 -21.58 8.95
C GLN A 154 -4.75 -20.47 8.68
N LYS A 155 -4.92 -19.75 7.57
CA LYS A 155 -4.04 -18.64 7.25
C LYS A 155 -3.98 -17.65 8.41
N ASN A 156 -5.16 -17.25 8.92
CA ASN A 156 -5.20 -16.33 10.06
C ASN A 156 -4.45 -16.90 11.25
N TRP A 157 -4.65 -18.19 11.53
CA TRP A 157 -4.04 -18.77 12.73
C TRP A 157 -2.51 -18.79 12.61
N LEU A 158 -1.98 -19.20 11.46
CA LEU A 158 -0.54 -19.19 11.26
C LEU A 158 0.03 -17.78 11.33
N GLU A 159 -0.68 -16.79 10.79
CA GLU A 159 -0.06 -15.48 10.63
C GLU A 159 -0.22 -14.59 11.86
N GLU A 160 -1.34 -14.69 12.59
CA GLU A 160 -1.59 -13.84 13.74
C GLU A 160 -1.55 -14.61 15.06
N GLU A 161 -2.38 -15.64 15.19
CA GLU A 161 -2.50 -16.34 16.45
C GLU A 161 -1.20 -17.00 16.86
N CYS A 162 -0.58 -17.74 15.94
CA CYS A 162 0.64 -18.48 16.26
C CYS A 162 1.76 -17.54 16.67
N ILE A 163 1.97 -16.46 15.91
CA ILE A 163 2.98 -15.48 16.25
C ILE A 163 2.70 -14.86 17.62
N ALA A 164 1.42 -14.62 17.94
CA ALA A 164 1.11 -14.00 19.23
C ALA A 164 1.31 -14.98 20.39
N TRP A 165 1.03 -16.27 20.17
CA TRP A 165 1.42 -17.26 21.18
C TRP A 165 2.92 -17.24 21.41
N LEU A 166 3.69 -17.25 20.31
CA LEU A 166 5.15 -17.28 20.42
C LEU A 166 5.68 -16.10 21.23
N LYS A 167 5.21 -14.89 20.91
CA LYS A 167 5.63 -13.69 21.66
C LYS A 167 5.26 -13.80 23.13
N ARG A 168 4.13 -14.44 23.43
CA ARG A 168 3.74 -14.63 24.82
C ARG A 168 4.71 -15.56 25.53
N PHE A 169 5.00 -16.71 24.91
CA PHE A 169 5.88 -17.71 25.51
C PHE A 169 7.33 -17.22 25.59
N LEU A 170 7.74 -16.36 24.66
CA LEU A 170 9.09 -15.81 24.75
C LEU A 170 9.27 -14.98 26.00
N GLU A 171 8.25 -14.18 26.34
CA GLU A 171 8.31 -13.40 27.56
C GLU A 171 8.31 -14.30 28.80
N TYR A 172 7.42 -15.30 28.84
CA TYR A 172 7.42 -16.27 29.95
C TYR A 172 8.79 -16.91 30.13
N GLY A 173 9.34 -17.47 29.08
CA GLY A 173 10.60 -18.18 29.20
C GLY A 173 11.84 -17.37 28.84
N LYS A 174 11.76 -16.02 28.88
CA LYS A 174 12.86 -15.23 28.34
C LYS A 174 14.19 -15.55 29.00
N ASP A 175 14.16 -15.86 30.31
CA ASP A 175 15.41 -16.13 31.00
C ASP A 175 16.11 -17.37 30.47
N THR A 176 15.35 -18.33 29.95
CA THR A 176 15.95 -19.49 29.29
C THR A 176 16.20 -19.24 27.80
N LEU A 177 15.21 -18.71 27.09
CA LEU A 177 15.22 -18.67 25.63
C LEU A 177 16.02 -17.52 25.06
N GLN A 178 16.19 -16.44 25.81
CA GLN A 178 16.86 -15.27 25.28
C GLN A 178 18.26 -15.13 25.82
N ARG A 179 18.70 -16.05 26.67
CA ARG A 179 20.03 -15.98 27.24
C ARG A 179 21.09 -16.39 26.21
N THR A 180 22.32 -16.05 26.52
CA THR A 180 23.46 -16.46 25.71
C THR A 180 24.49 -17.07 26.64
N GLU A 181 24.93 -18.28 26.32
CA GLU A 181 26.13 -18.86 26.93
C GLU A 181 27.16 -19.10 25.84
N PRO A 182 28.25 -18.37 25.80
CA PRO A 182 29.19 -18.48 24.67
C PRO A 182 29.88 -19.84 24.67
N PRO A 183 30.44 -20.25 23.54
CA PRO A 183 31.05 -21.57 23.46
C PRO A 183 32.50 -21.54 23.92
N LEU A 184 32.93 -22.69 24.42
CA LEU A 184 34.35 -22.97 24.64
C LEU A 184 34.85 -23.71 23.41
N VAL A 185 35.85 -23.17 22.74
CA VAL A 185 36.35 -23.74 21.50
C VAL A 185 37.82 -24.09 21.65
N ARG A 186 38.19 -25.26 21.15
CA ARG A 186 39.57 -25.71 21.19
C ARG A 186 39.89 -26.33 19.85
N VAL A 187 41.17 -26.39 19.51
CA VAL A 187 41.61 -27.04 18.28
C VAL A 187 42.57 -28.14 18.70
N ASN A 188 42.45 -29.32 18.08
CA ASN A 188 43.28 -30.48 18.39
C ASN A 188 43.92 -30.97 17.11
N ARG A 189 45.26 -31.05 17.11
CA ARG A 189 46.08 -31.55 16.02
C ARG A 189 46.53 -32.97 16.33
N LYS A 190 46.60 -33.80 15.28
CA LYS A 190 47.08 -35.15 15.49
C LYS A 190 47.45 -35.78 14.16
N GLU A 191 48.56 -36.49 14.14
CA GLU A 191 48.92 -37.26 12.96
C GLU A 191 48.18 -38.60 13.05
N THR A 192 47.45 -38.94 11.99
CA THR A 192 46.65 -40.16 12.04
C THR A 192 47.33 -41.30 11.30
N PHE A 193 46.70 -41.78 10.23
CA PHE A 193 47.40 -42.62 9.29
C PHE A 193 48.66 -41.89 8.85
N PRO A 194 49.81 -42.58 8.71
CA PRO A 194 51.08 -41.89 8.43
C PRO A 194 51.02 -40.83 7.34
N GLY A 195 51.41 -39.60 7.66
CA GLY A 195 51.33 -38.52 6.71
C GLY A 195 49.98 -37.84 6.57
N VAL A 196 49.03 -38.08 7.47
CA VAL A 196 47.72 -37.44 7.40
C VAL A 196 47.46 -36.79 8.77
N THR A 197 47.53 -35.47 8.82
CA THR A 197 47.25 -34.73 10.04
C THR A 197 45.79 -34.30 10.01
N ALA A 198 45.03 -34.72 11.02
CA ALA A 198 43.65 -34.27 11.21
C ALA A 198 43.60 -33.14 12.22
N LEU A 199 42.93 -32.05 11.85
CA LEU A 199 42.63 -30.95 12.77
C LEU A 199 41.16 -31.06 13.16
N PHE A 200 40.89 -31.03 14.46
CA PHE A 200 39.53 -30.98 14.98
C PHE A 200 39.33 -29.65 15.68
N CYS A 201 38.23 -28.99 15.36
CA CYS A 201 37.82 -27.78 16.04
C CYS A 201 36.52 -28.09 16.77
N LYS A 202 36.52 -27.97 18.10
CA LYS A 202 35.46 -28.54 18.93
C LYS A 202 34.87 -27.51 19.88
N ALA A 203 33.54 -27.46 19.97
CA ALA A 203 32.87 -26.45 20.77
C ALA A 203 31.88 -27.11 21.70
N HIS A 204 31.79 -26.58 22.92
CA HIS A 204 30.80 -27.04 23.87
C HIS A 204 30.50 -25.90 24.83
N GLY A 205 29.45 -26.10 25.62
CA GLY A 205 29.02 -25.13 26.59
C GLY A 205 28.09 -24.05 26.10
N PHE A 206 27.70 -24.05 24.84
CA PHE A 206 27.03 -22.89 24.28
C PHE A 206 25.51 -23.06 24.21
N TYR A 207 24.82 -21.93 24.14
CA TYR A 207 23.37 -21.86 23.96
C TYR A 207 23.09 -20.47 23.42
N PRO A 208 22.21 -20.30 22.42
CA PRO A 208 21.38 -21.29 21.71
C PRO A 208 22.18 -22.34 20.92
N PRO A 209 21.53 -23.44 20.51
CA PRO A 209 22.26 -24.48 19.76
C PRO A 209 22.80 -24.03 18.41
N GLU A 210 22.16 -23.06 17.76
CA GLU A 210 22.66 -22.58 16.49
C GLU A 210 24.10 -22.06 16.67
N ILE A 211 25.01 -22.55 15.83
CA ILE A 211 26.41 -22.13 15.89
C ILE A 211 27.00 -22.37 14.51
N TYR A 212 27.92 -21.50 14.12
CA TYR A 212 28.56 -21.63 12.82
C TYR A 212 30.05 -21.90 13.03
N MET A 213 30.57 -22.93 12.36
CA MET A 213 31.98 -23.30 12.43
C MET A 213 32.47 -23.71 11.03
N THR A 214 33.66 -23.26 10.67
CA THR A 214 34.23 -23.64 9.39
C THR A 214 35.75 -23.53 9.50
N TRP A 215 36.44 -24.08 8.51
CA TRP A 215 37.90 -24.03 8.45
C TRP A 215 38.32 -23.19 7.25
N MET A 216 39.37 -22.40 7.43
CA MET A 216 39.87 -21.56 6.33
C MET A 216 41.37 -21.71 6.17
N LYS A 217 41.84 -21.66 4.92
CA LYS A 217 43.25 -21.70 4.57
C LYS A 217 43.70 -20.29 4.19
N ASN A 218 44.81 -19.84 4.80
CA ASN A 218 45.40 -18.53 4.56
C ASN A 218 44.42 -17.36 4.59
N GLY A 219 43.23 -17.52 5.15
CA GLY A 219 42.27 -16.43 5.19
C GLY A 219 41.23 -16.41 4.10
N GLU A 220 41.27 -17.35 3.16
CA GLU A 220 40.20 -17.57 2.19
C GLU A 220 39.57 -18.93 2.42
N GLU A 221 38.43 -19.16 1.74
CA GLU A 221 37.64 -20.38 1.95
C GLU A 221 38.50 -21.63 1.83
N ILE A 222 38.06 -22.76 2.40
CA ILE A 222 38.87 -23.98 2.27
C ILE A 222 38.70 -24.55 0.86
N GLN A 224 38.63 -27.71 -0.02
CA GLN A 224 38.73 -29.10 0.39
C GLN A 224 37.48 -29.50 1.17
N GLU A 225 37.51 -30.68 1.78
CA GLU A 225 36.33 -31.34 2.32
C GLU A 225 36.32 -31.22 3.83
N ILE A 226 35.31 -30.52 4.37
CA ILE A 226 35.18 -30.35 5.81
C ILE A 226 34.15 -31.33 6.34
N ASP A 227 34.48 -31.98 7.43
CA ASP A 227 33.59 -32.91 8.11
C ASP A 227 32.95 -32.20 9.29
N TYR A 228 31.62 -32.24 9.36
CA TYR A 228 30.84 -31.49 10.34
C TYR A 228 30.21 -32.43 11.34
N GLY A 229 30.44 -32.16 12.62
CA GLY A 229 29.75 -32.90 13.67
C GLY A 229 28.42 -32.24 14.01
N ASP A 230 27.44 -33.08 14.32
CA ASP A 230 26.12 -32.64 14.72
C ASP A 230 26.19 -31.72 15.93
N ILE A 231 25.25 -30.79 16.01
CA ILE A 231 25.07 -30.04 17.25
C ILE A 231 24.30 -30.94 18.21
N LEU A 232 24.91 -31.25 19.34
CA LEU A 232 24.36 -32.24 20.23
C LEU A 232 24.06 -31.64 21.60
N PRO A 233 22.97 -32.07 22.23
CA PRO A 233 22.66 -31.59 23.58
C PRO A 233 23.58 -32.25 24.59
N SER A 234 24.20 -31.45 25.46
CA SER A 234 25.06 -32.01 26.48
C SER A 234 24.30 -32.50 27.70
N GLY A 235 22.98 -32.30 27.75
CA GLY A 235 22.17 -32.75 28.87
C GLY A 235 22.07 -31.76 30.00
N ASP A 236 22.79 -30.63 29.94
CA ASP A 236 22.76 -29.60 30.97
C ASP A 236 22.15 -28.31 30.47
N GLY A 237 21.44 -28.32 29.34
CA GLY A 237 20.91 -27.11 28.75
C GLY A 237 21.80 -26.45 27.73
N THR A 238 23.05 -26.89 27.58
CA THR A 238 23.98 -26.39 26.58
C THR A 238 24.26 -27.46 25.55
N TYR A 239 24.99 -27.05 24.51
CA TYR A 239 25.16 -27.82 23.29
C TYR A 239 26.66 -27.93 22.94
N GLN A 240 26.98 -28.84 22.04
CA GLN A 240 28.35 -29.07 21.60
C GLN A 240 28.34 -29.47 20.14
N ALA A 241 29.46 -29.22 19.45
CA ALA A 241 29.57 -29.49 18.02
C ALA A 241 31.04 -29.42 17.64
N TRP A 242 31.35 -29.75 16.39
CA TRP A 242 32.73 -29.72 15.93
C TRP A 242 32.79 -29.75 14.41
N ALA A 243 33.97 -29.44 13.88
CA ALA A 243 34.27 -29.50 12.46
C ALA A 243 35.74 -29.90 12.29
N SER A 244 36.03 -30.72 11.28
CA SER A 244 37.37 -31.25 11.14
C SER A 244 37.80 -31.26 9.68
N ILE A 245 39.11 -31.21 9.46
CA ILE A 245 39.73 -31.27 8.14
C ILE A 245 41.02 -32.09 8.28
N GLU A 246 41.60 -32.42 7.14
CA GLU A 246 42.91 -33.04 7.12
C GLU A 246 43.84 -32.19 6.26
N LEU A 247 45.13 -32.17 6.60
CA LEU A 247 46.09 -31.37 5.86
C LEU A 247 47.28 -32.18 5.34
N ASP A 248 48.02 -32.87 6.23
CA ASP A 248 49.20 -33.74 6.06
C ASP A 248 50.48 -33.18 6.68
N PRO A 249 50.88 -31.92 6.38
CA PRO A 249 52.23 -31.56 6.87
C PRO A 249 52.20 -30.85 8.23
N ASN A 253 51.02 -23.77 3.80
CA ASN A 253 49.68 -23.27 4.09
C ASN A 253 49.36 -23.44 5.58
N LEU A 254 48.64 -22.48 6.18
CA LEU A 254 48.29 -22.57 7.60
C LEU A 254 46.81 -22.31 7.82
N TYR A 255 46.23 -23.06 8.73
CA TYR A 255 44.80 -23.17 8.85
C TYR A 255 44.31 -22.45 10.10
N SER A 256 43.03 -22.06 10.07
CA SER A 256 42.39 -21.47 11.23
C SER A 256 40.94 -21.91 11.28
N CYS A 257 40.45 -22.12 12.50
CA CYS A 257 39.06 -22.45 12.75
C CYS A 257 38.29 -21.16 13.01
N HIS A 258 37.13 -21.00 12.35
CA HIS A 258 36.31 -19.81 12.53
C HIS A 258 34.96 -20.21 13.12
N VAL A 259 34.59 -19.57 14.23
CA VAL A 259 33.34 -19.87 14.91
C VAL A 259 32.49 -18.60 15.01
N GLU A 260 31.19 -18.76 14.84
CA GLU A 260 30.24 -17.66 14.92
C GLU A 260 29.11 -18.08 15.85
N HIS A 261 28.84 -17.28 16.88
CA HIS A 261 27.77 -17.60 17.82
C HIS A 261 27.19 -16.30 18.37
N SER A 262 25.86 -16.14 18.25
CA SER A 262 25.14 -15.00 18.81
C SER A 262 25.88 -13.69 18.56
N GLY A 263 26.29 -13.45 17.32
CA GLY A 263 26.88 -12.18 16.98
C GLY A 263 28.30 -11.94 17.47
N VAL A 264 28.98 -12.95 18.01
CA VAL A 264 30.39 -12.85 18.35
C VAL A 264 31.17 -13.80 17.45
N HIS A 265 32.19 -13.29 16.79
CA HIS A 265 32.99 -14.10 15.89
C HIS A 265 34.31 -14.46 16.58
N MET A 266 34.76 -15.70 16.33
CA MET A 266 35.95 -16.25 16.96
C MET A 266 36.85 -16.87 15.89
N VAL A 267 38.17 -16.69 16.05
CA VAL A 267 39.17 -17.31 15.19
C VAL A 267 40.17 -18.05 16.07
N LEU A 268 40.50 -19.29 15.70
CA LEU A 268 41.58 -20.03 16.34
C LEU A 268 42.59 -20.40 15.26
N GLN A 269 43.79 -19.83 15.36
CA GLN A 269 44.85 -20.00 14.35
C GLN A 269 45.70 -21.23 14.65
N VAL A 270 45.80 -22.15 13.68
CA VAL A 270 46.72 -23.27 13.81
C VAL A 270 48.09 -22.98 13.17
N MET B 1 6.53 -50.21 4.93
CA MET B 1 6.48 -48.79 4.59
C MET B 1 7.90 -48.29 4.35
N ILE B 2 8.29 -47.19 4.98
CA ILE B 2 9.68 -46.76 4.99
C ILE B 2 10.08 -46.56 6.45
N GLN B 3 10.88 -47.47 6.96
CA GLN B 3 11.37 -47.42 8.33
C GLN B 3 12.79 -46.89 8.31
N ARG B 4 13.13 -46.08 9.29
CA ARG B 4 14.47 -45.52 9.39
C ARG B 4 15.12 -46.01 10.69
N THR B 5 16.28 -46.55 10.57
CA THR B 5 16.96 -47.10 11.73
C THR B 5 17.63 -45.98 12.51
N PRO B 6 17.77 -46.11 13.83
CA PRO B 6 18.23 -44.97 14.62
C PRO B 6 19.71 -44.71 14.48
N LYS B 7 20.06 -43.42 14.43
CA LYS B 7 21.41 -42.96 14.63
C LYS B 7 21.70 -42.95 16.13
N ILE B 8 22.90 -43.40 16.51
CA ILE B 8 23.26 -43.55 17.91
C ILE B 8 24.61 -42.88 18.11
N GLN B 9 24.66 -41.93 19.03
CA GLN B 9 25.86 -41.13 19.27
C GLN B 9 26.10 -41.05 20.76
N VAL B 10 27.28 -41.44 21.19
CA VAL B 10 27.64 -41.54 22.59
C VAL B 10 28.79 -40.60 22.86
N TYR B 11 28.67 -39.77 23.89
CA TYR B 11 29.60 -38.66 24.09
C TYR B 11 29.39 -38.12 25.49
N SER B 12 30.42 -37.48 26.01
CA SER B 12 30.32 -36.98 27.38
C SER B 12 29.87 -35.53 27.36
N ARG B 13 29.34 -35.09 28.51
CA ARG B 13 28.88 -33.71 28.65
C ARG B 13 30.02 -32.73 28.53
N HIS B 14 31.17 -33.07 29.11
CA HIS B 14 32.38 -32.27 29.09
C HIS B 14 33.53 -33.08 28.53
N PRO B 15 34.58 -32.43 28.02
CA PRO B 15 35.82 -33.14 27.68
C PRO B 15 36.21 -34.09 28.79
N ALA B 16 36.37 -35.36 28.46
CA ALA B 16 36.49 -36.43 29.43
C ALA B 16 37.93 -36.64 29.87
N GLU B 17 38.11 -36.86 31.17
CA GLU B 17 39.41 -37.22 31.69
C GLU B 17 39.23 -38.34 32.71
N ASN B 18 40.13 -39.31 32.69
CA ASN B 18 39.99 -40.48 33.55
C ASN B 18 40.13 -40.06 35.01
N GLY B 19 39.06 -40.24 35.79
CA GLY B 19 39.09 -39.95 37.20
C GLY B 19 38.35 -38.69 37.59
N LYS B 20 37.88 -37.92 36.63
CA LYS B 20 37.08 -36.71 36.90
C LYS B 20 35.63 -37.00 36.55
N SER B 21 34.71 -36.66 37.45
CA SER B 21 33.32 -37.05 37.27
C SER B 21 32.69 -36.21 36.17
N ASN B 22 31.85 -36.85 35.38
CA ASN B 22 31.35 -36.33 34.12
C ASN B 22 29.93 -36.87 33.95
N PHE B 23 29.38 -36.73 32.75
CA PHE B 23 28.10 -37.31 32.37
C PHE B 23 28.24 -37.97 31.02
N LEU B 24 27.60 -39.13 30.85
CA LEU B 24 27.63 -39.85 29.59
C LEU B 24 26.26 -39.76 28.93
N ASN B 25 26.19 -39.14 27.77
CA ASN B 25 24.95 -39.03 27.03
C ASN B 25 24.88 -40.07 25.92
N CYS B 26 23.68 -40.56 25.65
CA CYS B 26 23.42 -41.34 24.44
C CYS B 26 22.26 -40.67 23.72
N TYR B 27 22.54 -40.12 22.53
CA TYR B 27 21.56 -39.42 21.70
C TYR B 27 21.14 -40.34 20.56
N VAL B 28 19.84 -40.66 20.53
CA VAL B 28 19.28 -41.63 19.61
C VAL B 28 18.30 -40.88 18.73
N SER B 29 18.61 -40.75 17.45
CA SER B 29 17.84 -39.85 16.59
C SER B 29 17.57 -40.45 15.22
N GLY B 30 16.77 -39.72 14.46
CA GLY B 30 16.46 -40.04 13.08
C GLY B 30 15.67 -41.30 12.86
N PHE B 31 14.99 -41.84 13.87
CA PHE B 31 14.36 -43.14 13.67
C PHE B 31 12.87 -43.00 13.43
N HIS B 32 12.32 -44.01 12.75
CA HIS B 32 10.90 -44.14 12.51
C HIS B 32 10.59 -45.61 12.25
N PRO B 33 9.57 -46.21 12.87
CA PRO B 33 8.58 -45.58 13.74
C PRO B 33 9.11 -45.39 15.15
N SER B 34 8.24 -45.05 16.10
CA SER B 34 8.64 -44.47 17.37
C SER B 34 8.99 -45.46 18.47
N ASP B 35 8.62 -46.74 18.36
CA ASP B 35 8.93 -47.67 19.43
C ASP B 35 10.43 -47.99 19.50
N ILE B 36 11.03 -47.83 20.68
CA ILE B 36 12.46 -47.97 20.80
C ILE B 36 12.82 -48.32 22.24
N GLU B 37 13.91 -49.07 22.42
CA GLU B 37 14.45 -49.40 23.72
C GLU B 37 15.91 -48.99 23.78
N VAL B 38 16.26 -48.19 24.79
CA VAL B 38 17.62 -47.70 24.98
C VAL B 38 18.05 -48.02 26.41
N ASP B 39 19.27 -48.57 26.57
CA ASP B 39 19.91 -48.74 27.88
C ASP B 39 21.39 -48.35 27.78
N LEU B 40 21.95 -47.89 28.90
CA LEU B 40 23.37 -47.61 28.99
C LEU B 40 24.08 -48.74 29.74
N LEU B 41 25.26 -49.11 29.28
CA LEU B 41 25.96 -50.27 29.79
C LEU B 41 27.32 -49.87 30.36
N LYS B 42 27.64 -50.42 31.52
CA LYS B 42 28.98 -50.33 32.10
C LYS B 42 29.54 -51.76 32.10
N ASN B 43 30.60 -51.98 31.31
CA ASN B 43 31.24 -53.28 31.18
C ASN B 43 30.23 -54.38 30.82
N GLY B 44 29.28 -54.04 29.95
CA GLY B 44 28.32 -55.00 29.45
C GLY B 44 27.01 -55.04 30.20
N GLU B 45 26.91 -54.36 31.34
CA GLU B 45 25.80 -54.48 32.28
C GLU B 45 25.00 -53.19 32.35
N ARG B 46 23.67 -53.32 32.39
CA ARG B 46 22.79 -52.16 32.40
C ARG B 46 23.04 -51.26 33.61
N ILE B 47 23.16 -49.96 33.36
CA ILE B 47 23.19 -48.98 34.43
C ILE B 47 21.74 -48.68 34.83
N GLU B 48 21.43 -48.87 36.11
CA GLU B 48 20.05 -48.70 36.55
C GLU B 48 19.67 -47.23 36.67
N LYS B 49 20.60 -46.39 37.14
CA LYS B 49 20.28 -45.00 37.43
C LYS B 49 20.55 -44.16 36.18
N VAL B 50 19.55 -44.06 35.30
CA VAL B 50 19.72 -43.41 33.99
C VAL B 50 18.54 -42.47 33.72
N GLU B 51 18.84 -41.19 33.54
CA GLU B 51 17.87 -40.19 33.13
C GLU B 51 17.64 -40.28 31.62
N HIS B 52 16.47 -39.80 31.18
CA HIS B 52 16.19 -39.70 29.75
C HIS B 52 15.10 -38.66 29.50
N SER B 53 15.24 -37.95 28.39
CA SER B 53 14.19 -37.05 27.92
C SER B 53 13.00 -37.85 27.39
N ASP B 54 11.87 -37.17 27.27
CA ASP B 54 10.72 -37.74 26.59
C ASP B 54 11.02 -37.90 25.11
N LEU B 55 10.17 -38.66 24.42
CA LEU B 55 10.30 -38.80 22.98
C LEU B 55 10.05 -37.46 22.30
N SER B 56 10.92 -37.09 21.37
CA SER B 56 10.84 -35.79 20.72
C SER B 56 10.62 -35.96 19.22
N PHE B 57 10.16 -34.88 18.59
CA PHE B 57 9.72 -34.88 17.20
C PHE B 57 10.59 -33.97 16.36
N SER B 58 11.01 -34.45 15.20
CA SER B 58 11.75 -33.66 14.24
C SER B 58 10.87 -33.25 13.07
N LYS B 59 11.30 -32.18 12.38
CA LYS B 59 10.56 -31.72 11.20
C LYS B 59 10.50 -32.79 10.09
N ASP B 60 11.49 -33.71 10.02
CA ASP B 60 11.52 -34.74 8.98
C ASP B 60 10.68 -35.97 9.33
N TRP B 61 9.89 -35.91 10.40
CA TRP B 61 8.90 -36.87 10.89
C TRP B 61 9.52 -37.98 11.71
N SER B 62 10.84 -37.99 11.86
CA SER B 62 11.52 -38.96 12.69
C SER B 62 11.51 -38.48 14.15
N PHE B 63 12.11 -39.28 15.02
CA PHE B 63 12.06 -39.02 16.44
C PHE B 63 13.47 -39.07 17.01
N TYR B 64 13.64 -38.49 18.20
CA TYR B 64 14.94 -38.49 18.85
C TYR B 64 14.73 -38.51 20.37
N LEU B 65 15.75 -39.01 21.07
CA LEU B 65 15.71 -39.22 22.51
C LEU B 65 17.12 -38.99 23.04
N LEU B 66 17.21 -38.49 24.28
CA LEU B 66 18.50 -38.39 24.97
C LEU B 66 18.46 -39.20 26.27
N TYR B 67 19.39 -40.16 26.41
CA TYR B 67 19.64 -40.87 27.67
C TYR B 67 21.00 -40.50 28.23
N TYR B 68 21.09 -40.33 29.55
CA TYR B 68 22.36 -40.00 30.15
C TYR B 68 22.43 -40.53 31.58
N THR B 69 23.64 -40.54 32.11
CA THR B 69 23.90 -40.97 33.48
C THR B 69 25.18 -40.29 33.96
N GLU B 70 25.30 -40.17 35.29
CA GLU B 70 26.51 -39.66 35.89
C GLU B 70 27.56 -40.76 35.97
N PHE B 71 28.79 -40.45 35.58
CA PHE B 71 29.83 -41.48 35.52
C PHE B 71 31.21 -40.84 35.66
N THR B 72 32.15 -41.65 36.12
CA THR B 72 33.55 -41.26 36.18
C THR B 72 34.36 -42.18 35.27
N PRO B 73 34.78 -41.71 34.10
CA PRO B 73 35.52 -42.58 33.18
C PRO B 73 36.82 -43.04 33.81
N THR B 74 37.23 -44.26 33.45
CA THR B 74 38.51 -44.82 33.83
C THR B 74 39.10 -45.52 32.61
N GLU B 75 40.38 -45.89 32.71
CA GLU B 75 40.96 -46.74 31.67
C GLU B 75 40.32 -48.11 31.66
N LYS B 76 39.97 -48.64 32.83
CA LYS B 76 39.41 -49.99 32.91
C LYS B 76 37.99 -50.04 32.36
N ASP B 77 37.15 -49.04 32.66
CA ASP B 77 35.72 -49.14 32.40
C ASP B 77 35.38 -48.88 30.94
N GLU B 78 34.48 -49.69 30.40
CA GLU B 78 34.08 -49.64 29.01
C GLU B 78 32.58 -49.37 28.95
N TYR B 79 32.20 -48.21 28.41
CA TYR B 79 30.81 -47.79 28.43
C TYR B 79 30.21 -47.93 27.04
N ALA B 80 28.91 -48.19 26.99
CA ALA B 80 28.23 -48.37 25.72
C ALA B 80 26.78 -47.95 25.82
N CYS B 81 26.13 -47.90 24.65
CA CYS B 81 24.71 -47.63 24.55
C CYS B 81 24.10 -48.73 23.69
N ARG B 82 23.02 -49.32 24.18
CA ARG B 82 22.39 -50.45 23.52
C ARG B 82 20.99 -50.05 23.09
N VAL B 83 20.67 -50.26 21.83
CA VAL B 83 19.44 -49.76 21.25
C VAL B 83 18.77 -50.87 20.47
N ASN B 84 17.46 -50.99 20.64
CA ASN B 84 16.66 -51.95 19.88
C ASN B 84 15.49 -51.22 19.24
N HIS B 85 15.14 -51.66 18.04
CA HIS B 85 14.20 -50.99 17.16
C HIS B 85 13.84 -51.99 16.08
N VAL B 86 12.66 -51.81 15.50
CA VAL B 86 12.14 -52.79 14.56
C VAL B 86 13.05 -52.93 13.35
N THR B 87 13.84 -51.90 13.03
CA THR B 87 14.78 -52.05 11.93
C THR B 87 15.95 -52.95 12.29
N LEU B 88 16.07 -53.36 13.55
CA LEU B 88 17.24 -54.05 14.05
C LEU B 88 16.89 -55.50 14.38
N SER B 89 17.59 -56.42 13.73
CA SER B 89 17.45 -57.84 14.03
C SER B 89 17.71 -58.12 15.49
N GLN B 90 18.84 -57.67 15.99
CA GLN B 90 19.21 -57.81 17.38
C GLN B 90 19.56 -56.43 17.90
N PRO B 91 19.71 -56.27 19.22
CA PRO B 91 20.08 -54.96 19.75
C PRO B 91 21.50 -54.57 19.35
N LYS B 92 21.66 -53.31 19.02
CA LYS B 92 22.95 -52.74 18.64
C LYS B 92 23.59 -52.12 19.87
N ILE B 93 24.79 -52.57 20.20
CA ILE B 93 25.56 -52.03 21.31
C ILE B 93 26.58 -51.09 20.69
N VAL B 94 26.58 -49.84 21.10
CA VAL B 94 27.48 -48.85 20.51
C VAL B 94 28.42 -48.36 21.60
N LYS B 95 29.72 -48.56 21.38
CA LYS B 95 30.71 -48.29 22.40
C LYS B 95 31.15 -46.83 22.36
N TRP B 96 31.15 -46.19 23.53
CA TRP B 96 31.69 -44.83 23.65
C TRP B 96 33.13 -44.78 23.16
N ASP B 97 33.41 -43.83 22.26
CA ASP B 97 34.76 -43.71 21.70
C ASP B 97 35.76 -43.09 22.68
N ARG B 98 35.35 -42.85 23.92
CA ARG B 98 36.22 -42.36 24.99
C ARG B 98 36.68 -40.92 24.74
N ASP B 99 35.85 -40.13 24.05
CA ASP B 99 36.17 -38.73 23.74
C ASP B 99 37.43 -38.65 22.86
N MET B 100 37.66 -39.65 22.03
CA MET B 100 38.81 -39.60 21.12
C MET B 100 38.61 -38.52 20.08
N GLY C 1 -11.78 -13.93 25.66
CA GLY C 1 -12.01 -12.50 25.49
C GLY C 1 -13.03 -11.95 26.47
N GLN C 2 -13.30 -10.64 26.41
CA GLN C 2 -14.11 -10.00 27.43
C GLN C 2 -15.40 -9.40 26.88
N ASN C 3 -15.34 -8.61 25.81
CA ASN C 3 -16.49 -7.80 25.44
C ASN C 3 -16.85 -7.90 23.97
N ILE C 4 -18.14 -8.04 23.71
CA ILE C 4 -18.74 -7.90 22.39
C ILE C 4 -19.84 -6.86 22.54
N ASP C 5 -19.85 -5.88 21.65
CA ASP C 5 -20.77 -4.76 21.72
C ASP C 5 -21.53 -4.64 20.41
N GLN C 6 -22.85 -4.58 20.50
CA GLN C 6 -23.70 -4.40 19.35
C GLN C 6 -24.94 -3.72 19.91
N PRO C 7 -25.56 -2.81 19.16
CA PRO C 7 -26.73 -2.09 19.71
C PRO C 7 -27.87 -3.02 20.10
N THR C 8 -28.58 -2.61 21.15
CA THR C 8 -29.76 -3.34 21.61
C THR C 8 -30.80 -3.50 20.50
N GLU C 9 -31.17 -2.39 19.85
CA GLU C 9 -32.33 -2.35 18.98
C GLU C 9 -32.07 -1.43 17.79
N MET C 10 -32.64 -1.78 16.63
CA MET C 10 -32.51 -0.97 15.43
C MET C 10 -33.79 -1.02 14.61
N THR C 11 -34.22 0.14 14.11
CA THR C 11 -35.42 0.25 13.31
C THR C 11 -35.08 0.90 11.97
N ALA C 12 -35.59 0.31 10.90
CA ALA C 12 -35.36 0.81 9.56
C ALA C 12 -36.62 0.53 8.74
N THR C 13 -36.72 1.20 7.60
CA THR C 13 -37.92 1.17 6.79
C THR C 13 -37.83 0.08 5.73
N GLU C 14 -38.93 -0.60 5.50
CA GLU C 14 -39.01 -1.64 4.50
C GLU C 14 -38.53 -1.11 3.16
N GLY C 15 -37.68 -1.88 2.49
CA GLY C 15 -37.15 -1.49 1.20
C GLY C 15 -35.84 -0.73 1.25
N ALA C 16 -35.34 -0.42 2.44
CA ALA C 16 -34.11 0.33 2.57
C ALA C 16 -32.98 -0.61 3.02
N ILE C 17 -31.97 -0.05 3.67
CA ILE C 17 -30.72 -0.72 4.01
C ILE C 17 -30.50 -0.50 5.49
N VAL C 18 -29.89 -1.49 6.16
CA VAL C 18 -29.46 -1.26 7.54
C VAL C 18 -28.14 -1.99 7.79
N GLN C 19 -27.35 -1.41 8.70
CA GLN C 19 -26.03 -1.91 9.08
C GLN C 19 -26.02 -2.15 10.58
N ILE C 20 -25.86 -3.40 11.00
CA ILE C 20 -25.78 -3.74 12.42
C ILE C 20 -24.31 -3.88 12.77
N ASN C 21 -23.82 -2.99 13.62
CA ASN C 21 -22.42 -2.97 14.00
C ASN C 21 -22.15 -3.98 15.12
N CYS C 22 -20.90 -4.41 15.20
CA CYS C 22 -20.43 -5.28 16.27
C CYS C 22 -18.96 -4.97 16.48
N THR C 23 -18.63 -4.36 17.62
CA THR C 23 -17.24 -4.24 18.05
C THR C 23 -16.89 -5.31 19.07
N TYR C 24 -15.67 -5.84 18.96
CA TYR C 24 -15.21 -6.90 19.82
C TYR C 24 -13.84 -6.54 20.38
N GLN C 25 -13.63 -6.85 21.63
CA GLN C 25 -12.32 -6.73 22.24
C GLN C 25 -12.08 -8.01 23.03
N THR C 26 -11.35 -8.93 22.41
CA THR C 26 -11.16 -10.26 22.96
C THR C 26 -9.67 -10.50 23.08
N SER C 27 -9.33 -11.59 23.74
CA SER C 27 -7.94 -12.01 23.86
C SER C 27 -7.74 -13.08 22.81
N GLY C 28 -7.16 -12.68 21.68
CA GLY C 28 -7.04 -13.53 20.52
C GLY C 28 -8.31 -13.53 19.71
N PHE C 29 -8.16 -13.89 18.44
CA PHE C 29 -9.27 -13.83 17.49
C PHE C 29 -9.20 -15.02 16.54
N ASN C 30 -10.32 -15.73 16.36
CA ASN C 30 -10.32 -16.87 15.45
C ASN C 30 -11.58 -16.89 14.58
N GLY C 31 -12.21 -15.74 14.38
CA GLY C 31 -13.44 -15.68 13.61
C GLY C 31 -14.55 -14.92 14.29
N LEU C 32 -15.39 -14.29 13.46
CA LEU C 32 -16.60 -13.61 13.90
C LEU C 32 -17.79 -14.24 13.18
N PHE C 33 -18.78 -14.64 13.94
CA PHE C 33 -19.99 -15.23 13.40
C PHE C 33 -21.16 -14.27 13.56
N TRP C 34 -22.09 -14.29 12.61
CA TRP C 34 -23.39 -13.63 12.76
C TRP C 34 -24.47 -14.70 12.69
N TYR C 35 -25.40 -14.66 13.63
CA TYR C 35 -26.54 -15.56 13.60
C TYR C 35 -27.82 -14.73 13.53
N GLN C 36 -28.85 -15.30 12.91
CA GLN C 36 -30.18 -14.72 12.91
C GLN C 36 -31.10 -15.57 13.79
N GLN C 37 -31.86 -14.91 14.67
CA GLN C 37 -32.82 -15.61 15.53
C GLN C 37 -34.18 -14.92 15.45
N HIS C 38 -35.17 -15.63 14.90
CA HIS C 38 -36.51 -15.11 14.86
C HIS C 38 -37.16 -15.22 16.22
N ALA C 39 -38.19 -14.42 16.43
CA ALA C 39 -38.85 -14.38 17.73
C ALA C 39 -39.34 -15.76 18.12
N GLY C 40 -38.85 -16.25 19.26
CA GLY C 40 -39.32 -17.54 19.73
C GLY C 40 -38.76 -18.72 18.97
N GLU C 41 -37.60 -18.56 18.32
CA GLU C 41 -37.04 -19.62 17.50
C GLU C 41 -35.55 -19.76 17.82
N ALA C 42 -34.89 -20.73 17.15
CA ALA C 42 -33.47 -20.95 17.37
C ALA C 42 -32.63 -20.01 16.51
N PRO C 43 -31.46 -19.60 16.99
CA PRO C 43 -30.51 -18.92 16.11
C PRO C 43 -30.10 -19.86 14.97
N THR C 44 -29.82 -19.26 13.81
CA THR C 44 -29.32 -20.00 12.66
C THR C 44 -28.16 -19.21 12.06
N PHE C 45 -27.21 -19.94 11.49
CA PHE C 45 -25.95 -19.36 11.06
C PHE C 45 -26.15 -18.49 9.83
N LEU C 46 -25.64 -17.27 9.88
CA LEU C 46 -25.65 -16.38 8.72
C LEU C 46 -24.29 -16.26 8.04
N SER C 47 -23.22 -16.01 8.79
CA SER C 47 -21.98 -15.64 8.12
C SER C 47 -20.80 -15.88 9.05
N TYR C 48 -19.63 -15.97 8.44
CA TYR C 48 -18.38 -16.13 9.15
C TYR C 48 -17.32 -15.28 8.48
N ASN C 49 -16.63 -14.46 9.25
CA ASN C 49 -15.49 -13.73 8.73
C ASN C 49 -14.28 -13.98 9.61
N VAL C 50 -13.10 -14.12 8.99
CA VAL C 50 -11.86 -14.23 9.77
C VAL C 50 -10.75 -13.34 9.23
N LEU C 51 -10.76 -13.06 7.93
CA LEU C 51 -9.85 -12.10 7.32
C LEU C 51 -10.61 -10.87 6.83
N ASP C 52 -9.88 -9.79 6.57
CA ASP C 52 -10.53 -8.50 6.28
C ASP C 52 -11.26 -8.51 4.95
N GLY C 53 -12.45 -7.91 4.94
CA GLY C 53 -13.19 -7.74 3.71
C GLY C 53 -14.68 -7.90 3.95
N LEU C 54 -15.39 -8.12 2.85
CA LEU C 54 -16.85 -8.11 2.83
C LEU C 54 -17.31 -9.33 2.06
N GLU C 55 -18.01 -10.25 2.74
CA GLU C 55 -18.58 -11.43 2.10
C GLU C 55 -20.06 -11.18 1.86
N GLU C 56 -20.52 -11.48 0.66
CA GLU C 56 -21.89 -11.19 0.26
C GLU C 56 -22.59 -12.49 -0.07
N LYS C 57 -23.71 -12.75 0.62
CA LYS C 57 -24.55 -13.93 0.40
C LYS C 57 -25.96 -13.43 0.16
N GLY C 58 -26.30 -13.15 -1.11
CA GLY C 58 -27.65 -12.69 -1.42
C GLY C 58 -27.82 -11.21 -1.06
N ARG C 59 -28.93 -10.88 -0.40
CA ARG C 59 -29.18 -9.54 0.12
C ARG C 59 -28.41 -9.24 1.40
N PHE C 60 -27.62 -10.19 1.91
CA PHE C 60 -26.88 -10.01 3.14
C PHE C 60 -25.39 -9.91 2.85
N SER C 61 -24.70 -9.15 3.69
CA SER C 61 -23.27 -8.96 3.56
C SER C 61 -22.70 -8.81 4.95
N SER C 62 -21.51 -9.34 5.14
CA SER C 62 -20.86 -9.23 6.42
C SER C 62 -19.41 -8.80 6.21
N PHE C 63 -18.98 -7.86 7.03
CA PHE C 63 -17.73 -7.14 6.87
C PHE C 63 -16.89 -7.36 8.11
N LEU C 64 -15.58 -7.32 7.95
CA LEU C 64 -14.69 -7.43 9.11
C LEU C 64 -13.44 -6.60 8.87
N SER C 65 -13.12 -5.75 9.83
CA SER C 65 -11.79 -5.15 9.96
C SER C 65 -11.13 -5.73 11.22
N ARG C 66 -10.05 -6.49 11.04
CA ARG C 66 -9.42 -7.09 12.21
C ARG C 66 -8.59 -6.09 13.00
N SER C 67 -8.17 -5.00 12.37
CA SER C 67 -7.35 -4.04 13.09
C SER C 67 -8.18 -3.06 13.90
N LYS C 68 -9.39 -2.74 13.44
CA LYS C 68 -10.31 -1.93 14.24
C LYS C 68 -11.20 -2.78 15.12
N GLY C 69 -11.02 -4.10 15.15
CA GLY C 69 -11.87 -5.00 15.93
C GLY C 69 -13.34 -4.75 15.71
N TYR C 70 -13.82 -5.00 14.49
CA TYR C 70 -15.04 -4.38 14.04
C TYR C 70 -15.67 -5.21 12.92
N SER C 71 -16.96 -5.44 13.03
CA SER C 71 -17.72 -6.11 11.98
C SER C 71 -19.08 -5.44 11.85
N TYR C 72 -19.68 -5.55 10.67
CA TYR C 72 -21.08 -5.19 10.53
C TYR C 72 -21.78 -6.24 9.68
N LEU C 73 -23.06 -6.47 9.98
CA LEU C 73 -23.96 -7.19 9.10
C LEU C 73 -24.77 -6.16 8.31
N LEU C 74 -24.68 -6.23 6.99
CA LEU C 74 -25.42 -5.33 6.09
C LEU C 74 -26.60 -6.05 5.47
N LEU C 75 -27.79 -5.44 5.55
CA LEU C 75 -29.02 -5.97 4.96
C LEU C 75 -29.56 -4.98 3.94
N LYS C 76 -29.69 -5.42 2.70
CA LYS C 76 -30.20 -4.62 1.59
C LYS C 76 -31.62 -5.02 1.22
N GLU C 77 -32.38 -4.06 0.70
CA GLU C 77 -33.80 -4.23 0.34
C GLU C 77 -34.59 -4.92 1.46
N LEU C 78 -34.63 -4.24 2.61
CA LEU C 78 -35.27 -4.80 3.78
C LEU C 78 -36.68 -5.24 3.47
N GLN C 79 -37.08 -6.39 4.04
CA GLN C 79 -38.43 -6.91 4.00
C GLN C 79 -38.93 -7.13 5.42
N MET C 80 -40.26 -7.25 5.58
CA MET C 80 -40.81 -7.48 6.91
C MET C 80 -40.21 -8.74 7.53
N LYS C 81 -40.27 -9.85 6.80
CA LYS C 81 -39.45 -11.04 6.99
C LYS C 81 -38.14 -10.85 7.76
N ASP C 82 -37.48 -9.70 7.56
CA ASP C 82 -36.17 -9.49 8.15
C ASP C 82 -36.23 -9.11 9.62
N SER C 83 -37.42 -8.83 10.16
CA SER C 83 -37.53 -8.61 11.60
C SER C 83 -37.11 -9.86 12.36
N ALA C 84 -36.14 -9.68 13.25
CA ALA C 84 -35.57 -10.76 14.05
C ALA C 84 -34.46 -10.17 14.91
N SER C 85 -33.86 -10.97 15.78
CA SER C 85 -32.63 -10.58 16.46
C SER C 85 -31.41 -11.10 15.70
N TYR C 86 -30.32 -10.34 15.78
CA TYR C 86 -29.10 -10.67 15.08
C TYR C 86 -27.98 -10.79 16.11
N LEU C 87 -27.36 -11.96 16.17
CA LEU C 87 -26.39 -12.31 17.20
C LEU C 87 -24.99 -12.22 16.62
N CYS C 88 -24.14 -11.45 17.29
CA CYS C 88 -22.74 -11.34 16.98
C CYS C 88 -21.92 -12.20 17.96
N ALA C 89 -20.97 -12.98 17.43
CA ALA C 89 -20.20 -13.89 18.29
C ALA C 89 -18.78 -14.05 17.79
N VAL C 90 -17.80 -13.98 18.69
CA VAL C 90 -16.39 -14.05 18.31
C VAL C 90 -15.73 -15.24 18.99
N LYS C 91 -14.99 -16.02 18.21
CA LYS C 91 -14.13 -17.05 18.78
C LYS C 91 -12.82 -16.46 19.28
N ASP C 92 -12.44 -16.77 20.51
CA ASP C 92 -11.22 -16.20 21.08
C ASP C 92 -10.03 -17.15 20.88
N SER C 93 -8.89 -16.81 21.47
CA SER C 93 -7.65 -17.55 21.21
C SER C 93 -7.74 -19.00 21.69
N ASN C 94 -8.70 -19.33 22.55
CA ASN C 94 -8.90 -20.68 23.01
C ASN C 94 -10.16 -21.31 22.40
N TYR C 95 -10.66 -20.71 21.32
CA TYR C 95 -11.77 -21.20 20.52
C TYR C 95 -13.09 -21.15 21.26
N GLN C 96 -13.17 -20.33 22.30
CA GLN C 96 -14.43 -20.13 22.98
C GLN C 96 -15.22 -19.04 22.27
N LEU C 97 -16.54 -19.18 22.30
CA LEU C 97 -17.43 -18.23 21.67
C LEU C 97 -17.87 -17.22 22.71
N ILE C 98 -17.59 -15.94 22.46
CA ILE C 98 -18.12 -14.88 23.28
C ILE C 98 -19.28 -14.25 22.50
N TRP C 99 -20.46 -14.24 23.09
CA TRP C 99 -21.67 -13.84 22.41
C TRP C 99 -22.04 -12.42 22.81
N GLY C 100 -22.31 -11.56 21.82
CA GLY C 100 -23.00 -10.32 22.09
C GLY C 100 -24.46 -10.55 22.47
N ALA C 101 -25.05 -9.55 23.14
CA ALA C 101 -26.42 -9.66 23.63
C ALA C 101 -27.46 -9.56 22.53
N GLY C 102 -27.06 -9.38 21.29
CA GLY C 102 -28.04 -9.39 20.21
C GLY C 102 -28.59 -8.02 19.87
N THR C 103 -29.00 -7.88 18.62
CA THR C 103 -29.63 -6.65 18.13
C THR C 103 -30.99 -7.01 17.55
N LYS C 104 -32.04 -6.47 18.16
CA LYS C 104 -33.39 -6.61 17.60
C LYS C 104 -33.59 -5.59 16.47
N LEU C 105 -33.85 -6.09 15.26
CA LEU C 105 -34.13 -5.27 14.07
C LEU C 105 -35.63 -5.23 13.81
N ILE C 106 -36.18 -4.01 13.72
CA ILE C 106 -37.60 -3.79 13.48
C ILE C 106 -37.73 -3.13 12.11
N ILE C 107 -38.60 -3.68 11.27
CA ILE C 107 -38.88 -3.16 9.96
C ILE C 107 -40.21 -2.42 10.02
N LYS C 108 -40.17 -1.13 9.72
CA LYS C 108 -41.38 -0.34 9.57
C LYS C 108 -41.92 -0.46 8.15
N PRO C 109 -43.19 -0.83 7.96
CA PRO C 109 -43.75 -0.78 6.61
C PRO C 109 -43.80 0.66 6.12
N ASP C 110 -43.86 0.80 4.80
CA ASP C 110 -44.08 2.11 4.17
C ASP C 110 -45.55 2.24 3.86
N ILE C 111 -46.29 2.92 4.74
CA ILE C 111 -47.75 2.93 4.60
C ILE C 111 -48.12 3.82 3.41
N GLN C 112 -48.84 3.24 2.45
CA GLN C 112 -49.13 3.90 1.19
C GLN C 112 -50.21 4.96 1.34
N ASN C 113 -51.39 4.57 1.80
CA ASN C 113 -52.47 5.53 2.05
C ASN C 113 -52.95 5.30 3.47
N PRO C 114 -52.44 6.07 4.44
CA PRO C 114 -52.92 5.92 5.82
C PRO C 114 -54.41 6.23 5.91
N ASP C 115 -55.10 5.48 6.78
CA ASP C 115 -56.54 5.64 6.98
C ASP C 115 -56.87 5.47 8.46
N PRO C 116 -56.26 6.26 9.34
CA PRO C 116 -56.35 5.99 10.78
C PRO C 116 -57.79 6.02 11.28
N ALA C 117 -58.17 4.98 12.03
CA ALA C 117 -59.54 4.83 12.51
C ALA C 117 -59.52 3.93 13.76
N VAL C 118 -60.58 4.05 14.55
CA VAL C 118 -60.79 3.20 15.72
C VAL C 118 -62.15 2.54 15.57
N TYR C 119 -62.16 1.22 15.53
CA TYR C 119 -63.38 0.44 15.35
C TYR C 119 -63.72 -0.32 16.62
N GLN C 120 -64.98 -0.73 16.72
CA GLN C 120 -65.45 -1.56 17.82
C GLN C 120 -65.91 -2.90 17.29
N LEU C 121 -65.57 -3.97 18.00
CA LEU C 121 -65.84 -5.33 17.57
C LEU C 121 -66.63 -6.06 18.65
N ARG C 122 -67.69 -6.75 18.25
CA ARG C 122 -68.53 -7.50 19.19
C ARG C 122 -68.04 -8.94 19.32
N ASP C 123 -68.22 -9.50 20.51
CA ASP C 123 -67.90 -10.91 20.75
C ASP C 123 -68.83 -11.80 19.94
N SER C 124 -68.31 -12.94 19.46
CA SER C 124 -69.18 -13.99 18.93
C SER C 124 -69.78 -14.85 20.04
N LYS C 125 -70.10 -14.26 21.19
CA LYS C 125 -70.85 -14.93 22.25
C LYS C 125 -71.51 -13.92 23.17
N LYS C 129 -68.59 -8.86 26.22
CA LYS C 129 -67.23 -8.34 26.12
C LYS C 129 -67.06 -7.52 24.82
N SER C 130 -66.24 -6.47 24.86
CA SER C 130 -66.06 -5.57 23.73
C SER C 130 -64.57 -5.23 23.56
N VAL C 131 -64.16 -5.07 22.29
CA VAL C 131 -62.79 -4.77 21.90
C VAL C 131 -62.75 -3.58 20.95
N CYS C 132 -61.85 -2.64 21.20
CA CYS C 132 -61.58 -1.52 20.30
C CYS C 132 -60.30 -1.78 19.52
N LEU C 133 -60.30 -1.40 18.25
CA LEU C 133 -59.19 -1.63 17.33
C LEU C 133 -58.75 -0.32 16.69
N PHE C 134 -57.60 0.18 17.11
CA PHE C 134 -56.91 1.24 16.38
C PHE C 134 -56.16 0.62 15.20
N THR C 135 -56.34 1.17 14.01
CA THR C 135 -55.78 0.50 12.83
C THR C 135 -55.54 1.50 11.70
N ASP C 136 -54.68 1.10 10.76
CA ASP C 136 -54.41 1.84 9.52
C ASP C 136 -53.79 3.22 9.76
N PHE C 137 -52.92 3.34 10.74
CA PHE C 137 -52.20 4.58 10.96
C PHE C 137 -50.78 4.48 10.41
N ASP C 138 -50.19 5.65 10.16
CA ASP C 138 -48.83 5.73 9.60
C ASP C 138 -47.82 5.16 10.59
N SER C 139 -46.66 4.79 10.07
CA SER C 139 -45.65 4.16 10.90
C SER C 139 -44.94 5.14 11.82
N GLN C 140 -45.32 6.42 11.78
CA GLN C 140 -44.82 7.41 12.72
C GLN C 140 -45.65 7.49 14.00
N THR C 141 -46.86 6.94 14.01
CA THR C 141 -47.71 6.98 15.20
C THR C 141 -47.25 5.93 16.22
N ASN C 142 -47.12 6.35 17.47
CA ASN C 142 -46.68 5.50 18.57
C ASN C 142 -47.77 5.44 19.63
N VAL C 143 -48.20 4.22 20.00
CA VAL C 143 -49.28 4.01 20.95
C VAL C 143 -48.69 3.81 22.33
N SER C 144 -49.44 4.20 23.36
CA SER C 144 -48.99 4.08 24.74
C SER C 144 -49.95 3.21 25.54
N GLN C 145 -49.43 2.55 26.58
CA GLN C 145 -50.19 1.56 27.34
C GLN C 145 -51.23 2.25 28.22
N SER C 146 -51.92 1.47 29.04
CA SER C 146 -53.07 1.97 29.79
C SER C 146 -52.66 2.56 31.13
N LYS C 147 -53.59 3.27 31.75
CA LYS C 147 -53.42 3.88 33.05
C LYS C 147 -54.34 3.30 34.12
N ASP C 148 -55.53 2.83 33.76
CA ASP C 148 -56.48 2.33 34.75
C ASP C 148 -56.18 0.92 35.21
N SER C 149 -55.34 0.17 34.48
CA SER C 149 -54.96 -1.21 34.82
C SER C 149 -56.18 -2.15 34.83
N ASP C 150 -57.39 -1.59 34.79
CA ASP C 150 -58.61 -2.31 34.44
C ASP C 150 -58.95 -2.18 32.95
N VAL C 151 -58.19 -1.36 32.21
CA VAL C 151 -58.14 -1.39 30.75
C VAL C 151 -56.78 -1.94 30.32
N TYR C 152 -56.77 -2.69 29.23
CA TYR C 152 -55.56 -3.32 28.70
C TYR C 152 -55.38 -2.89 27.25
N ILE C 153 -54.17 -2.44 26.90
CA ILE C 153 -53.92 -1.93 25.55
C ILE C 153 -52.60 -2.51 25.04
N THR C 154 -52.65 -3.14 23.86
CA THR C 154 -51.49 -3.80 23.28
C THR C 154 -50.60 -2.80 22.56
N ASP C 155 -49.46 -3.27 22.12
CA ASP C 155 -48.56 -2.43 21.34
C ASP C 155 -48.91 -2.51 19.86
N LYS C 156 -48.30 -1.60 19.08
CA LYS C 156 -48.40 -1.66 17.63
C LYS C 156 -48.07 -3.06 17.12
N CYS C 157 -48.79 -3.51 16.11
CA CYS C 157 -48.41 -4.74 15.43
C CYS C 157 -48.72 -4.63 13.94
N VAL C 158 -47.76 -5.04 13.10
CA VAL C 158 -47.84 -4.93 11.64
C VAL C 158 -48.27 -6.26 11.04
N LEU C 159 -49.30 -6.23 10.19
CA LEU C 159 -49.74 -7.40 9.45
C LEU C 159 -49.59 -7.16 7.95
N ASP C 160 -49.43 -8.26 7.20
CA ASP C 160 -49.09 -8.23 5.78
C ASP C 160 -50.07 -9.14 5.04
N MET C 161 -51.04 -8.54 4.33
CA MET C 161 -51.90 -9.29 3.42
C MET C 161 -51.18 -9.47 2.09
N ARG C 162 -50.53 -10.63 1.93
CA ARG C 162 -49.54 -10.77 0.87
C ARG C 162 -50.17 -10.72 -0.51
N SER C 163 -51.39 -11.24 -0.67
CA SER C 163 -52.02 -11.23 -1.99
C SER C 163 -52.23 -9.81 -2.51
N MET C 164 -52.28 -8.83 -1.60
CA MET C 164 -52.65 -7.45 -1.94
C MET C 164 -51.52 -6.47 -1.71
N ASP C 165 -50.32 -6.93 -1.31
CA ASP C 165 -49.19 -6.05 -1.02
C ASP C 165 -49.55 -5.00 0.03
N PHE C 166 -50.47 -5.34 0.93
CA PHE C 166 -51.05 -4.39 1.86
C PHE C 166 -50.53 -4.64 3.27
N LYS C 167 -49.65 -3.76 3.74
CA LYS C 167 -49.28 -3.68 5.14
C LYS C 167 -50.21 -2.73 5.88
N SER C 168 -50.45 -3.04 7.15
CA SER C 168 -51.21 -2.15 8.01
C SER C 168 -50.78 -2.34 9.45
N ASN C 169 -50.80 -1.26 10.21
CA ASN C 169 -50.58 -1.30 11.66
C ASN C 169 -51.91 -1.48 12.39
N SER C 170 -51.81 -1.84 13.67
N SER C 170 -51.80 -1.88 13.66
CA SER C 170 -52.98 -2.11 14.49
CA SER C 170 -52.98 -2.02 14.50
C SER C 170 -52.56 -2.20 15.95
C SER C 170 -52.53 -2.12 15.95
N ALA C 171 -53.43 -1.70 16.83
CA ALA C 171 -53.29 -1.89 18.27
C ALA C 171 -54.68 -2.20 18.82
N VAL C 172 -54.73 -2.92 19.94
CA VAL C 172 -56.00 -3.42 20.46
C VAL C 172 -56.15 -2.94 21.90
N ALA C 173 -57.40 -2.70 22.31
CA ALA C 173 -57.70 -2.25 23.66
C ALA C 173 -59.01 -2.87 24.13
N TRP C 174 -59.14 -3.12 25.43
CA TRP C 174 -60.38 -3.70 25.94
C TRP C 174 -60.48 -3.52 27.45
N SER C 175 -61.70 -3.73 27.98
CA SER C 175 -61.97 -3.70 29.41
C SER C 175 -63.34 -4.32 29.70
N ASN C 176 -63.72 -4.28 30.99
CA ASN C 176 -65.00 -4.80 31.48
C ASN C 176 -65.76 -3.80 32.37
N ASP C 179 -68.59 1.41 31.65
CA ASP C 179 -67.72 2.49 32.10
C ASP C 179 -66.51 2.74 31.16
N PHE C 180 -66.51 2.07 30.00
CA PHE C 180 -65.38 2.10 29.07
C PHE C 180 -65.89 2.18 27.63
N ALA C 181 -65.21 2.97 26.80
CA ALA C 181 -65.69 3.23 25.45
C ALA C 181 -64.51 3.50 24.52
N CYS C 182 -64.73 3.24 23.23
CA CYS C 182 -63.70 3.43 22.21
C CYS C 182 -63.39 4.89 21.96
N ALA C 183 -64.26 5.81 22.39
CA ALA C 183 -63.94 7.23 22.30
C ALA C 183 -62.78 7.59 23.22
N ASN C 184 -62.74 6.98 24.39
CA ASN C 184 -61.71 7.27 25.38
C ASN C 184 -60.51 6.34 25.29
N ALA C 185 -60.59 5.29 24.46
CA ALA C 185 -59.69 4.14 24.62
C ALA C 185 -58.22 4.52 24.49
N PHE C 186 -57.84 5.12 23.35
CA PHE C 186 -56.45 5.46 23.07
C PHE C 186 -56.13 6.91 23.43
N ASN C 187 -56.88 7.48 24.38
CA ASN C 187 -56.66 8.87 24.76
C ASN C 187 -55.24 9.09 25.26
N ASN C 188 -54.69 8.13 26.00
CA ASN C 188 -53.34 8.25 26.56
C ASN C 188 -52.24 8.22 25.50
N SER C 189 -52.54 7.76 24.28
CA SER C 189 -51.63 7.90 23.16
C SER C 189 -52.08 9.08 22.29
N ILE C 190 -51.17 9.57 21.46
CA ILE C 190 -51.39 10.76 20.64
C ILE C 190 -51.79 10.30 19.24
N ILE C 191 -53.09 10.32 18.95
CA ILE C 191 -53.63 9.75 17.71
C ILE C 191 -53.68 10.83 16.64
N PRO C 192 -53.73 10.47 15.35
CA PRO C 192 -53.78 11.49 14.30
C PRO C 192 -55.03 12.36 14.39
N GLU C 193 -54.90 13.61 13.91
CA GLU C 193 -55.98 14.59 14.05
C GLU C 193 -57.16 14.28 13.13
N ASP C 194 -56.97 13.50 12.08
CA ASP C 194 -58.04 13.07 11.19
C ASP C 194 -58.32 11.57 11.33
N THR C 195 -58.29 11.07 12.57
CA THR C 195 -58.67 9.69 12.83
C THR C 195 -60.19 9.55 12.76
N PHE C 196 -60.65 8.39 12.28
CA PHE C 196 -62.07 8.12 12.04
C PHE C 196 -62.67 7.41 13.26
N PHE C 197 -63.71 8.03 13.85
CA PHE C 197 -64.46 7.49 14.98
C PHE C 197 -65.92 7.33 14.58
N PRO C 198 -66.32 6.17 14.07
CA PRO C 198 -67.70 6.01 13.60
C PRO C 198 -68.71 5.85 14.74
N SER C 199 -69.98 6.10 14.40
CA SER C 199 -71.09 6.00 15.35
C SER C 199 -71.35 4.55 15.76
N GLY D 3 -32.13 -30.93 12.34
CA GLY D 3 -30.79 -31.42 12.63
C GLY D 3 -30.59 -31.82 14.08
N VAL D 4 -30.94 -30.91 15.00
CA VAL D 4 -30.81 -31.09 16.43
C VAL D 4 -32.21 -31.18 17.01
N THR D 5 -32.51 -32.24 17.75
CA THR D 5 -33.82 -32.40 18.37
C THR D 5 -33.66 -32.29 19.88
N GLN D 6 -34.56 -31.54 20.49
CA GLN D 6 -34.46 -31.09 21.87
C GLN D 6 -35.84 -31.26 22.48
N THR D 7 -35.93 -31.80 23.69
CA THR D 7 -37.21 -31.93 24.37
C THR D 7 -37.03 -31.63 25.85
N PRO D 8 -38.09 -31.13 26.53
CA PRO D 8 -39.38 -30.73 25.98
C PRO D 8 -39.35 -29.28 25.50
N LYS D 9 -40.33 -28.84 24.71
CA LYS D 9 -40.36 -27.45 24.28
C LYS D 9 -40.68 -26.51 25.45
N PHE D 10 -41.60 -26.92 26.33
CA PHE D 10 -42.04 -26.13 27.48
C PHE D 10 -42.12 -27.02 28.71
N GLN D 11 -41.78 -26.45 29.87
CA GLN D 11 -41.89 -27.19 31.13
C GLN D 11 -42.17 -26.26 32.30
N VAL D 12 -43.20 -26.60 33.08
CA VAL D 12 -43.45 -25.96 34.38
C VAL D 12 -42.83 -26.84 35.44
N LEU D 13 -42.09 -26.25 36.37
CA LEU D 13 -41.51 -26.99 37.49
C LEU D 13 -41.78 -26.29 38.81
N LYS D 14 -41.98 -27.10 39.84
CA LYS D 14 -42.00 -26.60 41.21
C LYS D 14 -40.57 -26.47 41.71
N THR D 15 -40.36 -25.55 42.66
CA THR D 15 -39.03 -25.37 43.23
C THR D 15 -38.60 -26.66 43.92
N GLY D 16 -37.36 -27.08 43.67
CA GLY D 16 -36.85 -28.31 44.23
C GLY D 16 -37.10 -29.55 43.41
N GLN D 17 -37.94 -29.48 42.38
CA GLN D 17 -38.11 -30.61 41.47
C GLN D 17 -36.89 -30.74 40.59
N SER D 18 -36.64 -31.95 40.14
CA SER D 18 -35.57 -32.22 39.19
C SER D 18 -36.16 -32.41 37.80
N MET D 19 -35.27 -32.44 36.81
CA MET D 19 -35.70 -32.66 35.44
C MET D 19 -34.48 -32.81 34.55
N THR D 20 -34.70 -33.49 33.42
CA THR D 20 -33.67 -33.74 32.44
C THR D 20 -34.18 -33.24 31.09
N LEU D 21 -33.39 -32.42 30.43
CA LEU D 21 -33.64 -32.04 29.04
C LEU D 21 -32.84 -32.97 28.13
N GLN D 22 -33.49 -33.48 27.11
CA GLN D 22 -32.82 -34.34 26.15
C GLN D 22 -32.50 -33.59 24.86
N CYS D 23 -31.40 -34.01 24.22
CA CYS D 23 -30.98 -33.45 22.96
C CYS D 23 -30.28 -34.50 22.13
N ALA D 24 -30.71 -34.64 20.88
CA ALA D 24 -30.17 -35.64 19.97
C ALA D 24 -29.88 -34.98 18.63
N GLN D 25 -28.72 -35.30 18.05
CA GLN D 25 -28.33 -34.84 16.72
C GLN D 25 -27.84 -36.05 15.95
N ASP D 26 -28.28 -36.18 14.70
CA ASP D 26 -27.85 -37.30 13.88
C ASP D 26 -26.99 -36.84 12.72
N MET D 27 -26.19 -35.81 12.93
CA MET D 27 -25.35 -35.23 11.91
C MET D 27 -23.91 -35.70 12.00
N ASN D 28 -23.67 -36.74 12.78
CA ASN D 28 -22.31 -37.22 13.05
C ASN D 28 -21.44 -36.12 13.62
N HIS D 29 -22.05 -35.20 14.35
CA HIS D 29 -21.28 -34.15 14.99
C HIS D 29 -20.59 -34.67 16.24
N ASN D 30 -19.41 -34.10 16.53
CA ASN D 30 -18.62 -34.54 17.67
C ASN D 30 -18.87 -33.73 18.93
N SER D 31 -19.32 -32.48 18.79
CA SER D 31 -19.34 -31.51 19.87
C SER D 31 -20.76 -31.10 20.16
N MET D 32 -21.13 -31.08 21.44
CA MET D 32 -22.45 -30.55 21.77
C MET D 32 -22.37 -29.61 22.97
N TYR D 33 -23.39 -28.76 23.07
CA TYR D 33 -23.39 -27.60 23.95
C TYR D 33 -24.78 -27.43 24.58
N TRP D 34 -24.80 -26.95 25.82
CA TRP D 34 -26.04 -26.50 26.43
C TRP D 34 -25.89 -25.05 26.82
N TYR D 35 -26.77 -24.22 26.28
CA TYR D 35 -26.78 -22.78 26.49
C TYR D 35 -28.06 -22.41 27.21
N ARG D 36 -28.01 -21.30 27.94
CA ARG D 36 -29.24 -20.66 28.38
C ARG D 36 -29.28 -19.24 27.85
N GLN D 37 -30.46 -18.82 27.40
CA GLN D 37 -30.66 -17.49 26.87
C GLN D 37 -31.58 -16.73 27.79
N ASP D 38 -31.13 -15.57 28.24
CA ASP D 38 -31.90 -14.75 29.15
C ASP D 38 -31.97 -13.33 28.61
N PRO D 39 -33.08 -12.64 28.86
CA PRO D 39 -33.28 -11.31 28.27
C PRO D 39 -32.15 -10.35 28.59
N GLY D 40 -31.69 -9.63 27.56
CA GLY D 40 -30.71 -8.59 27.73
C GLY D 40 -29.26 -9.02 27.86
N MET D 41 -28.91 -10.25 27.47
CA MET D 41 -27.55 -10.70 27.59
C MET D 41 -27.26 -11.79 26.57
N GLY D 42 -25.98 -11.96 26.27
CA GLY D 42 -25.59 -13.02 25.36
C GLY D 42 -25.83 -14.39 25.94
N LEU D 43 -25.92 -15.36 25.03
CA LEU D 43 -25.95 -16.77 25.38
C LEU D 43 -24.89 -17.09 26.43
N ARG D 44 -25.24 -17.95 27.37
CA ARG D 44 -24.29 -18.39 28.36
C ARG D 44 -24.18 -19.89 28.29
N LEU D 45 -22.95 -20.38 28.16
CA LEU D 45 -22.72 -21.79 27.99
C LEU D 45 -22.70 -22.43 29.37
N ILE D 46 -23.56 -23.42 29.57
CA ILE D 46 -23.64 -24.14 30.83
C ILE D 46 -22.59 -25.23 30.87
N TYR D 47 -22.73 -26.24 30.00
CA TYR D 47 -21.82 -27.37 29.89
C TYR D 47 -21.56 -27.67 28.42
N TYR D 48 -20.48 -28.38 28.12
CA TYR D 48 -20.24 -28.79 26.74
C TYR D 48 -19.51 -30.11 26.70
N SER D 49 -19.49 -30.70 25.52
CA SER D 49 -18.85 -31.99 25.31
C SER D 49 -18.08 -31.92 24.01
N ALA D 50 -16.76 -31.76 24.11
CA ALA D 50 -15.95 -31.51 22.92
C ALA D 50 -15.93 -32.71 21.99
N SER D 51 -16.22 -33.90 22.52
CA SER D 51 -16.32 -35.12 21.74
C SER D 51 -16.83 -36.19 22.68
N GLU D 52 -17.29 -37.29 22.10
CA GLU D 52 -17.83 -38.39 22.90
C GLU D 52 -16.80 -38.84 23.95
N GLY D 53 -17.27 -39.07 25.16
CA GLY D 53 -16.36 -39.48 26.22
C GLY D 53 -15.72 -38.34 27.00
N THR D 54 -16.15 -37.09 26.79
CA THR D 54 -15.62 -36.05 27.65
C THR D 54 -16.63 -34.93 27.75
N THR D 55 -16.61 -34.23 28.89
CA THR D 55 -17.45 -33.07 29.13
C THR D 55 -16.68 -32.13 30.06
N ASP D 56 -17.09 -30.85 30.07
CA ASP D 56 -16.50 -29.91 31.02
C ASP D 56 -17.47 -28.76 31.27
N LYS D 57 -17.30 -28.09 32.41
CA LYS D 57 -18.19 -26.98 32.73
C LYS D 57 -17.99 -25.85 31.72
N GLY D 58 -19.05 -25.08 31.54
CA GLY D 58 -19.00 -23.83 30.77
C GLY D 58 -18.94 -22.62 31.69
N GLU D 59 -19.69 -21.58 31.33
CA GLU D 59 -19.65 -20.34 32.10
C GLU D 59 -20.50 -20.44 33.37
N VAL D 60 -21.69 -21.03 33.30
CA VAL D 60 -22.61 -21.03 34.44
C VAL D 60 -23.02 -22.46 34.80
N PRO D 61 -22.08 -23.33 35.19
CA PRO D 61 -22.46 -24.73 35.46
C PRO D 61 -23.20 -24.96 36.77
N ASN D 62 -23.21 -24.03 37.72
CA ASN D 62 -23.74 -24.34 39.04
C ASN D 62 -25.25 -24.60 39.02
N GLY D 63 -25.68 -25.66 39.71
CA GLY D 63 -27.05 -26.10 39.64
C GLY D 63 -27.39 -26.97 38.45
N TYR D 64 -26.40 -27.37 37.65
CA TYR D 64 -26.62 -28.28 36.54
C TYR D 64 -25.56 -29.38 36.56
N ASN D 65 -25.86 -30.44 35.82
CA ASN D 65 -24.82 -31.31 35.27
C ASN D 65 -25.34 -31.91 33.97
N VAL D 66 -24.51 -32.72 33.33
CA VAL D 66 -24.75 -33.21 31.98
C VAL D 66 -24.20 -34.62 31.83
N SER D 67 -24.68 -35.30 30.80
CA SER D 67 -24.21 -36.64 30.45
C SER D 67 -24.18 -36.72 28.94
N ARG D 68 -22.99 -36.90 28.38
CA ARG D 68 -22.84 -37.25 26.96
C ARG D 68 -23.04 -38.77 26.87
N LEU D 69 -24.28 -39.19 26.68
CA LEU D 69 -24.65 -40.60 26.74
C LEU D 69 -23.93 -41.41 25.67
N ASN D 70 -23.81 -40.87 24.48
CA ASN D 70 -23.22 -41.52 23.31
C ASN D 70 -22.94 -40.39 22.34
N LYS D 71 -22.55 -40.73 21.10
CA LYS D 71 -22.17 -39.68 20.16
C LYS D 71 -23.35 -38.76 19.83
N ARG D 72 -24.57 -39.30 19.81
N ARG D 72 -24.57 -39.29 19.86
CA ARG D 72 -25.74 -38.53 19.41
CA ARG D 72 -25.72 -38.55 19.38
C ARG D 72 -26.27 -37.63 20.52
C ARG D 72 -26.45 -37.78 20.48
N GLU D 73 -26.25 -38.11 21.76
CA GLU D 73 -27.09 -37.56 22.83
C GLU D 73 -26.31 -36.86 23.93
N PHE D 74 -26.86 -35.71 24.38
CA PHE D 74 -26.28 -34.86 25.40
C PHE D 74 -27.38 -34.35 26.34
N SER D 75 -27.57 -35.02 27.48
CA SER D 75 -28.61 -34.62 28.43
C SER D 75 -28.15 -33.51 29.36
N LEU D 76 -29.11 -32.68 29.77
CA LEU D 76 -28.92 -31.65 30.78
C LEU D 76 -29.88 -31.89 31.94
N ARG D 77 -29.37 -31.90 33.17
CA ARG D 77 -30.18 -32.14 34.35
C ARG D 77 -30.21 -30.91 35.24
N LEU D 78 -31.40 -30.57 35.73
CA LEU D 78 -31.58 -29.58 36.79
C LEU D 78 -31.70 -30.34 38.10
N GLU D 79 -30.66 -30.23 38.92
CA GLU D 79 -30.56 -31.02 40.13
C GLU D 79 -31.71 -30.71 41.06
N SER D 80 -31.98 -29.44 41.24
CA SER D 80 -32.99 -29.02 42.20
C SER D 80 -33.48 -27.66 41.74
N ALA D 81 -34.47 -27.66 40.84
CA ALA D 81 -34.92 -26.46 40.14
C ALA D 81 -35.09 -25.29 41.10
N ALA D 82 -34.50 -24.15 40.72
CA ALA D 82 -34.55 -22.86 41.37
C ALA D 82 -35.23 -21.85 40.45
N PRO D 83 -35.94 -20.86 41.00
CA PRO D 83 -36.54 -19.83 40.12
C PRO D 83 -35.51 -19.15 39.22
N SER D 84 -34.25 -19.10 39.63
CA SER D 84 -33.20 -18.49 38.81
C SER D 84 -32.93 -19.29 37.54
N GLN D 85 -33.36 -20.54 37.47
CA GLN D 85 -33.17 -21.35 36.28
C GLN D 85 -34.34 -21.25 35.30
N THR D 86 -35.36 -20.46 35.61
CA THR D 86 -36.34 -20.02 34.62
C THR D 86 -35.65 -19.36 33.44
N SER D 87 -35.79 -19.95 32.27
CA SER D 87 -34.95 -19.54 31.15
C SER D 87 -35.33 -20.30 29.88
N VAL D 88 -34.70 -19.93 28.76
CA VAL D 88 -34.81 -20.69 27.52
C VAL D 88 -33.48 -21.39 27.30
N TYR D 89 -33.53 -22.70 27.11
CA TYR D 89 -32.34 -23.54 27.04
C TYR D 89 -32.14 -24.02 25.60
N PHE D 90 -30.92 -23.84 25.08
CA PHE D 90 -30.61 -24.26 23.72
C PHE D 90 -29.53 -25.32 23.71
N CYS D 91 -29.85 -26.46 23.13
CA CYS D 91 -28.88 -27.44 22.73
C CYS D 91 -28.28 -27.06 21.38
N ALA D 92 -26.98 -27.30 21.22
CA ALA D 92 -26.35 -27.04 19.93
C ALA D 92 -25.22 -28.04 19.70
N SER D 93 -24.94 -28.31 18.43
CA SER D 93 -23.85 -29.18 18.07
C SER D 93 -23.05 -28.59 16.93
N SER D 94 -21.86 -29.12 16.73
CA SER D 94 -21.00 -28.66 15.66
C SER D 94 -20.08 -29.82 15.31
N VAL D 95 -19.56 -29.79 14.08
CA VAL D 95 -18.78 -30.92 13.59
C VAL D 95 -17.63 -31.23 14.55
N TRP D 96 -16.84 -30.23 14.92
CA TRP D 96 -15.76 -30.40 15.92
C TRP D 96 -15.75 -29.19 16.86
N THR D 97 -14.75 -29.15 17.73
CA THR D 97 -14.41 -27.97 18.53
C THR D 97 -12.94 -27.66 18.28
N GLY D 98 -12.62 -26.38 18.14
CA GLY D 98 -11.25 -26.01 17.80
C GLY D 98 -10.95 -26.00 16.32
N GLU D 99 -11.98 -26.18 15.50
CA GLU D 99 -11.96 -25.92 14.06
C GLU D 99 -12.55 -24.53 13.87
N GLY D 100 -11.75 -23.61 13.34
CA GLY D 100 -12.08 -22.20 13.49
C GLY D 100 -13.41 -21.79 12.92
N SER D 101 -13.78 -22.36 11.76
CA SER D 101 -14.88 -21.81 11.00
C SER D 101 -16.15 -22.62 11.12
N GLY D 102 -16.21 -23.55 12.06
CA GLY D 102 -17.37 -24.41 12.15
C GLY D 102 -18.50 -23.71 12.88
N GLU D 103 -19.67 -23.71 12.27
CA GLU D 103 -20.81 -23.04 12.88
C GLU D 103 -21.54 -23.97 13.83
N LEU D 104 -22.38 -23.38 14.66
CA LEU D 104 -23.25 -24.12 15.56
C LEU D 104 -24.57 -24.41 14.88
N PHE D 105 -25.14 -25.56 15.22
CA PHE D 105 -26.48 -25.94 14.80
C PHE D 105 -27.30 -26.07 16.07
N PHE D 106 -28.36 -25.27 16.18
CA PHE D 106 -29.14 -25.16 17.41
C PHE D 106 -30.41 -25.98 17.32
N GLY D 107 -30.77 -26.62 18.44
CA GLY D 107 -32.10 -27.13 18.64
C GLY D 107 -33.11 -26.00 18.85
N GLU D 108 -34.39 -26.39 18.93
CA GLU D 108 -35.49 -25.41 18.94
C GLU D 108 -35.69 -24.69 20.25
N GLY D 109 -35.04 -25.09 21.32
CA GLY D 109 -35.22 -24.36 22.55
C GLY D 109 -36.19 -25.06 23.49
N SER D 110 -35.90 -24.92 24.78
CA SER D 110 -36.77 -25.45 25.83
C SER D 110 -37.06 -24.31 26.79
N ARG D 111 -38.33 -23.94 26.91
N ARG D 111 -38.34 -23.97 26.94
CA ARG D 111 -38.74 -22.89 27.86
CA ARG D 111 -38.77 -22.91 27.85
C ARG D 111 -39.09 -23.54 29.19
C ARG D 111 -39.13 -23.52 29.20
N LEU D 112 -38.41 -23.11 30.24
CA LEU D 112 -38.59 -23.65 31.56
C LEU D 112 -38.94 -22.53 32.53
N THR D 113 -40.04 -22.70 33.27
CA THR D 113 -40.44 -21.79 34.34
C THR D 113 -40.52 -22.57 35.66
N VAL D 114 -39.82 -22.07 36.67
CA VAL D 114 -39.79 -22.65 38.00
C VAL D 114 -40.59 -21.75 38.93
N LEU D 115 -41.58 -22.31 39.62
CA LEU D 115 -42.48 -21.56 40.47
C LEU D 115 -42.41 -22.11 41.90
N GLU D 116 -42.70 -21.25 42.89
CA GLU D 116 -42.75 -21.75 44.26
C GLU D 116 -43.82 -22.84 44.41
N ASP D 117 -45.02 -22.60 43.90
CA ASP D 117 -46.05 -23.62 43.82
C ASP D 117 -46.74 -23.50 42.47
N LEU D 118 -47.71 -24.39 42.22
CA LEU D 118 -48.44 -24.37 40.96
C LEU D 118 -49.83 -23.78 41.11
N LYS D 119 -50.11 -23.11 42.24
CA LYS D 119 -51.46 -22.66 42.56
C LYS D 119 -51.96 -21.57 41.64
N ASN D 120 -51.07 -20.93 40.87
CA ASN D 120 -51.48 -19.83 40.01
C ASN D 120 -51.44 -20.21 38.53
N VAL D 121 -51.26 -21.49 38.22
CA VAL D 121 -51.20 -21.92 36.82
C VAL D 121 -52.63 -22.00 36.30
N PHE D 122 -52.87 -21.37 35.14
CA PHE D 122 -54.21 -21.21 34.57
C PHE D 122 -54.08 -21.31 33.06
N PRO D 123 -54.91 -22.11 32.39
CA PRO D 123 -54.97 -22.06 30.94
C PRO D 123 -55.57 -20.74 30.51
N PRO D 124 -55.47 -20.38 29.24
CA PRO D 124 -56.12 -19.13 28.80
C PRO D 124 -57.61 -19.32 28.55
N GLU D 125 -58.32 -18.21 28.61
CA GLU D 125 -59.63 -18.09 27.98
C GLU D 125 -59.42 -17.47 26.62
N VAL D 126 -60.18 -17.92 25.62
CA VAL D 126 -60.01 -17.45 24.25
C VAL D 126 -61.35 -16.98 23.71
N ALA D 127 -61.34 -15.80 23.08
CA ALA D 127 -62.53 -15.29 22.43
C ALA D 127 -62.14 -14.57 21.13
N VAL D 128 -63.01 -14.69 20.13
CA VAL D 128 -62.82 -14.10 18.82
C VAL D 128 -63.87 -13.00 18.65
N PHE D 129 -63.47 -11.90 18.02
CA PHE D 129 -64.30 -10.71 17.91
C PHE D 129 -64.49 -10.38 16.44
N GLU D 130 -65.75 -10.28 16.03
CA GLU D 130 -66.11 -10.17 14.63
C GLU D 130 -65.81 -8.75 14.13
N PRO D 131 -65.48 -8.62 12.84
CA PRO D 131 -65.10 -7.32 12.30
C PRO D 131 -66.19 -6.27 12.44
N SER D 132 -65.78 -5.02 12.66
CA SER D 132 -66.71 -3.90 12.72
C SER D 132 -67.43 -3.70 11.40
N GLU D 133 -68.72 -3.34 11.49
CA GLU D 133 -69.47 -3.00 10.28
C GLU D 133 -68.96 -1.70 9.66
N ALA D 134 -68.42 -0.80 10.48
CA ALA D 134 -67.89 0.44 9.93
C ALA D 134 -66.61 0.21 9.15
N GLU D 135 -65.75 -0.71 9.63
CA GLU D 135 -64.51 -1.02 8.93
C GLU D 135 -64.80 -1.64 7.57
N ILE D 136 -65.69 -2.64 7.54
CA ILE D 136 -66.00 -3.33 6.29
C ILE D 136 -66.32 -2.33 5.17
N SER D 137 -67.19 -1.36 5.46
CA SER D 137 -67.61 -0.46 4.37
C SER D 137 -66.67 0.73 4.18
N HIS D 138 -65.83 1.06 5.17
CA HIS D 138 -64.92 2.18 5.05
C HIS D 138 -63.60 1.79 4.41
N THR D 139 -63.20 0.51 4.52
CA THR D 139 -61.92 0.04 4.03
C THR D 139 -62.03 -1.12 3.05
N GLN D 140 -63.23 -1.65 2.80
CA GLN D 140 -63.40 -2.83 1.96
C GLN D 140 -62.55 -4.01 2.45
N LYS D 141 -62.25 -4.04 3.75
CA LYS D 141 -61.44 -5.08 4.37
C LYS D 141 -62.00 -5.39 5.76
N ALA D 142 -61.72 -6.58 6.27
CA ALA D 142 -62.35 -7.08 7.50
C ALA D 142 -61.31 -7.67 8.44
N THR D 143 -61.33 -7.20 9.69
CA THR D 143 -60.35 -7.58 10.71
C THR D 143 -61.02 -8.42 11.80
N LEU D 144 -60.46 -9.60 12.06
CA LEU D 144 -60.84 -10.43 13.20
C LEU D 144 -59.80 -10.28 14.30
N VAL D 145 -60.27 -10.18 15.54
CA VAL D 145 -59.40 -10.05 16.71
C VAL D 145 -59.60 -11.26 17.61
N CYS D 146 -58.50 -11.86 18.03
CA CYS D 146 -58.49 -12.96 18.98
C CYS D 146 -57.81 -12.53 20.27
N LEU D 147 -58.40 -12.93 21.40
CA LEU D 147 -57.89 -12.60 22.73
C LEU D 147 -57.74 -13.87 23.56
N ALA D 148 -56.53 -14.09 24.05
CA ALA D 148 -56.24 -15.13 25.04
C ALA D 148 -55.92 -14.42 26.36
N THR D 149 -56.79 -14.57 27.34
CA THR D 149 -56.65 -13.79 28.57
C THR D 149 -56.54 -14.68 29.79
N GLY D 150 -55.83 -14.17 30.79
CA GLY D 150 -55.84 -14.74 32.12
C GLY D 150 -54.99 -15.97 32.32
N PHE D 151 -54.02 -16.23 31.45
CA PHE D 151 -53.25 -17.46 31.53
C PHE D 151 -51.94 -17.23 32.27
N TYR D 152 -51.39 -18.33 32.80
CA TYR D 152 -50.14 -18.31 33.52
C TYR D 152 -49.57 -19.71 33.60
N PRO D 153 -48.25 -19.89 33.42
CA PRO D 153 -47.27 -18.88 33.03
C PRO D 153 -47.34 -18.59 31.52
N ASP D 154 -46.44 -17.75 31.02
CA ASP D 154 -46.48 -17.34 29.62
C ASP D 154 -45.91 -18.47 28.75
N HIS D 155 -46.76 -19.47 28.51
CA HIS D 155 -46.41 -20.70 27.78
C HIS D 155 -47.48 -20.98 26.71
N VAL D 156 -47.69 -20.04 25.78
CA VAL D 156 -48.78 -20.20 24.83
C VAL D 156 -48.23 -20.08 23.42
N GLU D 157 -48.91 -20.75 22.50
CA GLU D 157 -48.67 -20.62 21.07
C GLU D 157 -50.02 -20.40 20.41
N LEU D 158 -50.17 -19.30 19.69
CA LEU D 158 -51.44 -18.91 19.11
C LEU D 158 -51.36 -19.00 17.59
N SER D 159 -52.46 -19.40 16.95
CA SER D 159 -52.47 -19.56 15.51
C SER D 159 -53.88 -19.42 14.99
N TRP D 160 -53.99 -18.94 13.75
CA TRP D 160 -55.26 -18.82 13.05
C TRP D 160 -55.42 -19.96 12.05
N TRP D 161 -56.65 -20.44 11.90
CA TRP D 161 -56.97 -21.52 10.97
C TRP D 161 -58.22 -21.14 10.18
N VAL D 162 -58.05 -20.96 8.88
CA VAL D 162 -59.15 -20.68 7.98
C VAL D 162 -59.46 -21.95 7.22
N ASN D 163 -60.67 -22.48 7.40
CA ASN D 163 -61.14 -23.64 6.65
C ASN D 163 -60.12 -24.78 6.68
N GLY D 164 -59.64 -25.11 7.88
CA GLY D 164 -58.75 -26.23 8.09
C GLY D 164 -57.26 -25.94 8.06
N LYS D 165 -56.83 -25.04 7.18
CA LYS D 165 -55.41 -24.76 7.01
C LYS D 165 -54.98 -23.62 7.92
N GLU D 166 -53.82 -23.77 8.54
CA GLU D 166 -53.22 -22.65 9.25
C GLU D 166 -52.82 -21.57 8.25
N VAL D 167 -53.12 -20.32 8.57
CA VAL D 167 -52.81 -19.19 7.70
C VAL D 167 -51.79 -18.31 8.37
N HIS D 168 -50.95 -17.66 7.56
CA HIS D 168 -49.97 -16.71 8.05
C HIS D 168 -50.12 -15.31 7.46
N SER D 169 -50.57 -15.18 6.22
CA SER D 169 -50.80 -13.86 5.63
C SER D 169 -52.02 -13.20 6.27
N GLY D 170 -51.94 -11.89 6.50
CA GLY D 170 -52.96 -11.18 7.20
C GLY D 170 -53.00 -11.42 8.69
N VAL D 171 -51.95 -12.00 9.28
CA VAL D 171 -51.92 -12.32 10.70
C VAL D 171 -50.82 -11.52 11.37
N CYS D 172 -51.11 -10.95 12.53
CA CYS D 172 -49.97 -10.60 13.37
C CYS D 172 -50.36 -10.73 14.84
N THR D 173 -49.52 -11.47 15.57
CA THR D 173 -49.64 -11.72 16.99
C THR D 173 -48.67 -10.83 17.75
N ASP D 174 -49.10 -10.33 18.91
CA ASP D 174 -48.23 -9.50 19.74
C ASP D 174 -46.93 -10.24 20.05
N PRO D 175 -45.78 -9.59 19.89
CA PRO D 175 -44.54 -10.27 20.29
C PRO D 175 -44.52 -10.66 21.76
N GLN D 176 -44.82 -9.73 22.67
CA GLN D 176 -44.83 -10.02 24.09
C GLN D 176 -46.26 -10.06 24.61
N PRO D 177 -46.57 -10.93 25.55
CA PRO D 177 -47.85 -10.84 26.26
C PRO D 177 -47.90 -9.56 27.08
N LEU D 178 -49.06 -9.24 27.63
CA LEU D 178 -49.12 -8.15 28.58
C LEU D 178 -49.60 -8.68 29.93
N LYS D 179 -49.27 -7.91 30.97
CA LYS D 179 -49.52 -8.30 32.34
C LYS D 179 -50.90 -7.79 32.76
N GLU D 180 -51.77 -8.68 33.20
CA GLU D 180 -53.11 -8.21 33.58
C GLU D 180 -53.06 -7.46 34.91
N GLN D 181 -52.15 -7.85 35.80
CA GLN D 181 -51.95 -7.18 37.09
C GLN D 181 -50.50 -6.74 37.15
N PRO D 182 -50.13 -5.66 36.46
CA PRO D 182 -48.71 -5.27 36.38
C PRO D 182 -48.05 -5.06 37.73
N ALA D 183 -48.81 -4.77 38.78
CA ALA D 183 -48.24 -4.61 40.11
C ALA D 183 -47.88 -5.93 40.78
N LEU D 184 -48.33 -7.06 40.26
CA LEU D 184 -48.26 -8.34 40.97
C LEU D 184 -47.09 -9.16 40.46
N ASN D 185 -46.31 -9.68 41.41
CA ASN D 185 -45.18 -10.53 41.07
C ASN D 185 -45.58 -11.69 40.16
N ASP D 186 -46.70 -12.35 40.46
CA ASP D 186 -47.22 -13.45 39.65
C ASP D 186 -48.39 -13.02 38.76
N SER D 187 -48.31 -11.87 38.11
CA SER D 187 -49.37 -11.46 37.20
C SER D 187 -49.66 -12.54 36.17
N ARG D 188 -50.93 -12.63 35.80
CA ARG D 188 -51.33 -13.46 34.66
C ARG D 188 -51.23 -12.64 33.38
N TYR D 189 -51.46 -13.31 32.25
CA TYR D 189 -51.11 -12.75 30.96
C TYR D 189 -52.31 -12.72 30.02
N ALA D 190 -52.32 -11.70 29.15
CA ALA D 190 -53.22 -11.62 28.01
C ALA D 190 -52.40 -11.45 26.72
N LEU D 191 -52.93 -12.01 25.62
CA LEU D 191 -52.30 -11.99 24.31
C LEU D 191 -53.36 -11.70 23.25
N SER D 192 -53.03 -10.85 22.27
CA SER D 192 -53.96 -10.57 21.19
C SER D 192 -53.32 -10.87 19.84
N SER D 193 -54.17 -11.19 18.86
CA SER D 193 -53.76 -11.45 17.49
C SER D 193 -54.81 -10.94 16.54
N ARG D 194 -54.36 -10.53 15.36
CA ARG D 194 -55.29 -9.96 14.38
C ARG D 194 -55.23 -10.71 13.06
N LEU D 195 -56.37 -11.14 12.56
CA LEU D 195 -56.50 -11.73 11.24
C LEU D 195 -57.30 -10.76 10.39
N ARG D 196 -56.71 -10.36 9.27
CA ARG D 196 -57.34 -9.39 8.38
C ARG D 196 -57.56 -10.04 7.03
N VAL D 197 -58.80 -9.99 6.54
CA VAL D 197 -59.17 -10.59 5.28
C VAL D 197 -59.93 -9.54 4.46
N SER D 198 -60.23 -9.88 3.22
CA SER D 198 -61.06 -9.02 2.40
C SER D 198 -62.50 -9.01 2.92
N ALA D 199 -63.20 -7.91 2.65
CA ALA D 199 -64.62 -7.85 2.99
C ALA D 199 -65.41 -8.94 2.29
N THR D 200 -65.03 -9.29 1.06
CA THR D 200 -65.70 -10.37 0.35
C THR D 200 -65.53 -11.70 1.08
N PHE D 201 -64.29 -12.00 1.50
CA PHE D 201 -64.01 -13.24 2.22
C PHE D 201 -64.88 -13.37 3.48
N TRP D 202 -64.90 -12.33 4.32
CA TRP D 202 -65.67 -12.38 5.56
C TRP D 202 -67.16 -12.54 5.30
N GLN D 203 -67.65 -11.99 4.19
CA GLN D 203 -69.08 -12.08 3.92
C GLN D 203 -69.52 -13.45 3.42
N ASN D 204 -68.56 -14.33 3.07
CA ASN D 204 -68.79 -15.66 2.52
C ASN D 204 -69.12 -16.66 3.63
N PRO D 205 -70.39 -17.03 3.80
CA PRO D 205 -70.76 -17.86 4.96
C PRO D 205 -70.14 -19.24 4.96
N ARG D 206 -69.58 -19.72 3.84
CA ARG D 206 -68.91 -21.02 3.83
C ARG D 206 -67.49 -20.96 4.39
N ASN D 207 -67.00 -19.79 4.78
CA ASN D 207 -65.63 -19.61 5.24
C ASN D 207 -65.59 -19.64 6.76
N HIS D 208 -64.73 -20.50 7.30
CA HIS D 208 -64.67 -20.81 8.73
C HIS D 208 -63.38 -20.24 9.32
N PHE D 209 -63.53 -19.42 10.38
CA PHE D 209 -62.41 -18.74 11.03
C PHE D 209 -62.22 -19.32 12.42
N ARG D 210 -61.02 -19.78 12.70
CA ARG D 210 -60.73 -20.47 13.94
C ARG D 210 -59.48 -19.88 14.56
N CYS D 211 -59.58 -19.46 15.81
CA CYS D 211 -58.44 -18.99 16.59
C CYS D 211 -58.07 -20.08 17.60
N GLN D 212 -56.77 -20.38 17.69
CA GLN D 212 -56.31 -21.52 18.47
C GLN D 212 -55.14 -21.09 19.35
N VAL D 213 -55.14 -21.57 20.60
CA VAL D 213 -54.06 -21.28 21.53
C VAL D 213 -53.62 -22.55 22.23
N GLN D 214 -52.49 -23.11 21.81
CA GLN D 214 -51.86 -24.17 22.56
C GLN D 214 -51.34 -23.63 23.88
N PHE D 215 -51.84 -24.16 25.00
CA PHE D 215 -51.30 -23.83 26.32
C PHE D 215 -50.42 -24.97 26.81
N TYR D 216 -49.30 -24.62 27.47
CA TYR D 216 -48.37 -25.61 28.04
C TYR D 216 -48.38 -25.43 29.55
N GLY D 217 -48.98 -26.40 30.26
CA GLY D 217 -49.07 -26.33 31.70
C GLY D 217 -48.55 -27.61 32.32
N LEU D 218 -49.39 -28.29 33.11
CA LEU D 218 -48.99 -29.48 33.83
C LEU D 218 -49.23 -30.73 32.99
N SER D 219 -48.55 -31.82 33.35
CA SER D 219 -48.71 -33.11 32.70
C SER D 219 -49.71 -33.97 33.48
N GLU D 220 -50.12 -35.08 32.86
CA GLU D 220 -51.04 -36.00 33.53
C GLU D 220 -50.52 -36.45 34.89
N ASN D 221 -49.19 -36.51 35.06
CA ASN D 221 -48.58 -37.01 36.28
C ASN D 221 -48.11 -35.88 37.20
N ASP D 222 -48.86 -34.78 37.29
CA ASP D 222 -48.65 -33.76 38.31
C ASP D 222 -49.75 -33.89 39.36
N GLU D 223 -49.39 -33.68 40.63
CA GLU D 223 -50.35 -33.77 41.72
C GLU D 223 -51.19 -32.51 41.81
N TRP D 224 -52.51 -32.68 41.82
CA TRP D 224 -53.43 -31.56 41.89
C TRP D 224 -54.39 -31.76 43.05
N THR D 225 -54.40 -30.81 43.98
CA THR D 225 -55.26 -30.89 45.16
C THR D 225 -56.49 -29.99 45.10
N GLN D 226 -56.39 -28.82 44.46
CA GLN D 226 -57.45 -27.82 44.51
C GLN D 226 -58.76 -28.37 43.96
N ASP D 227 -59.85 -27.66 44.30
CA ASP D 227 -61.16 -28.04 43.76
C ASP D 227 -61.28 -27.65 42.29
N ARG D 228 -60.60 -26.60 41.85
CA ARG D 228 -60.66 -26.24 40.45
C ARG D 228 -59.97 -27.30 39.59
N ALA D 229 -60.34 -27.32 38.31
CA ALA D 229 -59.79 -28.28 37.35
C ALA D 229 -58.28 -28.12 37.21
N LYS D 230 -57.64 -29.19 36.77
CA LYS D 230 -56.19 -29.24 36.71
C LYS D 230 -55.70 -28.52 35.46
N PRO D 231 -54.91 -27.48 35.58
CA PRO D 231 -54.46 -26.72 34.39
C PRO D 231 -53.46 -27.48 33.51
N VAL D 232 -53.92 -28.54 32.86
CA VAL D 232 -53.03 -29.34 32.03
C VAL D 232 -52.75 -28.60 30.72
N THR D 233 -51.66 -29.02 30.08
CA THR D 233 -51.42 -28.72 28.68
C THR D 233 -52.67 -28.97 27.86
N GLN D 234 -53.10 -27.98 27.08
CA GLN D 234 -54.35 -28.10 26.35
C GLN D 234 -54.45 -27.03 25.28
N ILE D 235 -55.39 -27.25 24.36
CA ILE D 235 -55.71 -26.28 23.32
C ILE D 235 -57.05 -25.63 23.68
N VAL D 236 -57.08 -24.32 23.67
CA VAL D 236 -58.30 -23.55 23.87
C VAL D 236 -58.57 -22.76 22.60
N SER D 237 -59.84 -22.69 22.19
CA SER D 237 -60.19 -22.10 20.89
C SER D 237 -61.48 -21.30 20.97
N ALA D 238 -61.63 -20.44 19.97
CA ALA D 238 -62.87 -19.77 19.64
C ALA D 238 -62.92 -19.63 18.13
N GLU D 239 -64.13 -19.67 17.59
CA GLU D 239 -64.32 -19.62 16.14
C GLU D 239 -65.37 -18.58 15.77
N ALA D 240 -65.33 -18.18 14.51
CA ALA D 240 -66.35 -17.30 13.93
C ALA D 240 -66.66 -17.80 12.52
N TRP D 241 -67.92 -17.60 12.13
CA TRP D 241 -68.38 -17.91 10.79
C TRP D 241 -68.64 -16.62 10.02
N GLY D 242 -68.25 -16.60 8.75
CA GLY D 242 -68.56 -15.46 7.92
C GLY D 242 -70.05 -15.24 7.79
N ARG D 243 -70.43 -13.98 7.61
CA ARG D 243 -71.84 -13.62 7.47
C ARG D 243 -71.96 -12.41 6.57
N ALA D 244 -73.15 -12.24 5.98
CA ALA D 244 -73.43 -11.11 5.11
C ALA D 244 -74.67 -10.35 5.56
N MET E 1 20.08 44.76 -45.61
CA MET E 1 19.40 45.47 -44.54
C MET E 1 20.37 46.48 -43.92
N ARG E 2 19.84 47.34 -43.07
CA ARG E 2 20.64 48.12 -42.15
C ARG E 2 20.89 47.31 -40.89
N THR E 3 21.81 47.79 -40.06
CA THR E 3 22.10 47.15 -38.78
C THR E 3 20.86 47.09 -37.89
N HIS E 4 20.63 45.93 -37.26
CA HIS E 4 19.53 45.77 -36.32
C HIS E 4 20.03 45.06 -35.06
N SER E 5 19.24 45.14 -33.99
CA SER E 5 19.70 44.60 -32.73
C SER E 5 18.53 44.12 -31.87
N LEU E 6 18.80 43.10 -31.08
CA LEU E 6 17.87 42.59 -30.08
C LEU E 6 18.55 42.74 -28.72
N ARG E 7 17.89 43.40 -27.78
CA ARG E 7 18.41 43.53 -26.43
C ARG E 7 17.34 43.21 -25.40
N TYR E 8 17.73 42.51 -24.34
CA TYR E 8 16.86 42.29 -23.19
C TYR E 8 17.52 42.89 -21.96
N PHE E 9 16.75 43.64 -21.19
CA PHE E 9 17.24 44.33 -19.99
C PHE E 9 16.55 43.79 -18.74
N ARG E 10 17.27 43.80 -17.62
CA ARG E 10 16.71 43.46 -16.32
C ARG E 10 17.12 44.50 -15.28
N LEU E 11 16.20 44.79 -14.37
CA LEU E 11 16.44 45.71 -13.26
C LEU E 11 15.92 45.11 -11.97
N GLY E 12 16.76 45.04 -10.96
CA GLY E 12 16.32 44.69 -9.61
C GLY E 12 16.66 45.81 -8.64
N VAL E 13 15.77 46.05 -7.70
CA VAL E 13 15.92 47.10 -6.69
C VAL E 13 15.70 46.46 -5.32
N SER E 14 16.63 46.70 -4.38
CA SER E 14 16.63 45.89 -3.16
C SER E 14 15.56 46.34 -2.18
N ASP E 15 15.43 47.63 -1.93
CA ASP E 15 14.43 48.16 -1.01
C ASP E 15 13.52 49.17 -1.73
N PRO E 16 12.69 48.70 -2.66
CA PRO E 16 11.93 49.64 -3.51
C PRO E 16 10.93 50.46 -2.71
N ILE E 17 10.77 51.72 -3.14
CA ILE E 17 9.67 52.57 -2.68
C ILE E 17 8.34 51.88 -2.96
N HIS E 18 7.36 52.10 -2.07
CA HIS E 18 6.07 51.41 -2.12
C HIS E 18 5.35 51.66 -3.45
N GLY E 19 4.95 50.56 -4.11
CA GLY E 19 4.34 50.63 -5.42
C GLY E 19 5.29 50.27 -6.54
N VAL E 20 6.45 50.92 -6.54
CA VAL E 20 7.52 50.66 -7.52
C VAL E 20 7.94 49.20 -7.46
N PRO E 21 8.11 48.51 -8.59
CA PRO E 21 8.46 47.09 -8.56
C PRO E 21 9.88 46.88 -8.08
N GLU E 22 10.17 45.65 -7.67
CA GLU E 22 11.53 45.29 -7.33
C GLU E 22 12.23 44.56 -8.47
N PHE E 23 11.50 44.13 -9.49
CA PHE E 23 12.07 43.51 -10.68
C PHE E 23 11.30 43.97 -11.91
N ILE E 24 12.03 44.30 -12.97
CA ILE E 24 11.46 44.81 -14.23
C ILE E 24 12.26 44.22 -15.37
N SER E 25 11.59 43.83 -16.44
CA SER E 25 12.26 43.24 -17.58
C SER E 25 11.66 43.82 -18.85
N VAL E 26 12.50 44.27 -19.79
CA VAL E 26 12.01 44.85 -21.05
C VAL E 26 12.91 44.39 -22.18
N GLY E 27 12.28 43.96 -23.28
CA GLY E 27 12.99 43.66 -24.51
C GLY E 27 12.85 44.74 -25.57
N TYR E 28 13.88 44.90 -26.40
CA TYR E 28 13.87 45.84 -27.49
C TYR E 28 14.40 45.21 -28.76
N VAL E 29 13.80 45.58 -29.89
CA VAL E 29 14.40 45.45 -31.20
C VAL E 29 14.70 46.86 -31.68
N ASP E 30 15.97 47.15 -31.91
CA ASP E 30 16.44 48.53 -32.20
C ASP E 30 15.95 49.41 -31.06
N SER E 31 15.32 50.54 -31.34
CA SER E 31 14.80 51.45 -30.34
C SER E 31 13.37 51.11 -29.89
N HIS E 32 12.80 49.98 -30.35
CA HIS E 32 11.39 49.64 -30.10
C HIS E 32 11.22 48.67 -28.93
N PRO E 33 10.54 49.02 -27.85
CA PRO E 33 10.19 48.01 -26.84
C PRO E 33 9.30 46.93 -27.45
N ILE E 34 9.61 45.67 -27.20
CA ILE E 34 8.83 44.55 -27.73
C ILE E 34 8.15 43.75 -26.63
N THR E 35 8.81 43.55 -25.50
CA THR E 35 8.23 42.79 -24.42
C THR E 35 8.51 43.49 -23.10
N THR E 36 7.70 43.15 -22.09
CA THR E 36 7.87 43.66 -20.73
C THR E 36 7.29 42.69 -19.71
N TYR E 37 7.87 42.73 -18.51
CA TYR E 37 7.46 41.93 -17.36
C TYR E 37 7.84 42.71 -16.12
N ASP E 38 7.07 42.54 -15.05
CA ASP E 38 7.49 43.13 -13.79
C ASP E 38 6.87 42.35 -12.63
N SER E 39 7.45 42.56 -11.45
CA SER E 39 7.08 41.81 -10.28
C SER E 39 5.69 42.15 -9.76
N VAL E 40 5.04 43.18 -10.30
CA VAL E 40 3.69 43.52 -9.88
C VAL E 40 2.65 42.85 -10.75
N THR E 41 2.76 42.95 -12.07
CA THR E 41 1.84 42.23 -12.95
C THR E 41 2.14 40.74 -12.99
N ARG E 42 3.42 40.37 -12.95
CA ARG E 42 3.84 38.97 -12.96
C ARG E 42 3.41 38.25 -14.25
N GLN E 43 3.20 39.01 -15.33
CA GLN E 43 2.95 38.47 -16.66
C GLN E 43 3.97 39.04 -17.61
N LYS E 44 4.42 38.25 -18.59
CA LYS E 44 5.18 38.78 -19.71
C LYS E 44 4.20 39.18 -20.82
N GLU E 45 4.32 40.39 -21.35
CA GLU E 45 3.33 40.98 -22.24
C GLU E 45 4.00 41.61 -23.46
N PRO E 46 3.35 41.59 -24.62
CA PRO E 46 3.92 42.29 -25.76
C PRO E 46 3.84 43.78 -25.53
N ARG E 47 4.86 44.50 -25.99
N ARG E 47 4.84 44.50 -26.04
CA ARG E 47 4.77 45.96 -26.06
CA ARG E 47 4.80 45.96 -26.06
C ARG E 47 4.45 46.44 -27.47
C ARG E 47 4.85 46.53 -27.47
N ALA E 48 4.81 45.68 -28.49
CA ALA E 48 4.62 46.11 -29.87
C ALA E 48 3.48 45.31 -30.47
N PRO E 49 2.53 45.97 -31.15
CA PRO E 49 1.41 45.21 -31.72
C PRO E 49 1.86 44.10 -32.64
N TRP E 50 2.93 44.32 -33.39
CA TRP E 50 3.38 43.27 -34.31
C TRP E 50 4.05 42.12 -33.58
N MET E 51 4.31 42.25 -32.28
CA MET E 51 4.66 41.09 -31.46
C MET E 51 3.42 40.40 -30.91
N ALA E 52 2.36 41.15 -30.60
CA ALA E 52 1.11 40.53 -30.16
C ALA E 52 0.51 39.67 -31.24
N GLU E 53 0.58 40.13 -32.48
CA GLU E 53 -0.11 39.49 -33.58
C GLU E 53 0.61 38.27 -34.14
N ASN E 54 1.85 38.01 -33.73
CA ASN E 54 2.62 36.94 -34.36
C ASN E 54 3.09 35.86 -33.39
N LEU E 55 2.86 36.04 -32.08
CA LEU E 55 3.25 35.07 -31.07
C LEU E 55 1.98 34.62 -30.36
N ALA E 56 1.68 33.34 -30.44
CA ALA E 56 0.48 32.76 -29.86
C ALA E 56 0.48 32.90 -28.34
N PRO E 57 -0.67 32.69 -27.67
CA PRO E 57 -0.72 32.87 -26.21
C PRO E 57 0.20 31.95 -25.40
N ASP E 58 0.54 30.76 -25.88
CA ASP E 58 1.42 29.96 -25.05
C ASP E 58 2.87 30.41 -25.09
N HIS E 59 3.26 31.24 -26.06
CA HIS E 59 4.57 31.86 -25.97
C HIS E 59 4.62 32.79 -24.76
N TRP E 60 3.64 33.66 -24.61
CA TRP E 60 3.58 34.52 -23.43
C TRP E 60 3.41 33.70 -22.16
N GLU E 61 2.65 32.61 -22.21
CA GLU E 61 2.49 31.74 -21.06
C GLU E 61 3.82 31.13 -20.64
N ARG E 62 4.63 30.67 -21.60
CA ARG E 62 5.88 30.03 -21.24
C ARG E 62 6.86 31.04 -20.65
N TYR E 63 7.00 32.21 -21.28
CA TYR E 63 7.96 33.20 -20.78
C TYR E 63 7.49 33.89 -19.51
N THR E 64 6.18 33.93 -19.26
CA THR E 64 5.70 34.33 -17.94
C THR E 64 6.26 33.41 -16.85
N GLN E 65 6.15 32.08 -17.05
CA GLN E 65 6.70 31.16 -16.07
C GLN E 65 8.20 31.39 -15.91
N LEU E 66 8.92 31.49 -17.02
CA LEU E 66 10.36 31.70 -16.95
C LEU E 66 10.70 32.95 -16.17
N LEU E 67 9.99 34.05 -16.44
CA LEU E 67 10.40 35.31 -15.84
C LEU E 67 10.11 35.35 -14.35
N ARG E 68 9.04 34.69 -13.90
CA ARG E 68 8.86 34.50 -12.46
C ARG E 68 10.09 33.84 -11.84
N GLY E 69 10.67 32.86 -12.53
CA GLY E 69 11.86 32.20 -12.02
C GLY E 69 13.07 33.13 -12.00
N TRP E 70 13.31 33.83 -13.10
CA TRP E 70 14.43 34.75 -13.16
C TRP E 70 14.28 35.90 -12.18
N GLN E 71 13.04 36.33 -11.90
CA GLN E 71 12.84 37.37 -10.90
C GLN E 71 13.40 36.95 -9.56
N GLN E 72 13.05 35.73 -9.11
CA GLN E 72 13.61 35.20 -7.87
C GLN E 72 15.13 35.04 -7.94
N MET E 73 15.63 34.51 -9.06
CA MET E 73 17.07 34.41 -9.24
C MET E 73 17.73 35.75 -9.02
N PHE E 74 17.14 36.81 -9.60
CA PHE E 74 17.73 38.14 -9.56
C PHE E 74 17.72 38.70 -8.15
N LYS E 75 16.65 38.49 -7.40
CA LYS E 75 16.65 38.93 -6.00
C LYS E 75 17.75 38.24 -5.22
N VAL E 76 17.97 36.94 -5.44
CA VAL E 76 19.01 36.24 -4.71
C VAL E 76 20.40 36.78 -5.08
N GLU E 77 20.67 37.05 -6.36
CA GLU E 77 21.98 37.61 -6.69
C GLU E 77 22.14 39.01 -6.10
N LEU E 78 21.09 39.83 -6.16
CA LEU E 78 21.20 41.17 -5.59
C LEU E 78 21.42 41.10 -4.09
N LYS E 79 20.73 40.20 -3.39
CA LYS E 79 20.95 40.09 -1.95
C LYS E 79 22.39 39.70 -1.65
N ARG E 80 22.94 38.78 -2.44
CA ARG E 80 24.34 38.37 -2.27
C ARG E 80 25.30 39.52 -2.55
N LEU E 81 25.02 40.31 -3.59
CA LEU E 81 25.88 41.44 -3.94
C LEU E 81 25.95 42.46 -2.83
N GLN E 82 24.78 42.86 -2.32
CA GLN E 82 24.72 43.91 -1.31
C GLN E 82 25.34 43.47 0.01
N ARG E 83 25.13 42.21 0.40
CA ARG E 83 25.80 41.71 1.59
C ARG E 83 27.32 41.75 1.44
N HIS E 84 27.83 41.47 0.24
CA HIS E 84 29.29 41.45 0.10
C HIS E 84 29.87 42.83 -0.09
N TYR E 85 29.08 43.76 -0.63
CA TYR E 85 29.50 45.16 -0.60
C TYR E 85 29.32 45.79 0.76
N ASN E 86 28.55 45.16 1.66
CA ASN E 86 28.25 45.76 2.97
C ASN E 86 27.53 47.10 2.78
N HIS E 87 26.54 47.10 1.89
CA HIS E 87 25.74 48.29 1.62
C HIS E 87 24.39 48.18 2.32
N SER E 88 23.94 49.29 2.89
CA SER E 88 22.58 49.39 3.41
C SER E 88 21.73 50.20 2.43
N GLY E 89 20.42 50.26 2.74
CA GLY E 89 19.50 51.00 1.90
C GLY E 89 19.19 50.26 0.61
N SER E 90 18.71 51.01 -0.38
CA SER E 90 18.26 50.42 -1.62
C SER E 90 19.32 50.59 -2.71
N HIS E 91 19.61 49.50 -3.42
CA HIS E 91 20.62 49.44 -4.46
C HIS E 91 20.03 48.70 -5.65
N THR E 92 20.65 48.88 -6.81
CA THR E 92 20.10 48.32 -8.03
C THR E 92 21.07 47.35 -8.67
N TYR E 93 20.49 46.41 -9.41
CA TYR E 93 21.23 45.37 -10.12
C TYR E 93 20.63 45.30 -11.52
N GLN E 94 21.48 45.21 -12.52
CA GLN E 94 21.00 45.28 -13.90
C GLN E 94 21.70 44.28 -14.78
N ARG E 95 20.98 43.81 -15.78
CA ARG E 95 21.55 42.93 -16.78
C ARG E 95 21.19 43.43 -18.18
N MET E 96 22.07 43.14 -19.13
CA MET E 96 21.83 43.36 -20.55
C MET E 96 22.44 42.24 -21.37
N ILE E 97 21.64 41.68 -22.25
CA ILE E 97 22.06 40.65 -23.17
C ILE E 97 21.53 41.03 -24.54
N GLY E 98 22.29 40.74 -25.58
CA GLY E 98 21.74 40.94 -26.89
C GLY E 98 22.75 40.65 -27.96
N CYS E 99 22.30 40.89 -29.19
CA CYS E 99 23.09 40.62 -30.39
C CYS E 99 22.80 41.69 -31.43
N GLU E 100 23.62 41.72 -32.46
CA GLU E 100 23.51 42.71 -33.52
C GLU E 100 23.74 42.02 -34.85
N LEU E 101 22.82 42.19 -35.78
CA LEU E 101 23.00 41.78 -37.15
C LEU E 101 23.45 43.02 -37.94
N LEU E 102 24.68 43.01 -38.43
CA LEU E 102 25.26 44.21 -39.03
C LEU E 102 25.00 44.23 -40.53
N GLU E 103 25.19 45.41 -41.12
CA GLU E 103 24.92 45.60 -42.54
C GLU E 103 25.60 44.53 -43.40
N ASP E 104 26.87 44.26 -43.14
CA ASP E 104 27.67 43.36 -43.96
C ASP E 104 27.37 41.87 -43.73
N GLY E 105 26.42 41.55 -42.87
CA GLY E 105 26.12 40.17 -42.56
C GLY E 105 26.81 39.64 -41.31
N SER E 106 27.85 40.33 -40.84
CA SER E 106 28.54 39.91 -39.63
C SER E 106 27.70 40.22 -38.39
N THR E 107 28.08 39.64 -37.24
CA THR E 107 27.26 39.72 -36.03
C THR E 107 28.11 39.99 -34.79
N THR E 108 27.47 40.52 -33.75
CA THR E 108 28.09 40.76 -32.46
C THR E 108 27.17 40.27 -31.34
N GLY E 109 27.77 39.92 -30.22
CA GLY E 109 27.00 39.43 -29.08
C GLY E 109 27.59 39.96 -27.80
N PHE E 110 26.72 40.23 -26.82
CA PHE E 110 27.18 40.84 -25.57
C PHE E 110 26.26 40.47 -24.42
N LEU E 111 26.85 40.41 -23.23
CA LEU E 111 26.18 40.06 -21.98
C LEU E 111 26.91 40.79 -20.85
N GLN E 112 26.17 41.50 -20.00
CA GLN E 112 26.76 42.41 -19.04
C GLN E 112 25.83 42.54 -17.84
N TYR E 113 26.41 42.95 -16.72
CA TYR E 113 25.68 43.21 -15.49
C TYR E 113 26.22 44.49 -14.87
N ALA E 114 25.36 45.17 -14.14
CA ALA E 114 25.77 46.37 -13.45
C ALA E 114 25.19 46.35 -12.05
N TYR E 115 25.87 47.05 -11.16
CA TYR E 115 25.43 47.26 -9.79
C TYR E 115 25.44 48.76 -9.55
N ASP E 116 24.32 49.30 -9.08
CA ASP E 116 24.14 50.74 -8.95
C ASP E 116 24.49 51.46 -10.25
N GLY E 117 24.10 50.86 -11.37
CA GLY E 117 24.28 51.53 -12.65
C GLY E 117 25.72 51.66 -13.11
N GLN E 118 26.62 50.82 -12.60
CA GLN E 118 28.02 50.79 -13.02
C GLN E 118 28.41 49.37 -13.37
N ASP E 119 29.12 49.21 -14.49
CA ASP E 119 29.69 47.94 -14.93
C ASP E 119 30.10 47.08 -13.75
N PHE E 120 29.66 45.83 -13.76
CA PHE E 120 30.03 44.88 -12.73
C PHE E 120 30.75 43.68 -13.34
N LEU E 121 30.14 43.00 -14.30
CA LEU E 121 30.74 41.86 -14.99
C LEU E 121 30.45 41.94 -16.48
N ILE E 122 31.47 41.72 -17.31
CA ILE E 122 31.32 41.81 -18.76
C ILE E 122 31.77 40.48 -19.36
N PHE E 123 30.86 39.84 -20.09
CA PHE E 123 31.18 38.58 -20.74
C PHE E 123 32.03 38.79 -21.98
N ASN E 124 32.94 37.86 -22.21
CA ASN E 124 33.71 37.77 -23.45
C ASN E 124 33.48 36.36 -24.00
N LYS E 125 32.61 36.25 -25.00
CA LYS E 125 32.24 34.98 -25.63
C LYS E 125 33.33 34.43 -26.54
N ASP E 126 34.45 35.12 -26.72
CA ASP E 126 35.53 34.58 -27.53
C ASP E 126 36.65 33.98 -26.70
N THR E 127 36.94 34.54 -25.52
CA THR E 127 37.84 33.91 -24.57
C THR E 127 37.10 33.09 -23.52
N LEU E 128 35.77 33.09 -23.55
CA LEU E 128 34.92 32.41 -22.56
C LEU E 128 35.33 32.78 -21.13
N SER E 129 35.13 34.05 -20.81
CA SER E 129 35.63 34.55 -19.54
C SER E 129 34.84 35.79 -19.15
N TRP E 130 34.84 36.06 -17.86
CA TRP E 130 34.11 37.19 -17.30
C TRP E 130 35.12 38.21 -16.80
N LEU E 131 34.87 39.48 -17.12
CA LEU E 131 35.71 40.58 -16.64
C LEU E 131 35.07 41.19 -15.41
N ALA E 132 35.85 41.28 -14.33
CA ALA E 132 35.42 41.76 -13.03
C ALA E 132 36.05 43.12 -12.74
N VAL E 133 35.25 44.07 -12.30
CA VAL E 133 35.74 45.42 -12.00
C VAL E 133 36.22 45.62 -10.57
N ASP E 134 35.82 44.77 -9.63
CA ASP E 134 36.26 44.86 -8.23
C ASP E 134 36.20 43.45 -7.63
N ASN E 135 36.41 43.33 -6.31
CA ASN E 135 36.60 42.00 -5.72
C ASN E 135 35.30 41.30 -5.36
N VAL E 136 34.20 42.03 -5.28
CA VAL E 136 32.90 41.38 -5.26
C VAL E 136 32.61 40.75 -6.62
N ALA E 137 32.77 41.53 -7.69
CA ALA E 137 32.68 40.95 -9.03
C ALA E 137 33.65 39.78 -9.19
N HIS E 138 34.81 39.84 -8.54
CA HIS E 138 35.82 38.81 -8.73
C HIS E 138 35.36 37.47 -8.19
N THR E 139 34.78 37.46 -6.99
CA THR E 139 34.16 36.24 -6.47
C THR E 139 33.11 35.66 -7.42
N ILE E 140 32.25 36.51 -8.00
CA ILE E 140 31.22 36.00 -8.91
C ILE E 140 31.86 35.42 -10.16
N LYS E 141 32.85 36.14 -10.71
CA LYS E 141 33.56 35.63 -11.88
C LYS E 141 34.12 34.23 -11.62
N GLN E 142 34.72 34.04 -10.45
CA GLN E 142 35.32 32.76 -10.13
C GLN E 142 34.29 31.65 -10.02
N ALA E 143 33.05 31.95 -9.62
CA ALA E 143 32.04 30.91 -9.56
C ALA E 143 31.41 30.64 -10.91
N TRP E 144 31.11 31.68 -11.68
CA TRP E 144 30.56 31.47 -13.01
C TRP E 144 31.56 30.75 -13.92
N GLU E 145 32.85 31.09 -13.83
CA GLU E 145 33.85 30.51 -14.71
C GLU E 145 34.24 29.08 -14.34
N ALA E 146 33.89 28.62 -13.13
CA ALA E 146 34.14 27.23 -12.78
C ALA E 146 33.15 26.29 -13.46
N ASN E 147 32.24 26.84 -14.25
CA ASN E 147 31.14 26.12 -14.88
C ASN E 147 31.28 26.25 -16.41
N GLN E 148 32.21 25.50 -16.98
CA GLN E 148 32.49 25.69 -18.40
C GLN E 148 31.24 25.53 -19.24
N HIS E 149 30.41 24.53 -18.92
CA HIS E 149 29.21 24.32 -19.73
C HIS E 149 28.35 25.57 -19.84
N GLU E 150 28.39 26.43 -18.82
CA GLU E 150 27.51 27.59 -18.78
C GLU E 150 28.04 28.74 -19.65
N LEU E 151 29.37 28.92 -19.69
CA LEU E 151 29.93 29.86 -20.65
C LEU E 151 29.73 29.37 -22.07
N LEU E 152 29.93 28.06 -22.30
CA LEU E 152 29.65 27.51 -23.61
C LEU E 152 28.20 27.77 -23.99
N TYR E 153 27.28 27.62 -23.03
CA TYR E 153 25.87 27.89 -23.28
C TYR E 153 25.67 29.34 -23.75
N GLN E 154 26.27 30.31 -23.07
CA GLN E 154 26.04 31.72 -23.40
C GLN E 154 26.61 32.06 -24.78
N LYS E 155 27.80 31.53 -25.08
CA LYS E 155 28.36 31.73 -26.40
C LYS E 155 27.41 31.24 -27.47
N ASN E 156 26.90 30.02 -27.32
CA ASN E 156 25.94 29.51 -28.29
C ASN E 156 24.68 30.37 -28.32
N TRP E 157 24.24 30.85 -27.16
CA TRP E 157 23.00 31.63 -27.17
C TRP E 157 23.21 32.97 -27.88
N LEU E 158 24.31 33.66 -27.58
CA LEU E 158 24.60 34.94 -28.20
C LEU E 158 24.84 34.79 -29.70
N GLU E 159 25.58 33.76 -30.11
CA GLU E 159 25.93 33.65 -31.52
C GLU E 159 24.82 33.02 -32.36
N GLU E 160 24.06 32.06 -31.82
CA GLU E 160 23.07 31.41 -32.67
C GLU E 160 21.65 31.82 -32.35
N GLU E 161 21.24 31.70 -31.09
CA GLU E 161 19.84 31.83 -30.74
C GLU E 161 19.38 33.28 -30.83
N CYS E 162 20.21 34.20 -30.34
CA CYS E 162 19.84 35.60 -30.35
C CYS E 162 19.67 36.10 -31.77
N ILE E 163 20.59 35.71 -32.65
CA ILE E 163 20.51 36.15 -34.04
C ILE E 163 19.27 35.57 -34.69
N ALA E 164 18.92 34.34 -34.34
CA ALA E 164 17.74 33.74 -34.96
C ALA E 164 16.46 34.40 -34.47
N TRP E 165 16.40 34.75 -33.17
CA TRP E 165 15.25 35.50 -32.69
C TRP E 165 15.19 36.86 -33.39
N LEU E 166 16.33 37.55 -33.46
CA LEU E 166 16.34 38.84 -34.13
C LEU E 166 15.76 38.72 -35.54
N LYS E 167 16.27 37.80 -36.35
CA LYS E 167 15.72 37.69 -37.71
C LYS E 167 14.23 37.39 -37.68
N ARG E 168 13.76 36.68 -36.67
CA ARG E 168 12.34 36.36 -36.60
C ARG E 168 11.51 37.61 -36.33
N PHE E 169 11.92 38.42 -35.35
CA PHE E 169 11.20 39.65 -35.05
C PHE E 169 11.32 40.68 -36.17
N LEU E 170 12.51 40.77 -36.79
CA LEU E 170 12.67 41.67 -37.93
C LEU E 170 11.62 41.43 -38.99
N GLU E 171 11.35 40.17 -39.30
CA GLU E 171 10.29 39.87 -40.25
C GLU E 171 8.92 40.31 -39.69
N TYR E 172 8.65 40.02 -38.42
CA TYR E 172 7.37 40.36 -37.82
C TYR E 172 7.12 41.86 -37.91
N GLY E 173 8.12 42.65 -37.58
CA GLY E 173 7.91 44.09 -37.57
C GLY E 173 8.46 44.84 -38.78
N LYS E 174 8.56 44.18 -39.94
CA LYS E 174 9.34 44.77 -41.03
C LYS E 174 8.76 46.12 -41.46
N ASP E 175 7.43 46.26 -41.44
CA ASP E 175 6.82 47.54 -41.81
C ASP E 175 7.22 48.66 -40.86
N THR E 176 7.55 48.33 -39.62
CA THR E 176 8.05 49.36 -38.72
C THR E 176 9.56 49.46 -38.78
N LEU E 177 10.26 48.34 -38.79
CA LEU E 177 11.69 48.37 -38.56
C LEU E 177 12.49 48.68 -39.82
N GLN E 178 11.94 48.37 -40.99
CA GLN E 178 12.69 48.49 -42.23
C GLN E 178 12.28 49.68 -43.08
N ARG E 179 11.25 50.43 -42.68
CA ARG E 179 10.83 51.60 -43.42
C ARG E 179 11.83 52.74 -43.23
N THR E 180 11.69 53.77 -44.07
CA THR E 180 12.52 54.95 -44.01
C THR E 180 11.65 56.18 -44.18
N GLU E 181 11.71 57.09 -43.23
CA GLU E 181 11.13 58.41 -43.41
C GLU E 181 12.26 59.43 -43.41
N PRO E 182 12.46 60.14 -44.51
CA PRO E 182 13.61 61.06 -44.58
C PRO E 182 13.38 62.30 -43.76
N PRO E 183 14.45 62.92 -43.25
CA PRO E 183 14.30 64.14 -42.45
C PRO E 183 13.94 65.35 -43.29
N LEU E 184 13.34 66.33 -42.63
CA LEU E 184 13.15 67.68 -43.16
C LEU E 184 14.12 68.59 -42.43
N VAL E 185 14.92 69.34 -43.18
CA VAL E 185 16.01 70.11 -42.60
C VAL E 185 15.89 71.58 -42.97
N ARG E 186 16.23 72.46 -42.02
CA ARG E 186 16.17 73.91 -42.22
C ARG E 186 17.29 74.56 -41.42
N VAL E 187 17.67 75.78 -41.79
CA VAL E 187 18.69 76.50 -41.03
C VAL E 187 18.09 77.78 -40.46
N ASN E 188 18.59 78.16 -39.28
CA ASN E 188 18.03 79.20 -38.42
C ASN E 188 19.15 80.03 -37.81
N ARG E 189 18.92 81.33 -37.70
CA ARG E 189 19.90 82.22 -37.09
C ARG E 189 19.50 82.53 -35.64
N LYS E 190 20.48 82.85 -34.81
CA LYS E 190 20.25 83.20 -33.40
C LYS E 190 21.50 83.80 -32.73
N THR E 197 23.81 85.57 -34.43
CA THR E 197 25.16 85.20 -34.04
C THR E 197 25.36 83.67 -34.03
N ALA E 198 24.30 82.89 -34.28
CA ALA E 198 24.37 81.43 -34.13
C ALA E 198 23.50 80.73 -35.17
N LEU E 199 24.12 79.84 -35.95
CA LEU E 199 23.42 79.07 -36.97
C LEU E 199 22.95 77.75 -36.39
N PHE E 200 21.70 77.38 -36.72
CA PHE E 200 21.10 76.15 -36.23
C PHE E 200 20.62 75.32 -37.41
N CYS E 201 21.12 74.11 -37.54
CA CYS E 201 20.62 73.15 -38.50
C CYS E 201 19.68 72.19 -37.79
N LYS E 202 18.44 72.08 -38.27
CA LYS E 202 17.40 71.35 -37.56
C LYS E 202 16.69 70.38 -38.48
N ALA E 203 16.59 69.12 -38.06
CA ALA E 203 15.96 68.04 -38.80
C ALA E 203 14.83 67.43 -37.98
N HIS E 204 13.78 66.98 -38.66
CA HIS E 204 12.72 66.32 -37.92
C HIS E 204 11.95 65.40 -38.86
N GLY E 205 11.14 64.53 -38.25
CA GLY E 205 10.26 63.65 -39.00
C GLY E 205 10.94 62.44 -39.60
N PHE E 206 12.14 62.11 -39.17
CA PHE E 206 12.89 61.04 -39.80
C PHE E 206 12.83 59.76 -38.98
N TYR E 207 12.85 58.64 -39.68
CA TYR E 207 13.01 57.32 -39.11
C TYR E 207 13.88 56.55 -40.10
N PRO E 208 14.88 55.79 -39.62
CA PRO E 208 15.25 55.50 -38.23
C PRO E 208 15.96 56.64 -37.52
N PRO E 209 16.15 56.53 -36.20
CA PRO E 209 16.72 57.67 -35.45
C PRO E 209 18.19 57.92 -35.73
N GLU E 210 18.93 56.98 -36.33
CA GLU E 210 20.35 57.20 -36.59
C GLU E 210 20.55 58.22 -37.71
N ILE E 211 21.15 59.36 -37.36
CA ILE E 211 21.35 60.49 -38.26
C ILE E 211 22.67 61.14 -37.90
N TYR E 212 23.38 61.66 -38.89
CA TYR E 212 24.59 62.43 -38.63
C TYR E 212 24.41 63.85 -39.14
N MET E 213 24.83 64.81 -38.34
CA MET E 213 24.66 66.21 -38.66
C MET E 213 25.93 66.94 -38.26
N THR E 214 26.42 67.81 -39.13
CA THR E 214 27.63 68.52 -38.79
C THR E 214 27.68 69.81 -39.60
N TRP E 215 28.59 70.68 -39.22
CA TRP E 215 28.76 71.95 -39.87
C TRP E 215 30.12 71.97 -40.54
N MET E 216 30.22 72.68 -41.66
CA MET E 216 31.49 72.79 -42.35
C MET E 216 31.75 74.24 -42.70
N LYS E 217 32.93 74.75 -42.28
CA LYS E 217 33.36 76.10 -42.60
C LYS E 217 34.26 76.02 -43.83
N ASN E 218 33.76 76.48 -44.96
CA ASN E 218 34.39 76.25 -46.27
C ASN E 218 34.37 74.74 -46.48
N GLY E 219 35.48 74.09 -46.76
CA GLY E 219 35.45 72.64 -46.94
C GLY E 219 36.17 71.87 -45.84
N GLU E 220 36.00 72.30 -44.59
CA GLU E 220 36.57 71.62 -43.45
C GLU E 220 35.53 71.60 -42.33
N GLU E 221 35.65 70.63 -41.44
CA GLU E 221 34.67 70.42 -40.40
C GLU E 221 35.12 71.12 -39.13
N ILE E 222 34.25 71.98 -38.58
CA ILE E 222 34.57 72.75 -37.39
C ILE E 222 34.37 71.89 -36.15
N VAL E 223 35.14 70.80 -36.02
CA VAL E 223 34.80 69.68 -35.13
C VAL E 223 34.63 70.15 -33.69
N GLN E 224 35.66 70.79 -33.14
CA GLN E 224 35.64 71.24 -31.76
C GLN E 224 34.84 72.52 -31.55
N GLU E 225 34.30 73.12 -32.62
CA GLU E 225 33.49 74.33 -32.53
C GLU E 225 32.02 74.10 -32.89
N ILE E 226 31.57 72.85 -32.99
CA ILE E 226 30.18 72.50 -33.31
C ILE E 226 29.51 71.95 -32.07
N ASP E 227 28.27 72.37 -31.82
CA ASP E 227 27.48 71.94 -30.68
C ASP E 227 26.38 71.00 -31.17
N TYR E 228 26.46 69.73 -30.79
CA TYR E 228 25.55 68.72 -31.30
C TYR E 228 24.36 68.55 -30.37
N GLY E 229 23.16 68.61 -30.94
CA GLY E 229 21.95 68.31 -30.20
C GLY E 229 21.62 66.83 -30.21
N ASP E 230 20.92 66.39 -29.17
CA ASP E 230 20.58 64.99 -29.05
C ASP E 230 19.48 64.58 -30.02
N ILE E 231 19.48 63.30 -30.38
CA ILE E 231 18.40 62.75 -31.16
C ILE E 231 17.24 62.47 -30.23
N LEU E 232 16.11 63.14 -30.46
CA LEU E 232 15.00 63.13 -29.52
C LEU E 232 13.75 62.53 -30.15
N PRO E 233 12.94 61.79 -29.39
CA PRO E 233 11.71 61.24 -29.94
C PRO E 233 10.64 62.31 -29.96
N SER E 234 9.94 62.41 -31.08
CA SER E 234 8.88 63.42 -31.23
C SER E 234 7.54 62.97 -30.67
N GLY E 235 7.36 61.67 -30.43
CA GLY E 235 6.11 61.13 -29.94
C GLY E 235 5.25 60.47 -30.97
N ASP E 236 5.50 60.71 -32.25
CA ASP E 236 4.69 60.13 -33.32
C ASP E 236 5.40 58.98 -34.02
N GLY E 237 6.46 58.44 -33.42
CA GLY E 237 7.27 57.43 -34.05
C GLY E 237 8.48 57.93 -34.79
N THR E 238 8.65 59.25 -34.93
CA THR E 238 9.79 59.79 -35.64
C THR E 238 10.67 60.60 -34.70
N TYR E 239 11.76 61.15 -35.23
CA TYR E 239 12.80 61.76 -34.41
C TYR E 239 13.21 63.11 -34.97
N GLN E 240 13.81 63.92 -34.10
CA GLN E 240 14.28 65.26 -34.45
C GLN E 240 15.62 65.50 -33.78
N ALA E 241 16.37 66.46 -34.30
CA ALA E 241 17.73 66.69 -33.85
C ALA E 241 18.26 67.98 -34.48
N TRP E 242 19.32 68.51 -33.88
CA TRP E 242 19.87 69.75 -34.38
C TRP E 242 21.38 69.80 -34.12
N ALA E 243 22.02 70.80 -34.72
CA ALA E 243 23.44 71.07 -34.51
C ALA E 243 23.65 72.55 -34.75
N SER E 244 24.39 73.19 -33.85
CA SER E 244 24.66 74.62 -33.91
C SER E 244 26.14 74.90 -34.10
N ILE E 245 26.43 75.98 -34.82
CA ILE E 245 27.77 76.53 -34.96
C ILE E 245 27.68 78.02 -34.70
N GLU E 246 28.71 78.59 -34.07
CA GLU E 246 28.72 80.01 -33.73
C GLU E 246 29.42 80.82 -34.83
N LEU E 247 28.80 81.93 -35.22
CA LEU E 247 29.16 82.66 -36.43
C LEU E 247 30.14 83.78 -36.10
N ASP E 248 31.35 83.72 -36.69
CA ASP E 248 32.40 84.70 -36.41
C ASP E 248 32.20 85.99 -37.19
N PRO E 249 31.89 87.11 -36.52
CA PRO E 249 31.61 88.35 -37.26
C PRO E 249 32.88 89.04 -37.73
N GLN E 250 34.01 88.33 -37.71
CA GLN E 250 35.28 88.93 -38.11
C GLN E 250 35.75 88.49 -39.50
N SER E 251 35.17 87.43 -40.07
CA SER E 251 35.54 87.01 -41.43
C SER E 251 34.35 86.35 -42.12
N SER E 252 34.26 86.57 -43.43
CA SER E 252 33.30 85.90 -44.28
C SER E 252 33.67 84.43 -44.44
N ASN E 253 32.70 83.53 -44.27
CA ASN E 253 32.97 82.12 -44.47
C ASN E 253 31.73 81.46 -45.02
N LEU E 254 31.94 80.47 -45.89
CA LEU E 254 30.84 79.64 -46.36
C LEU E 254 30.57 78.58 -45.32
N TYR E 255 29.40 78.62 -44.70
CA TYR E 255 28.97 77.61 -43.74
C TYR E 255 27.93 76.71 -44.41
N SER E 256 28.08 75.39 -44.23
CA SER E 256 27.14 74.45 -44.84
C SER E 256 26.77 73.33 -43.86
N CYS E 257 25.48 73.10 -43.70
CA CYS E 257 25.02 72.00 -42.86
C CYS E 257 24.95 70.72 -43.68
N HIS E 258 25.60 69.67 -43.17
CA HIS E 258 25.66 68.35 -43.79
C HIS E 258 24.88 67.36 -42.93
N VAL E 259 24.00 66.60 -43.56
CA VAL E 259 23.11 65.66 -42.86
C VAL E 259 23.15 64.35 -43.61
N GLU E 260 23.50 63.27 -42.93
CA GLU E 260 23.44 61.95 -43.53
C GLU E 260 22.46 61.09 -42.76
N HIS E 261 21.62 60.36 -43.49
CA HIS E 261 20.56 59.57 -42.86
C HIS E 261 20.17 58.45 -43.81
N SER E 262 20.46 57.22 -43.40
CA SER E 262 20.01 56.02 -44.08
C SER E 262 20.39 56.02 -45.57
N GLY E 263 21.67 56.27 -45.84
CA GLY E 263 22.23 56.12 -47.16
C GLY E 263 22.07 57.32 -48.08
N VAL E 264 21.56 58.44 -47.58
CA VAL E 264 21.33 59.63 -48.39
C VAL E 264 22.00 60.81 -47.69
N HIS E 265 22.79 61.57 -48.44
CA HIS E 265 23.49 62.72 -47.90
C HIS E 265 22.84 64.02 -48.33
N MET E 266 22.82 64.98 -47.43
CA MET E 266 22.15 66.26 -47.63
C MET E 266 23.11 67.38 -47.25
N VAL E 267 23.08 68.46 -48.04
CA VAL E 267 23.89 69.65 -47.79
C VAL E 267 22.99 70.86 -47.91
N LEU E 268 23.03 71.73 -46.91
CA LEU E 268 22.34 73.02 -46.98
C LEU E 268 23.39 74.12 -46.83
N GLN E 269 23.63 74.88 -47.89
CA GLN E 269 24.61 75.96 -47.84
C GLN E 269 23.94 77.23 -47.33
N VAL E 270 24.57 77.86 -46.34
CA VAL E 270 24.09 79.13 -45.82
C VAL E 270 24.90 80.24 -46.45
N MET F 1 28.18 55.03 -4.45
CA MET F 1 27.02 55.01 -5.33
C MET F 1 27.03 56.22 -6.26
N ILE F 2 27.50 56.04 -7.49
CA ILE F 2 27.47 57.11 -8.48
C ILE F 2 26.02 57.28 -8.94
N GLN F 3 25.38 58.34 -8.47
CA GLN F 3 24.03 58.67 -8.90
C GLN F 3 24.11 59.74 -9.99
N ARG F 4 23.26 59.63 -11.00
CA ARG F 4 23.33 60.49 -12.17
C ARG F 4 22.07 61.34 -12.30
N THR F 5 22.27 62.65 -12.40
CA THR F 5 21.15 63.56 -12.49
C THR F 5 20.51 63.50 -13.88
N PRO F 6 19.21 63.71 -13.97
CA PRO F 6 18.54 63.64 -15.27
C PRO F 6 18.81 64.87 -16.14
N LYS F 7 18.98 64.60 -17.44
CA LYS F 7 18.89 65.64 -18.46
C LYS F 7 17.43 65.84 -18.83
N ILE F 8 17.05 67.10 -19.04
CA ILE F 8 15.65 67.49 -19.21
C ILE F 8 15.54 68.32 -20.49
N GLN F 9 14.61 67.95 -21.36
CA GLN F 9 14.50 68.61 -22.64
C GLN F 9 13.04 68.82 -23.00
N VAL F 10 12.69 70.08 -23.26
CA VAL F 10 11.32 70.52 -23.53
C VAL F 10 11.24 71.02 -24.96
N TYR F 11 10.33 70.46 -25.74
CA TYR F 11 10.31 70.70 -27.17
C TYR F 11 8.95 70.22 -27.67
N SER F 12 8.53 70.78 -28.81
CA SER F 12 7.29 70.35 -29.41
C SER F 12 7.55 69.26 -30.44
N ARG F 13 6.51 68.45 -30.68
CA ARG F 13 6.63 67.37 -31.66
C ARG F 13 6.95 67.90 -33.06
N HIS F 14 6.22 68.93 -33.50
CA HIS F 14 6.45 69.62 -34.76
C HIS F 14 6.99 71.02 -34.52
N PRO F 15 7.53 71.66 -35.55
CA PRO F 15 7.79 73.09 -35.48
C PRO F 15 6.54 73.88 -35.09
N ALA F 16 6.62 74.60 -33.98
CA ALA F 16 5.46 75.19 -33.33
C ALA F 16 4.98 76.42 -34.09
N GLU F 17 3.74 76.38 -34.58
CA GLU F 17 3.08 77.56 -35.10
C GLU F 17 2.05 78.06 -34.09
N ASN F 18 1.97 79.36 -33.93
CA ASN F 18 1.10 79.93 -32.90
C ASN F 18 -0.34 79.83 -33.35
N GLY F 19 -1.15 79.11 -32.60
CA GLY F 19 -2.52 78.81 -33.00
C GLY F 19 -2.71 77.47 -33.66
N LYS F 20 -1.70 76.61 -33.67
CA LYS F 20 -1.75 75.33 -34.35
C LYS F 20 -1.49 74.22 -33.33
N SER F 21 -2.46 73.33 -33.19
CA SER F 21 -2.32 72.24 -32.23
C SER F 21 -1.04 71.45 -32.48
N ASN F 22 -0.41 71.05 -31.39
CA ASN F 22 0.91 70.44 -31.40
C ASN F 22 0.98 69.53 -30.18
N PHE F 23 2.12 68.92 -29.96
CA PHE F 23 2.39 68.19 -28.73
C PHE F 23 3.57 68.82 -28.01
N LEU F 24 3.46 68.97 -26.71
CA LEU F 24 4.59 69.43 -25.90
C LEU F 24 5.26 68.23 -25.24
N ASN F 25 6.53 68.02 -25.56
CA ASN F 25 7.29 66.89 -25.07
C ASN F 25 8.21 67.30 -23.92
N CYS F 26 8.38 66.40 -22.97
CA CYS F 26 9.49 66.51 -22.02
C CYS F 26 10.24 65.18 -22.00
N TYR F 27 11.53 65.24 -22.31
CA TYR F 27 12.39 64.08 -22.43
C TYR F 27 13.39 64.13 -21.26
N VAL F 28 13.26 63.16 -20.36
CA VAL F 28 14.09 63.04 -19.17
C VAL F 28 14.97 61.82 -19.38
N SER F 29 16.28 62.02 -19.38
CA SER F 29 17.18 60.97 -19.84
C SER F 29 18.46 60.99 -19.02
N GLY F 30 19.21 59.90 -19.12
CA GLY F 30 20.50 59.76 -18.47
C GLY F 30 20.49 59.70 -16.96
N PHE F 31 19.36 59.44 -16.31
CA PHE F 31 19.32 59.47 -14.86
C PHE F 31 19.49 58.06 -14.26
N HIS F 32 19.93 58.03 -13.01
CA HIS F 32 20.08 56.81 -12.23
C HIS F 32 20.10 57.20 -10.75
N PRO F 33 19.31 56.54 -9.90
CA PRO F 33 18.43 55.41 -10.20
C PRO F 33 17.10 55.80 -10.88
N SER F 34 16.12 54.88 -10.88
CA SER F 34 15.01 55.02 -11.80
C SER F 34 13.82 55.81 -11.26
N ASP F 35 13.72 56.06 -9.97
CA ASP F 35 12.60 56.82 -9.44
C ASP F 35 12.69 58.28 -9.87
N ILE F 36 11.60 58.81 -10.42
CA ILE F 36 11.65 60.15 -10.99
C ILE F 36 10.23 60.71 -11.05
N GLU F 37 10.09 62.00 -10.75
CA GLU F 37 8.81 62.70 -10.81
C GLU F 37 8.85 63.76 -11.91
N VAL F 38 7.83 63.79 -12.76
CA VAL F 38 7.82 64.72 -13.89
C VAL F 38 6.43 65.36 -14.02
N ASP F 39 6.39 66.68 -14.13
CA ASP F 39 5.15 67.40 -14.42
C ASP F 39 5.38 68.42 -15.53
N LEU F 40 4.42 68.50 -16.45
CA LEU F 40 4.37 69.63 -17.37
C LEU F 40 3.61 70.77 -16.72
N LEU F 41 4.20 71.95 -16.75
CA LEU F 41 3.60 73.15 -16.18
C LEU F 41 3.09 74.04 -17.32
N LYS F 42 1.94 74.68 -17.10
CA LYS F 42 1.41 75.67 -18.04
C LYS F 42 1.06 76.92 -17.25
N ASN F 43 1.78 78.00 -17.52
CA ASN F 43 1.62 79.26 -16.80
C ASN F 43 1.81 79.09 -15.29
N GLY F 44 2.53 78.04 -14.89
CA GLY F 44 2.84 77.79 -13.50
C GLY F 44 2.12 76.60 -12.91
N GLU F 45 0.93 76.27 -13.41
CA GLU F 45 0.13 75.17 -12.88
C GLU F 45 0.38 73.89 -13.67
N ARG F 46 0.13 72.76 -13.01
CA ARG F 46 0.44 71.45 -13.57
C ARG F 46 -0.66 71.00 -14.51
N ILE F 47 -0.31 70.77 -15.77
CA ILE F 47 -1.27 70.20 -16.71
C ILE F 47 -1.69 68.82 -16.20
N GLU F 48 -2.97 68.50 -16.39
CA GLU F 48 -3.47 67.26 -15.80
C GLU F 48 -3.44 66.10 -16.79
N LYS F 49 -3.94 66.33 -18.00
CA LYS F 49 -3.94 65.30 -19.05
C LYS F 49 -2.52 65.18 -19.61
N VAL F 50 -1.66 64.49 -18.85
CA VAL F 50 -0.26 64.34 -19.21
C VAL F 50 0.04 62.87 -19.41
N GLU F 51 0.63 62.54 -20.54
CA GLU F 51 0.96 61.17 -20.92
C GLU F 51 2.46 60.93 -20.75
N HIS F 52 2.85 59.65 -20.66
CA HIS F 52 4.27 59.32 -20.55
C HIS F 52 4.53 57.88 -20.97
N SER F 53 5.57 57.68 -21.78
CA SER F 53 5.99 56.35 -22.19
C SER F 53 6.42 55.52 -20.98
N ASP F 54 6.57 54.21 -21.20
CA ASP F 54 7.07 53.36 -20.14
C ASP F 54 8.54 53.66 -19.90
N LEU F 55 8.99 53.40 -18.67
CA LEU F 55 10.40 53.56 -18.35
C LEU F 55 11.24 52.77 -19.34
N SER F 56 12.35 53.36 -19.75
CA SER F 56 13.17 52.80 -20.82
C SER F 56 14.60 52.70 -20.36
N PHE F 57 15.35 51.75 -20.93
CA PHE F 57 16.72 51.43 -20.50
C PHE F 57 17.74 51.78 -21.57
N SER F 58 18.88 52.32 -21.15
CA SER F 58 19.97 52.65 -22.06
C SER F 58 21.13 51.66 -21.89
N LYS F 59 21.94 51.52 -22.94
CA LYS F 59 23.11 50.65 -22.84
C LYS F 59 24.07 51.11 -21.74
N ASP F 60 24.10 52.41 -21.41
CA ASP F 60 24.98 52.84 -20.34
C ASP F 60 24.40 52.63 -18.95
N TRP F 61 23.30 51.88 -18.86
CA TRP F 61 22.59 51.54 -17.64
C TRP F 61 21.73 52.67 -17.09
N SER F 62 21.65 53.83 -17.74
CA SER F 62 20.78 54.89 -17.27
C SER F 62 19.39 54.71 -17.87
N PHE F 63 18.44 55.50 -17.37
CA PHE F 63 17.05 55.42 -17.79
C PHE F 63 16.57 56.67 -18.52
N TYR F 64 15.51 56.51 -19.29
CA TYR F 64 14.93 57.65 -19.99
C TYR F 64 13.42 57.47 -20.08
N LEU F 65 12.73 58.62 -20.19
CA LEU F 65 11.28 58.71 -20.20
C LEU F 65 10.87 59.89 -21.08
N LEU F 66 9.72 59.77 -21.73
CA LEU F 66 9.12 60.85 -22.51
C LEU F 66 7.76 61.22 -21.94
N TYR F 67 7.60 62.48 -21.55
CA TYR F 67 6.32 63.01 -21.06
C TYR F 67 5.78 64.00 -22.08
N TYR F 68 4.50 63.84 -22.44
CA TYR F 68 3.93 64.68 -23.48
C TYR F 68 2.47 65.02 -23.19
N THR F 69 2.02 66.15 -23.73
CA THR F 69 0.62 66.53 -23.68
C THR F 69 0.26 67.38 -24.88
N GLU F 70 -0.99 67.25 -25.32
CA GLU F 70 -1.44 68.01 -26.47
C GLU F 70 -1.70 69.46 -26.09
N PHE F 71 -1.40 70.37 -27.03
CA PHE F 71 -1.54 71.79 -26.75
C PHE F 71 -1.57 72.58 -28.05
N THR F 72 -2.24 73.73 -28.00
CA THR F 72 -2.12 74.73 -29.05
C THR F 72 -1.39 75.94 -28.48
N PRO F 73 -0.11 76.14 -28.84
CA PRO F 73 0.65 77.25 -28.24
C PRO F 73 0.13 78.61 -28.68
N THR F 74 0.06 79.53 -27.73
CA THR F 74 -0.36 80.91 -27.98
C THR F 74 0.77 81.84 -27.59
N GLU F 75 0.76 83.03 -28.21
CA GLU F 75 1.84 83.99 -27.99
C GLU F 75 1.98 84.40 -26.53
N LYS F 76 0.97 84.16 -25.69
CA LYS F 76 1.02 84.56 -24.29
C LYS F 76 1.37 83.42 -23.33
N ASP F 77 1.12 82.17 -23.72
CA ASP F 77 1.20 81.04 -22.80
C ASP F 77 2.64 80.54 -22.66
N GLU F 78 3.08 80.38 -21.42
CA GLU F 78 4.40 79.85 -21.09
C GLU F 78 4.29 78.41 -20.58
N TYR F 79 5.27 77.57 -20.93
CA TYR F 79 5.26 76.17 -20.55
C TYR F 79 6.62 75.74 -20.00
N ALA F 80 6.60 74.74 -19.12
CA ALA F 80 7.82 74.23 -18.55
C ALA F 80 7.64 72.77 -18.18
N CYS F 81 8.76 72.19 -17.75
CA CYS F 81 8.82 70.81 -17.27
C CYS F 81 9.41 70.83 -15.86
N ARG F 82 8.76 70.15 -14.93
CA ARG F 82 9.17 70.13 -13.52
C ARG F 82 9.50 68.71 -13.11
N VAL F 83 10.78 68.46 -12.86
CA VAL F 83 11.31 67.13 -12.58
C VAL F 83 11.88 67.11 -11.17
N ASN F 84 11.71 65.98 -10.47
CA ASN F 84 12.47 65.74 -9.26
C ASN F 84 12.96 64.29 -9.19
N HIS F 85 14.01 64.12 -8.41
CA HIS F 85 14.88 62.96 -8.47
C HIS F 85 15.78 63.00 -7.24
N VAL F 86 16.23 61.82 -6.81
CA VAL F 86 17.05 61.72 -5.62
C VAL F 86 18.28 62.63 -5.69
N THR F 87 18.75 62.93 -6.91
CA THR F 87 19.89 63.81 -7.15
C THR F 87 19.55 65.30 -7.12
N LEU F 88 18.32 65.69 -6.85
CA LEU F 88 17.93 67.10 -6.96
C LEU F 88 17.49 67.60 -5.60
N SER F 89 18.19 68.63 -5.10
CA SER F 89 17.83 69.26 -3.82
C SER F 89 16.38 69.73 -3.84
N GLN F 90 16.04 70.58 -4.80
CA GLN F 90 14.67 71.00 -5.07
C GLN F 90 14.31 70.61 -6.49
N PRO F 91 13.02 70.54 -6.82
CA PRO F 91 12.62 70.28 -8.21
C PRO F 91 13.31 71.26 -9.16
N LYS F 92 13.60 70.77 -10.37
CA LYS F 92 14.23 71.58 -11.40
C LYS F 92 13.23 71.88 -12.50
N ILE F 93 13.13 73.16 -12.88
CA ILE F 93 12.17 73.64 -13.87
C ILE F 93 12.95 74.07 -15.09
N VAL F 94 12.67 73.44 -16.23
CA VAL F 94 13.22 73.85 -17.51
C VAL F 94 12.06 74.38 -18.35
N LYS F 95 12.14 75.65 -18.76
CA LYS F 95 11.05 76.29 -19.51
C LYS F 95 11.22 76.02 -21.00
N TRP F 96 10.08 75.81 -21.68
CA TRP F 96 10.09 75.51 -23.11
C TRP F 96 10.72 76.64 -23.91
N ASP F 97 11.36 76.27 -25.01
CA ASP F 97 11.85 77.19 -26.05
C ASP F 97 12.93 78.12 -25.52
N GLY G 1 11.21 22.02 -30.20
CA GLY G 1 11.24 21.43 -31.52
C GLY G 1 10.17 20.40 -31.83
N GLN G 2 10.55 19.34 -32.55
CA GLN G 2 9.60 18.29 -32.91
C GLN G 2 10.09 16.88 -32.63
N ASN G 3 11.31 16.55 -33.05
CA ASN G 3 11.65 15.14 -33.15
C ASN G 3 13.05 14.85 -32.64
N ILE G 4 13.16 13.83 -31.78
CA ILE G 4 14.43 13.22 -31.41
C ILE G 4 14.37 11.75 -31.79
N ASP G 5 15.50 11.22 -32.27
CA ASP G 5 15.53 9.83 -32.70
C ASP G 5 16.81 9.18 -32.22
N GLN G 6 16.65 7.97 -31.71
CA GLN G 6 17.79 7.21 -31.22
C GLN G 6 17.41 5.75 -31.24
N PRO G 7 18.36 4.86 -31.52
CA PRO G 7 18.01 3.47 -31.76
C PRO G 7 17.41 2.84 -30.50
N THR G 8 16.56 1.84 -30.74
CA THR G 8 15.83 1.19 -29.67
C THR G 8 16.75 0.37 -28.76
N GLU G 9 17.58 -0.49 -29.36
CA GLU G 9 18.52 -1.35 -28.64
C GLU G 9 19.86 -1.38 -29.34
N MET G 10 20.88 -1.67 -28.56
CA MET G 10 22.22 -2.00 -29.06
C MET G 10 22.80 -3.10 -28.18
N THR G 11 23.58 -4.00 -28.78
CA THR G 11 24.26 -5.07 -28.08
C THR G 11 25.73 -5.08 -28.45
N ALA G 12 26.60 -5.11 -27.43
CA ALA G 12 28.04 -5.16 -27.63
C ALA G 12 28.64 -6.09 -26.58
N THR G 13 29.91 -6.43 -26.78
CA THR G 13 30.63 -7.38 -25.94
C THR G 13 31.42 -6.64 -24.87
N GLU G 14 31.45 -7.20 -23.66
CA GLU G 14 32.36 -6.75 -22.61
C GLU G 14 33.75 -6.48 -23.16
N GLY G 15 34.29 -5.30 -22.83
CA GLY G 15 35.64 -4.95 -23.22
C GLY G 15 35.75 -4.08 -24.45
N ALA G 16 34.66 -3.86 -25.17
CA ALA G 16 34.73 -3.23 -26.47
C ALA G 16 34.12 -1.81 -26.41
N ILE G 17 33.83 -1.24 -27.59
CA ILE G 17 33.43 0.15 -27.72
C ILE G 17 32.07 0.20 -28.38
N VAL G 18 31.18 1.04 -27.86
CA VAL G 18 29.87 1.24 -28.46
C VAL G 18 29.60 2.74 -28.63
N GLN G 19 28.91 3.08 -29.72
CA GLN G 19 28.61 4.47 -30.08
C GLN G 19 27.10 4.63 -30.26
N ILE G 20 26.47 5.37 -29.35
CA ILE G 20 25.01 5.48 -29.31
C ILE G 20 24.61 6.80 -29.96
N ASN G 21 23.78 6.72 -30.99
CA ASN G 21 23.46 7.83 -31.85
C ASN G 21 22.21 8.57 -31.39
N CYS G 22 22.21 9.88 -31.58
CA CYS G 22 21.03 10.70 -31.35
C CYS G 22 20.95 11.80 -32.42
N THR G 23 19.83 11.90 -33.11
CA THR G 23 19.61 13.01 -34.02
C THR G 23 18.35 13.76 -33.62
N TYR G 24 18.31 15.05 -33.92
CA TYR G 24 17.20 15.89 -33.49
C TYR G 24 16.89 16.94 -34.57
N GLN G 25 15.62 17.12 -34.86
CA GLN G 25 15.13 18.31 -35.54
C GLN G 25 14.33 19.11 -34.54
N THR G 26 14.86 20.28 -34.17
CA THR G 26 14.20 21.12 -33.18
C THR G 26 14.07 22.53 -33.71
N SER G 27 13.32 23.34 -32.98
CA SER G 27 13.21 24.78 -33.21
C SER G 27 14.05 25.47 -32.13
N GLY G 28 15.19 26.00 -32.54
CA GLY G 28 16.17 26.48 -31.60
C GLY G 28 16.93 25.33 -30.96
N PHE G 29 18.08 25.66 -30.41
CA PHE G 29 18.93 24.65 -29.80
C PHE G 29 19.69 25.30 -28.67
N ASN G 30 19.43 24.88 -27.45
CA ASN G 30 20.14 25.39 -26.30
C ASN G 30 20.87 24.27 -25.58
N GLY G 31 21.15 23.16 -26.27
CA GLY G 31 21.98 22.12 -25.70
C GLY G 31 21.40 20.72 -25.71
N LEU G 32 22.31 19.75 -25.63
CA LEU G 32 21.98 18.33 -25.71
C LEU G 32 22.51 17.61 -24.48
N PHE G 33 21.65 16.84 -23.83
CA PHE G 33 22.00 16.12 -22.62
C PHE G 33 22.00 14.63 -22.90
N TRP G 34 22.87 13.89 -22.21
CA TRP G 34 22.77 12.44 -22.15
C TRP G 34 22.49 12.04 -20.71
N TYR G 35 21.52 11.14 -20.51
CA TYR G 35 21.21 10.60 -19.19
C TYR G 35 21.33 9.09 -19.20
N GLN G 36 21.74 8.52 -18.07
CA GLN G 36 21.80 7.09 -17.87
C GLN G 36 20.63 6.65 -17.01
N GLN G 37 20.03 5.54 -17.37
CA GLN G 37 18.94 4.99 -16.58
C GLN G 37 19.10 3.46 -16.50
N HIS G 38 19.39 2.97 -15.31
CA HIS G 38 19.39 1.54 -15.04
C HIS G 38 17.97 1.04 -14.83
N ALA G 39 17.71 -0.18 -15.33
CA ALA G 39 16.39 -0.77 -15.23
C ALA G 39 15.83 -0.64 -13.82
N GLY G 40 14.61 -0.11 -13.71
CA GLY G 40 13.97 0.10 -12.43
C GLY G 40 14.49 1.26 -11.62
N GLU G 41 15.44 2.04 -12.13
CA GLU G 41 16.10 3.11 -11.39
C GLU G 41 15.75 4.48 -11.96
N ALA G 42 16.23 5.52 -11.28
CA ALA G 42 16.09 6.91 -11.74
C ALA G 42 17.13 7.25 -12.81
N PRO G 43 16.77 8.12 -13.75
CA PRO G 43 17.77 8.64 -14.69
C PRO G 43 18.73 9.61 -14.01
N THR G 44 19.99 9.57 -14.46
CA THR G 44 21.04 10.43 -13.90
C THR G 44 21.85 11.04 -15.02
N PHE G 45 22.34 12.25 -14.74
CA PHE G 45 23.00 13.08 -15.73
C PHE G 45 24.37 12.51 -16.09
N LEU G 46 24.63 12.35 -17.38
CA LEU G 46 25.94 11.91 -17.86
C LEU G 46 26.76 13.04 -18.48
N SER G 47 26.21 13.80 -19.44
CA SER G 47 27.01 14.79 -20.15
C SER G 47 26.11 15.82 -20.82
N TYR G 48 26.72 16.96 -21.17
CA TYR G 48 26.09 18.08 -21.84
C TYR G 48 27.01 18.56 -22.96
N ASN G 49 26.44 18.87 -24.12
CA ASN G 49 27.20 19.45 -25.22
C ASN G 49 26.39 20.57 -25.81
N VAL G 50 27.02 21.72 -26.06
CA VAL G 50 26.25 22.80 -26.66
C VAL G 50 27.00 23.42 -27.84
N LEU G 51 28.33 23.40 -27.80
CA LEU G 51 29.15 23.74 -28.97
C LEU G 51 29.60 22.48 -29.67
N ASP G 52 30.11 22.64 -30.89
CA ASP G 52 30.51 21.48 -31.68
C ASP G 52 31.80 20.90 -31.14
N GLY G 53 31.95 19.59 -31.27
CA GLY G 53 33.19 18.96 -30.88
C GLY G 53 32.96 17.81 -29.93
N LEU G 54 34.06 17.27 -29.44
CA LEU G 54 34.07 16.08 -28.60
C LEU G 54 34.44 16.45 -27.16
N GLU G 55 33.74 15.87 -26.19
CA GLU G 55 34.02 16.11 -24.78
C GLU G 55 34.15 14.76 -24.07
N GLU G 56 35.31 14.52 -23.45
CA GLU G 56 35.64 13.25 -22.82
C GLU G 56 35.56 13.36 -21.31
N LYS G 57 34.87 12.41 -20.69
CA LYS G 57 34.74 12.34 -19.22
C LYS G 57 34.91 10.87 -18.85
N GLY G 58 36.15 10.46 -18.61
CA GLY G 58 36.43 9.07 -18.29
C GLY G 58 36.21 8.12 -19.47
N ARG G 59 35.74 6.93 -19.15
CA ARG G 59 35.47 5.91 -20.15
C ARG G 59 34.43 6.34 -21.18
N PHE G 60 33.76 7.48 -20.97
CA PHE G 60 32.67 7.97 -21.81
C PHE G 60 33.09 9.27 -22.50
N SER G 61 32.47 9.52 -23.65
CA SER G 61 32.68 10.74 -24.43
C SER G 61 31.38 11.09 -25.10
N SER G 62 31.18 12.39 -25.32
CA SER G 62 30.02 12.80 -26.09
C SER G 62 30.45 13.81 -27.14
N PHE G 63 29.87 13.66 -28.32
CA PHE G 63 30.16 14.48 -29.47
C PHE G 63 28.92 15.25 -29.87
N LEU G 64 29.09 16.46 -30.40
CA LEU G 64 27.99 17.24 -30.93
C LEU G 64 28.35 17.84 -32.29
N SER G 65 27.40 17.82 -33.22
CA SER G 65 27.46 18.56 -34.48
C SER G 65 26.17 19.36 -34.66
N ARG G 66 26.20 20.66 -34.38
CA ARG G 66 24.99 21.47 -34.48
C ARG G 66 24.51 21.56 -35.92
N SER G 67 25.46 21.64 -36.87
CA SER G 67 25.07 21.74 -38.27
C SER G 67 24.30 20.50 -38.72
N LYS G 68 24.74 19.32 -38.30
CA LYS G 68 24.11 18.07 -38.71
C LYS G 68 22.96 17.65 -37.79
N GLY G 69 22.78 18.32 -36.65
CA GLY G 69 21.77 17.95 -35.69
C GLY G 69 21.97 16.54 -35.19
N TYR G 70 23.16 16.28 -34.64
CA TYR G 70 23.62 14.91 -34.44
C TYR G 70 24.54 14.87 -33.23
N SER G 71 24.39 13.82 -32.43
CA SER G 71 25.29 13.62 -31.29
C SER G 71 25.49 12.13 -31.09
N TYR G 72 26.60 11.76 -30.44
CA TYR G 72 26.75 10.39 -30.01
C TYR G 72 27.39 10.35 -28.64
N LEU G 73 27.04 9.30 -27.89
CA LEU G 73 27.66 8.95 -26.63
C LEU G 73 28.54 7.74 -26.91
N LEU G 74 29.82 7.86 -26.59
CA LEU G 74 30.84 6.83 -26.84
C LEU G 74 31.20 6.18 -25.51
N LEU G 75 30.97 4.90 -25.38
CA LEU G 75 31.37 4.17 -24.18
C LEU G 75 32.56 3.29 -24.52
N LYS G 76 33.68 3.52 -23.87
CA LYS G 76 34.86 2.68 -24.06
C LYS G 76 34.98 1.66 -22.93
N GLU G 77 35.72 0.59 -23.21
CA GLU G 77 36.10 -0.42 -22.23
C GLU G 77 34.89 -0.91 -21.44
N LEU G 78 33.92 -1.44 -22.19
CA LEU G 78 32.59 -1.72 -21.67
C LEU G 78 32.64 -2.72 -20.52
N GLN G 79 31.90 -2.40 -19.47
CA GLN G 79 31.70 -3.28 -18.34
C GLN G 79 30.23 -3.68 -18.25
N MET G 80 29.95 -4.78 -17.57
CA MET G 80 28.57 -5.19 -17.39
C MET G 80 27.74 -4.08 -16.77
N LYS G 81 28.33 -3.27 -15.88
CA LYS G 81 27.55 -2.24 -15.20
C LYS G 81 27.13 -1.11 -16.13
N ASP G 82 27.59 -1.13 -17.39
CA ASP G 82 27.12 -0.16 -18.37
C ASP G 82 25.81 -0.58 -19.01
N SER G 83 25.31 -1.78 -18.71
CA SER G 83 23.98 -2.21 -19.17
C SER G 83 22.94 -1.29 -18.55
N ALA G 84 22.28 -0.51 -19.38
CA ALA G 84 21.31 0.50 -18.94
C ALA G 84 20.64 1.02 -20.20
N SER G 85 19.69 1.93 -20.01
CA SER G 85 19.22 2.76 -21.10
C SER G 85 19.92 4.12 -21.10
N TYR G 86 20.14 4.64 -22.28
CA TYR G 86 20.81 5.92 -22.43
C TYR G 86 19.82 6.85 -23.11
N LEU G 87 19.41 7.88 -22.37
CA LEU G 87 18.40 8.84 -22.82
C LEU G 87 19.07 10.09 -23.38
N CYS G 88 18.65 10.47 -24.58
CA CYS G 88 19.10 11.67 -25.24
C CYS G 88 18.02 12.75 -25.10
N ALA G 89 18.42 13.97 -24.72
CA ALA G 89 17.45 15.04 -24.56
C ALA G 89 18.01 16.35 -25.08
N VAL G 90 17.15 17.17 -25.69
CA VAL G 90 17.57 18.41 -26.33
C VAL G 90 16.74 19.56 -25.75
N LYS G 91 17.43 20.65 -25.40
CA LYS G 91 16.78 21.86 -24.91
C LYS G 91 16.46 22.73 -26.13
N ASP G 92 15.16 23.05 -26.35
CA ASP G 92 14.76 23.77 -27.55
C ASP G 92 14.83 25.28 -27.29
N SER G 93 14.25 26.09 -28.19
CA SER G 93 14.47 27.53 -28.11
C SER G 93 13.73 28.18 -26.96
N ASN G 94 12.70 27.53 -26.42
CA ASN G 94 12.05 28.03 -25.21
C ASN G 94 12.49 27.24 -23.99
N TYR G 95 13.67 26.62 -24.06
CA TYR G 95 14.31 25.90 -22.97
C TYR G 95 13.49 24.70 -22.51
N GLN G 96 12.52 24.27 -23.31
CA GLN G 96 11.79 23.03 -23.06
C GLN G 96 12.60 21.83 -23.54
N LEU G 97 12.72 20.82 -22.69
CA LEU G 97 13.45 19.61 -23.04
C LEU G 97 12.59 18.72 -23.91
N ILE G 98 13.19 18.15 -24.94
CA ILE G 98 12.55 17.11 -25.73
C ILE G 98 13.39 15.85 -25.60
N TRP G 99 12.71 14.73 -25.33
CA TRP G 99 13.33 13.52 -24.82
C TRP G 99 13.31 12.43 -25.87
N GLY G 100 14.46 11.85 -26.16
CA GLY G 100 14.49 10.61 -26.90
C GLY G 100 13.81 9.48 -26.12
N ALA G 101 13.37 8.47 -26.88
CA ALA G 101 12.77 7.30 -26.26
C ALA G 101 13.82 6.38 -25.62
N GLY G 102 15.10 6.66 -25.81
CA GLY G 102 16.07 5.88 -25.07
C GLY G 102 16.65 4.72 -25.88
N THR G 103 17.89 4.39 -25.58
CA THR G 103 18.57 3.26 -26.17
C THR G 103 18.95 2.30 -25.05
N LYS G 104 18.35 1.10 -25.06
CA LYS G 104 18.76 0.03 -24.15
C LYS G 104 20.05 -0.61 -24.63
N LEU G 105 21.11 -0.50 -23.83
CA LEU G 105 22.39 -1.12 -24.15
C LEU G 105 22.50 -2.46 -23.41
N ILE G 106 22.70 -3.54 -24.16
CA ILE G 106 22.89 -4.88 -23.60
C ILE G 106 24.36 -5.25 -23.77
N ILE G 107 25.00 -5.72 -22.69
CA ILE G 107 26.41 -6.07 -22.71
C ILE G 107 26.54 -7.59 -22.67
N LYS G 108 27.26 -8.13 -23.63
CA LYS G 108 27.50 -9.56 -23.56
C LYS G 108 28.77 -9.82 -22.75
N PRO G 109 28.70 -10.65 -21.72
CA PRO G 109 29.90 -10.95 -20.93
C PRO G 109 30.90 -11.79 -21.72
N ASP G 110 32.17 -11.64 -21.38
CA ASP G 110 33.20 -12.46 -21.98
C ASP G 110 33.38 -13.72 -21.13
N ILE G 111 32.86 -14.85 -21.62
CA ILE G 111 33.01 -16.13 -20.92
C ILE G 111 34.26 -16.83 -21.46
N GLN G 112 35.33 -16.82 -20.67
CA GLN G 112 36.56 -17.42 -21.13
C GLN G 112 36.61 -18.93 -20.93
N ASN G 113 35.81 -19.50 -20.02
CA ASN G 113 35.80 -20.94 -19.76
C ASN G 113 34.39 -21.52 -19.83
N PRO G 114 33.80 -21.57 -21.02
CA PRO G 114 32.44 -22.10 -21.13
C PRO G 114 32.41 -23.56 -20.72
N ASP G 115 31.28 -23.97 -20.14
CA ASP G 115 31.00 -25.31 -19.66
C ASP G 115 29.50 -25.55 -19.71
N PRO G 116 28.87 -25.45 -20.88
CA PRO G 116 27.40 -25.50 -20.95
C PRO G 116 26.82 -26.79 -20.39
N ALA G 117 25.71 -26.65 -19.67
CA ALA G 117 25.13 -27.80 -18.99
C ALA G 117 23.68 -27.48 -18.59
N VAL G 118 22.84 -28.52 -18.57
CA VAL G 118 21.46 -28.40 -18.10
C VAL G 118 21.31 -29.28 -16.87
N TYR G 119 21.02 -28.67 -15.73
CA TYR G 119 20.95 -29.37 -14.46
C TYR G 119 19.52 -29.44 -13.95
N GLN G 120 19.19 -30.55 -13.32
CA GLN G 120 17.90 -30.71 -12.64
C GLN G 120 18.03 -30.25 -11.20
N LEU G 121 17.33 -29.19 -10.83
CA LEU G 121 17.34 -28.77 -9.43
C LEU G 121 16.43 -29.65 -8.58
N ARG G 122 16.72 -29.67 -7.28
CA ARG G 122 15.94 -30.47 -6.35
C ARG G 122 14.53 -29.90 -6.22
N ASP G 123 13.54 -30.79 -6.19
CA ASP G 123 12.17 -30.34 -5.94
C ASP G 123 12.10 -29.63 -4.60
N SER G 124 11.21 -28.64 -4.52
CA SER G 124 10.76 -28.13 -3.23
C SER G 124 9.61 -29.01 -2.73
N LYS G 125 9.50 -29.12 -1.41
CA LYS G 125 8.33 -29.85 -0.94
C LYS G 125 7.07 -28.99 -0.90
N SER G 126 7.15 -27.71 -1.29
CA SER G 126 6.01 -26.80 -1.28
C SER G 126 5.64 -26.34 -2.67
N SER G 127 5.97 -27.12 -3.68
CA SER G 127 5.64 -26.74 -5.05
C SER G 127 5.55 -27.99 -5.89
N ASP G 128 4.65 -27.96 -6.87
CA ASP G 128 4.57 -29.03 -7.86
C ASP G 128 5.40 -28.75 -9.11
N LYS G 129 6.17 -27.67 -9.12
CA LYS G 129 7.02 -27.38 -10.25
C LYS G 129 8.28 -28.25 -10.23
N SER G 130 8.75 -28.64 -11.41
CA SER G 130 10.13 -29.12 -11.57
C SER G 130 10.92 -28.08 -12.36
N VAL G 131 12.17 -27.83 -11.94
CA VAL G 131 12.98 -26.71 -12.39
C VAL G 131 14.29 -27.21 -13.01
N CYS G 132 14.61 -26.72 -14.21
CA CYS G 132 15.87 -27.04 -14.89
C CYS G 132 16.67 -25.77 -15.15
N LEU G 133 17.98 -25.85 -15.01
CA LEU G 133 18.88 -24.71 -15.14
C LEU G 133 19.87 -24.99 -16.26
N PHE G 134 19.85 -24.13 -17.27
CA PHE G 134 20.82 -24.12 -18.36
C PHE G 134 21.84 -23.04 -18.00
N THR G 135 23.11 -23.44 -17.85
CA THR G 135 24.10 -22.56 -17.27
C THR G 135 25.48 -22.80 -17.86
N ASP G 136 26.33 -21.76 -17.75
CA ASP G 136 27.76 -21.80 -18.02
C ASP G 136 28.07 -21.82 -19.50
N PHE G 137 27.12 -21.41 -20.33
CA PHE G 137 27.33 -21.30 -21.77
C PHE G 137 27.85 -19.92 -22.14
N ASP G 138 28.58 -19.84 -23.26
CA ASP G 138 29.14 -18.56 -23.67
C ASP G 138 28.05 -17.67 -24.27
N SER G 139 28.36 -16.38 -24.41
CA SER G 139 27.31 -15.41 -24.67
C SER G 139 26.75 -15.46 -26.08
N GLN G 140 27.35 -16.24 -26.98
CA GLN G 140 26.80 -16.37 -28.33
C GLN G 140 25.44 -17.07 -28.33
N THR G 141 25.22 -17.96 -27.37
CA THR G 141 23.98 -18.72 -27.30
C THR G 141 22.76 -17.83 -27.01
N ASN G 142 21.64 -18.11 -27.69
CA ASN G 142 20.36 -17.48 -27.39
C ASN G 142 19.37 -18.50 -26.83
N VAL G 143 18.52 -18.03 -25.92
CA VAL G 143 17.51 -18.87 -25.26
C VAL G 143 16.14 -18.44 -25.77
N SER G 144 15.47 -19.33 -26.48
CA SER G 144 14.15 -19.01 -27.01
C SER G 144 13.05 -19.53 -26.09
N GLN G 145 11.91 -18.87 -26.17
CA GLN G 145 10.82 -19.19 -25.27
C GLN G 145 10.20 -20.53 -25.63
N SER G 146 9.42 -21.06 -24.71
CA SER G 146 8.89 -22.40 -24.86
C SER G 146 7.87 -22.49 -25.98
N LYS G 147 7.85 -23.65 -26.63
CA LYS G 147 6.79 -23.97 -27.58
C LYS G 147 5.55 -24.57 -26.91
N ASP G 148 5.64 -24.99 -25.65
CA ASP G 148 4.53 -25.56 -24.90
C ASP G 148 3.96 -24.54 -23.92
N SER G 149 2.63 -24.43 -23.89
CA SER G 149 1.93 -23.42 -23.10
C SER G 149 2.07 -23.62 -21.60
N ASP G 150 2.51 -24.80 -21.16
CA ASP G 150 2.67 -25.11 -19.74
C ASP G 150 4.11 -25.33 -19.35
N VAL G 151 5.05 -24.97 -20.24
CA VAL G 151 6.46 -24.84 -19.91
C VAL G 151 6.78 -23.36 -19.90
N TYR G 152 7.57 -22.93 -18.94
CA TYR G 152 7.96 -21.54 -18.78
C TYR G 152 9.47 -21.44 -18.81
N ILE G 153 10.01 -20.59 -19.69
CA ILE G 153 11.45 -20.42 -19.86
C ILE G 153 11.77 -18.94 -19.79
N THR G 154 12.68 -18.58 -18.91
CA THR G 154 13.16 -17.22 -18.75
C THR G 154 14.35 -16.98 -19.68
N ASP G 155 14.70 -15.72 -19.84
CA ASP G 155 15.80 -15.40 -20.75
C ASP G 155 17.14 -15.41 -20.00
N LYS G 156 18.21 -15.39 -20.78
CA LYS G 156 19.57 -15.28 -20.28
C LYS G 156 19.69 -14.23 -19.19
N CYS G 157 20.43 -14.57 -18.15
CA CYS G 157 20.77 -13.65 -17.08
C CYS G 157 22.24 -13.89 -16.72
N VAL G 158 23.00 -12.81 -16.52
CA VAL G 158 24.41 -12.88 -16.16
C VAL G 158 24.56 -12.67 -14.66
N LEU G 159 25.20 -13.60 -13.96
CA LEU G 159 25.51 -13.37 -12.56
C LEU G 159 27.01 -13.30 -12.34
N ASP G 160 27.40 -12.57 -11.30
CA ASP G 160 28.80 -12.28 -11.01
C ASP G 160 29.10 -12.74 -9.58
N MET G 161 29.86 -13.82 -9.44
CA MET G 161 30.42 -14.22 -8.16
C MET G 161 31.65 -13.36 -7.91
N ARG G 162 31.43 -12.22 -7.24
CA ARG G 162 32.43 -11.17 -7.21
C ARG G 162 33.72 -11.64 -6.54
N SER G 163 33.59 -12.42 -5.45
CA SER G 163 34.80 -12.81 -4.71
C SER G 163 35.68 -13.74 -5.52
N MET G 164 35.08 -14.50 -6.44
CA MET G 164 35.79 -15.48 -7.24
C MET G 164 36.10 -14.97 -8.64
N ASP G 165 35.84 -13.70 -8.90
CA ASP G 165 36.01 -13.07 -10.21
C ASP G 165 35.50 -14.01 -11.32
N PHE G 166 34.21 -14.32 -11.24
CA PHE G 166 33.60 -15.33 -12.08
C PHE G 166 32.24 -14.83 -12.55
N LYS G 167 31.95 -15.02 -13.84
CA LYS G 167 30.70 -14.61 -14.44
C LYS G 167 30.09 -15.80 -15.17
N SER G 168 28.76 -15.92 -15.13
CA SER G 168 28.12 -17.01 -15.86
C SER G 168 26.73 -16.62 -16.31
N ASN G 169 26.37 -17.08 -17.51
CA ASN G 169 25.01 -17.01 -18.02
C ASN G 169 24.17 -18.16 -17.47
N SER G 170 22.87 -17.91 -17.33
CA SER G 170 21.93 -18.98 -17.03
C SER G 170 20.51 -18.59 -17.45
N ALA G 171 19.72 -19.62 -17.74
CA ALA G 171 18.31 -19.49 -18.02
C ALA G 171 17.60 -20.61 -17.26
N VAL G 172 16.34 -20.37 -16.92
CA VAL G 172 15.58 -21.30 -16.08
C VAL G 172 14.35 -21.76 -16.85
N ALA G 173 14.03 -23.05 -16.68
CA ALA G 173 12.85 -23.65 -17.28
C ALA G 173 12.12 -24.44 -16.20
N TRP G 174 10.80 -24.30 -16.17
CA TRP G 174 10.05 -25.03 -15.15
C TRP G 174 8.69 -25.40 -15.68
N SER G 175 8.12 -26.45 -15.09
CA SER G 175 6.81 -26.87 -15.57
C SER G 175 6.09 -27.69 -14.51
N ASN G 176 4.79 -27.76 -14.71
CA ASN G 176 3.85 -28.53 -13.94
C ASN G 176 3.64 -29.93 -14.49
N LYS G 177 3.84 -30.10 -15.80
CA LYS G 177 3.37 -31.28 -16.50
C LYS G 177 4.26 -32.47 -16.18
N SER G 178 3.64 -33.66 -16.17
CA SER G 178 4.36 -34.87 -15.80
C SER G 178 5.34 -35.31 -16.88
N ASP G 179 5.14 -34.89 -18.12
CA ASP G 179 6.05 -35.23 -19.22
C ASP G 179 7.29 -34.35 -19.25
N PHE G 180 7.41 -33.37 -18.34
CA PHE G 180 8.53 -32.43 -18.36
C PHE G 180 9.82 -33.10 -17.88
N ALA G 181 10.88 -32.96 -18.66
CA ALA G 181 12.20 -33.47 -18.32
C ALA G 181 13.27 -32.47 -18.77
N CYS G 182 14.34 -32.38 -17.99
CA CYS G 182 15.43 -31.47 -18.31
C CYS G 182 16.06 -31.82 -19.66
N ALA G 183 16.15 -33.12 -19.98
CA ALA G 183 16.66 -33.53 -21.28
C ALA G 183 15.88 -32.95 -22.46
N ASN G 184 14.61 -32.57 -22.24
CA ASN G 184 13.75 -32.03 -23.29
C ASN G 184 13.34 -30.58 -23.03
N ALA G 185 13.86 -29.95 -21.98
CA ALA G 185 13.34 -28.65 -21.56
C ALA G 185 13.64 -27.55 -22.58
N PHE G 186 14.87 -27.49 -23.11
CA PHE G 186 15.30 -26.43 -24.01
C PHE G 186 15.39 -26.90 -25.46
N ASN G 187 14.61 -27.92 -25.83
CA ASN G 187 14.66 -28.41 -27.22
C ASN G 187 14.35 -27.33 -28.23
N ASN G 188 13.69 -26.26 -27.80
CA ASN G 188 13.31 -25.21 -28.74
C ASN G 188 14.44 -24.20 -28.96
N SER G 189 15.46 -24.21 -28.11
CA SER G 189 16.65 -23.40 -28.29
C SER G 189 17.73 -24.18 -29.03
N ILE G 190 18.67 -23.44 -29.61
CA ILE G 190 19.86 -24.00 -30.22
C ILE G 190 20.97 -23.87 -29.19
N ILE G 191 21.33 -24.99 -28.58
CA ILE G 191 22.26 -25.00 -27.45
C ILE G 191 23.58 -25.60 -27.92
N PRO G 192 24.68 -25.39 -27.20
CA PRO G 192 25.97 -25.96 -27.62
C PRO G 192 25.92 -27.48 -27.79
N GLU G 193 26.61 -27.96 -28.82
CA GLU G 193 26.67 -29.40 -29.13
C GLU G 193 27.07 -30.23 -27.92
N ASP G 194 28.05 -29.74 -27.16
CA ASP G 194 28.62 -30.49 -26.06
C ASP G 194 28.01 -30.09 -24.72
N THR G 195 26.73 -29.73 -24.71
CA THR G 195 26.09 -29.38 -23.46
C THR G 195 26.04 -30.61 -22.56
N PHE G 196 26.52 -30.47 -21.34
CA PHE G 196 26.51 -31.55 -20.37
C PHE G 196 25.07 -31.83 -19.88
N PHE G 197 24.64 -33.09 -19.99
CA PHE G 197 23.33 -33.53 -19.52
C PHE G 197 23.51 -34.65 -18.50
N PRO G 198 23.67 -34.33 -17.21
CA PRO G 198 23.88 -35.39 -16.20
C PRO G 198 22.73 -36.38 -16.20
N SER G 199 23.07 -37.62 -15.99
CA SER G 199 22.07 -38.68 -16.11
C SER G 199 21.11 -38.67 -14.91
N PRO G 200 19.81 -38.94 -15.16
CA PRO G 200 18.74 -39.09 -14.16
C PRO G 200 19.11 -39.95 -12.95
N ASN H 1 21.39 15.87 1.01
CA ASN H 1 21.78 14.56 1.52
C ASN H 1 20.90 13.47 0.94
N ALA H 2 19.58 13.60 1.10
CA ALA H 2 18.63 12.60 0.63
C ALA H 2 18.41 12.68 -0.88
N GLY H 3 18.50 13.88 -1.47
CA GLY H 3 18.28 14.06 -2.90
C GLY H 3 16.85 14.44 -3.17
N VAL H 4 16.23 13.73 -4.11
CA VAL H 4 14.81 13.90 -4.44
C VAL H 4 14.11 12.62 -4.01
N THR H 5 13.16 12.73 -3.09
CA THR H 5 12.51 11.55 -2.52
C THR H 5 11.02 11.63 -2.77
N GLN H 6 10.49 10.67 -3.54
CA GLN H 6 9.08 10.67 -3.87
C GLN H 6 8.42 9.40 -3.34
N THR H 7 7.16 9.52 -2.95
CA THR H 7 6.39 8.41 -2.42
C THR H 7 5.03 8.39 -3.09
N PRO H 8 4.41 7.20 -3.24
CA PRO H 8 4.93 5.87 -2.88
C PRO H 8 5.69 5.25 -4.03
N LYS H 9 6.40 4.12 -3.84
CA LYS H 9 7.05 3.55 -5.02
C LYS H 9 6.08 2.73 -5.86
N PHE H 10 5.03 2.16 -5.26
CA PHE H 10 4.04 1.40 -6.00
C PHE H 10 2.63 1.76 -5.55
N GLN H 11 1.71 1.69 -6.49
CA GLN H 11 0.31 1.89 -6.16
C GLN H 11 -0.53 1.19 -7.21
N VAL H 12 -1.46 0.36 -6.75
CA VAL H 12 -2.52 -0.17 -7.60
C VAL H 12 -3.76 0.66 -7.31
N LEU H 13 -4.52 0.97 -8.35
CA LEU H 13 -5.69 1.84 -8.20
C LEU H 13 -6.85 1.25 -8.99
N LYS H 14 -8.07 1.56 -8.53
CA LYS H 14 -9.27 1.26 -9.29
C LYS H 14 -9.62 2.45 -10.18
N THR H 15 -10.17 2.14 -11.36
CA THR H 15 -10.71 3.19 -12.21
C THR H 15 -11.61 4.10 -11.39
N GLY H 16 -11.38 5.40 -11.48
CA GLY H 16 -12.18 6.39 -10.78
C GLY H 16 -11.63 6.81 -9.44
N GLN H 17 -10.54 6.20 -8.98
CA GLN H 17 -10.02 6.50 -7.66
C GLN H 17 -9.00 7.63 -7.72
N SER H 18 -8.87 8.36 -6.61
CA SER H 18 -7.93 9.45 -6.48
C SER H 18 -6.59 8.97 -5.91
N MET H 19 -5.60 9.85 -5.99
CA MET H 19 -4.25 9.48 -5.61
C MET H 19 -3.37 10.73 -5.60
N THR H 20 -2.62 10.93 -4.52
CA THR H 20 -1.63 12.00 -4.47
C THR H 20 -0.23 11.40 -4.34
N LEU H 21 0.67 11.81 -5.23
CA LEU H 21 2.08 11.46 -5.17
C LEU H 21 2.87 12.60 -4.53
N GLN H 22 3.66 12.29 -3.53
CA GLN H 22 4.49 13.27 -2.85
C GLN H 22 5.82 13.41 -3.56
N CYS H 23 6.42 14.58 -3.44
CA CYS H 23 7.81 14.73 -3.86
C CYS H 23 8.45 15.83 -3.05
N ALA H 24 9.64 15.58 -2.54
CA ALA H 24 10.39 16.59 -1.80
C ALA H 24 11.86 16.50 -2.18
N GLN H 25 12.50 17.65 -2.32
CA GLN H 25 13.92 17.74 -2.62
C GLN H 25 14.58 18.52 -1.51
N ASP H 26 15.70 18.01 -1.00
CA ASP H 26 16.41 18.64 0.10
C ASP H 26 17.63 19.42 -0.38
N MET H 27 17.64 19.82 -1.64
CA MET H 27 18.83 20.40 -2.25
C MET H 27 18.72 21.90 -2.43
N ASN H 28 17.68 22.53 -1.88
CA ASN H 28 17.42 23.96 -2.06
C ASN H 28 17.25 24.34 -3.52
N HIS H 29 16.66 23.45 -4.33
CA HIS H 29 16.39 23.75 -5.73
C HIS H 29 15.17 24.62 -5.87
N ASN H 30 15.10 25.37 -6.98
CA ASN H 30 13.95 26.21 -7.24
C ASN H 30 12.92 25.56 -8.18
N SER H 31 13.35 24.70 -9.10
CA SER H 31 12.47 24.18 -10.14
C SER H 31 12.16 22.70 -9.92
N MET H 32 10.92 22.32 -10.20
CA MET H 32 10.44 21.00 -9.88
C MET H 32 9.53 20.54 -11.01
N TYR H 33 9.60 19.26 -11.35
CA TYR H 33 8.96 18.71 -12.53
C TYR H 33 8.27 17.39 -12.19
N TRP H 34 7.22 17.07 -12.93
CA TRP H 34 6.63 15.74 -12.90
C TRP H 34 6.61 15.19 -14.32
N TYR H 35 7.13 13.98 -14.46
CA TYR H 35 7.17 13.30 -15.74
C TYR H 35 6.41 11.98 -15.63
N ARG H 36 5.94 11.48 -16.78
CA ARG H 36 5.58 10.08 -16.86
C ARG H 36 6.44 9.43 -17.95
N GLN H 37 6.85 8.19 -17.67
CA GLN H 37 7.63 7.36 -18.58
C GLN H 37 6.80 6.15 -19.00
N ASP H 38 6.64 5.98 -20.30
CA ASP H 38 5.88 4.90 -20.90
C ASP H 38 6.75 4.17 -21.92
N PRO H 39 6.47 2.90 -22.17
CA PRO H 39 7.34 2.16 -23.09
C PRO H 39 7.24 2.74 -24.48
N GLY H 40 8.40 2.85 -25.14
CA GLY H 40 8.45 3.26 -26.51
C GLY H 40 8.54 4.76 -26.75
N MET H 41 8.49 5.58 -25.71
CA MET H 41 8.46 7.02 -25.93
C MET H 41 9.32 7.73 -24.91
N GLY H 42 9.71 8.95 -25.27
CA GLY H 42 10.46 9.78 -24.36
C GLY H 42 9.61 10.24 -23.19
N LEU H 43 10.31 10.67 -22.15
CA LEU H 43 9.65 11.26 -21.00
C LEU H 43 8.75 12.40 -21.45
N ARG H 44 7.58 12.51 -20.83
CA ARG H 44 6.63 13.55 -21.16
C ARG H 44 6.29 14.32 -19.90
N LEU H 45 6.44 15.63 -19.97
CA LEU H 45 6.21 16.51 -18.84
C LEU H 45 4.72 16.65 -18.57
N ILE H 46 4.31 16.42 -17.32
CA ILE H 46 2.92 16.59 -16.93
C ILE H 46 2.68 18.03 -16.49
N TYR H 47 3.29 18.44 -15.36
CA TYR H 47 3.30 19.82 -14.91
C TYR H 47 4.70 20.16 -14.40
N TYR H 48 4.99 21.45 -14.31
CA TYR H 48 6.27 21.85 -13.75
C TYR H 48 6.09 23.13 -12.94
N SER H 49 7.10 23.41 -12.13
CA SER H 49 7.09 24.54 -11.20
C SER H 49 8.44 25.25 -11.36
N ALA H 50 8.45 26.32 -12.14
CA ALA H 50 9.69 27.02 -12.46
C ALA H 50 10.35 27.60 -11.23
N SER H 51 9.56 27.88 -10.19
CA SER H 51 10.03 28.52 -8.98
C SER H 51 8.91 28.39 -7.95
N GLU H 52 9.27 28.55 -6.68
CA GLU H 52 8.26 28.61 -5.64
C GLU H 52 7.25 29.71 -5.98
N GLY H 53 5.97 29.42 -5.85
CA GLY H 53 4.95 30.41 -6.13
C GLY H 53 4.32 30.35 -7.51
N THR H 54 4.70 29.40 -8.35
CA THR H 54 4.12 29.35 -9.69
C THR H 54 4.22 27.93 -10.27
N THR H 55 3.19 27.52 -11.00
CA THR H 55 3.19 26.24 -11.71
C THR H 55 2.55 26.44 -13.08
N ASP H 56 2.83 25.54 -14.00
CA ASP H 56 2.16 25.56 -15.30
C ASP H 56 2.07 24.14 -15.84
N LYS H 57 1.24 24.00 -16.87
CA LYS H 57 1.06 22.73 -17.56
C LYS H 57 2.28 22.37 -18.39
N GLY H 58 2.58 21.08 -18.44
CA GLY H 58 3.53 20.57 -19.41
C GLY H 58 2.84 20.09 -20.68
N GLU H 59 3.22 18.92 -21.15
CA GLU H 59 2.71 18.38 -22.41
C GLU H 59 1.44 17.55 -22.23
N VAL H 60 1.28 16.86 -21.10
CA VAL H 60 0.10 16.02 -20.87
C VAL H 60 -0.51 16.31 -19.50
N PRO H 61 -1.10 17.49 -19.29
CA PRO H 61 -1.69 17.78 -17.97
C PRO H 61 -3.08 17.22 -17.76
N ASN H 62 -3.76 16.76 -18.81
CA ASN H 62 -5.16 16.35 -18.66
C ASN H 62 -5.25 15.10 -17.78
N GLY H 63 -6.13 15.14 -16.78
CA GLY H 63 -6.23 14.11 -15.80
C GLY H 63 -5.37 14.32 -14.57
N TYR H 64 -4.64 15.43 -14.51
CA TYR H 64 -3.72 15.71 -13.42
C TYR H 64 -3.88 17.14 -12.92
N ASN H 65 -3.47 17.35 -11.67
CA ASN H 65 -3.13 18.69 -11.21
C ASN H 65 -2.02 18.57 -10.18
N VAL H 66 -1.40 19.71 -9.88
CA VAL H 66 -0.24 19.78 -9.01
C VAL H 66 -0.47 20.87 -7.99
N SER H 67 0.35 20.87 -6.96
CA SER H 67 0.55 22.10 -6.22
C SER H 67 1.94 22.07 -5.61
N ARG H 68 2.65 23.20 -5.78
CA ARG H 68 3.96 23.43 -5.18
C ARG H 68 3.69 24.01 -3.80
N LEU H 69 3.69 23.12 -2.79
CA LEU H 69 3.34 23.48 -1.42
C LEU H 69 4.34 24.47 -0.81
N ASN H 70 5.59 24.41 -1.21
CA ASN H 70 6.65 25.24 -0.65
C ASN H 70 7.86 25.08 -1.56
N LYS H 71 9.03 25.53 -1.10
CA LYS H 71 10.21 25.39 -1.95
C LYS H 71 10.58 23.93 -2.14
N ARG H 72 10.21 23.08 -1.19
CA ARG H 72 10.68 21.70 -1.14
C ARG H 72 9.75 20.69 -1.78
N GLU H 73 8.43 20.89 -1.70
CA GLU H 73 7.49 19.83 -2.04
C GLU H 73 6.59 20.23 -3.21
N PHE H 74 6.36 19.27 -4.12
CA PHE H 74 5.63 19.48 -5.38
C PHE H 74 4.76 18.24 -5.61
N SER H 75 3.53 18.28 -5.09
CA SER H 75 2.65 17.12 -5.15
C SER H 75 1.97 17.01 -6.50
N LEU H 76 1.71 15.77 -6.92
CA LEU H 76 0.99 15.47 -8.16
C LEU H 76 -0.26 14.68 -7.79
N ARG H 77 -1.40 15.10 -8.32
CA ARG H 77 -2.69 14.57 -7.92
C ARG H 77 -3.40 14.02 -9.14
N LEU H 78 -3.81 12.75 -9.05
CA LEU H 78 -4.71 12.14 -10.02
C LEU H 78 -6.09 12.15 -9.40
N GLU H 79 -7.06 12.79 -10.03
CA GLU H 79 -8.32 12.92 -9.32
C GLU H 79 -9.40 11.97 -9.82
N SER H 80 -9.19 11.27 -10.93
CA SER H 80 -10.14 10.24 -11.37
C SER H 80 -9.31 9.27 -12.23
N ALA H 81 -8.67 8.32 -11.57
CA ALA H 81 -7.65 7.54 -12.23
C ALA H 81 -8.27 6.76 -13.39
N ALA H 82 -7.62 6.85 -14.55
CA ALA H 82 -7.97 6.13 -15.75
C ALA H 82 -6.88 5.12 -16.10
N PRO H 83 -7.26 4.00 -16.69
CA PRO H 83 -6.25 3.01 -17.12
C PRO H 83 -5.12 3.60 -17.96
N SER H 84 -5.38 4.67 -18.72
CA SER H 84 -4.33 5.27 -19.52
C SER H 84 -3.23 5.86 -18.66
N GLN H 85 -3.49 6.10 -17.38
CA GLN H 85 -2.50 6.69 -16.49
C GLN H 85 -1.64 5.64 -15.79
N THR H 86 -1.85 4.36 -16.11
CA THR H 86 -0.86 3.36 -15.82
C THR H 86 0.47 3.77 -16.44
N SER H 87 1.50 3.91 -15.61
CA SER H 87 2.74 4.53 -16.03
C SER H 87 3.70 4.53 -14.84
N VAL H 88 4.96 4.86 -15.11
CA VAL H 88 5.93 5.17 -14.06
C VAL H 88 6.10 6.68 -14.03
N TYR H 89 5.93 7.28 -12.86
CA TYR H 89 5.98 8.72 -12.70
C TYR H 89 7.27 9.13 -12.01
N PHE H 90 7.97 10.10 -12.60
CA PHE H 90 9.21 10.59 -12.02
C PHE H 90 9.07 12.05 -11.63
N CYS H 91 9.36 12.34 -10.37
CA CYS H 91 9.62 13.69 -9.91
C CYS H 91 11.07 14.09 -10.20
N ALA H 92 11.27 15.34 -10.59
CA ALA H 92 12.63 15.81 -10.83
C ALA H 92 12.74 17.26 -10.38
N SER H 93 13.98 17.70 -10.18
CA SER H 93 14.22 19.07 -9.74
C SER H 93 15.53 19.60 -10.31
N SER H 94 15.63 20.92 -10.37
CA SER H 94 16.82 21.57 -10.89
C SER H 94 16.99 22.89 -10.17
N VAL H 95 18.23 23.36 -10.12
CA VAL H 95 18.53 24.61 -9.42
C VAL H 95 17.64 25.73 -9.93
N TRP H 96 17.48 25.83 -11.26
CA TRP H 96 16.68 26.87 -11.90
C TRP H 96 16.08 26.31 -13.18
N THR H 97 15.25 27.10 -13.85
CA THR H 97 14.73 26.78 -15.17
C THR H 97 15.27 27.78 -16.17
N GLY H 98 15.55 27.30 -17.38
CA GLY H 98 16.02 28.17 -18.46
C GLY H 98 17.33 28.85 -18.15
N GLU H 99 18.00 28.42 -17.08
CA GLU H 99 19.36 28.88 -16.81
C GLU H 99 20.37 27.89 -17.38
N GLY H 100 20.23 27.57 -18.68
CA GLY H 100 21.32 27.06 -19.48
C GLY H 100 21.65 25.57 -19.53
N SER H 101 22.65 25.16 -18.76
CA SER H 101 23.19 23.81 -18.81
C SER H 101 22.84 22.98 -17.59
N GLY H 102 21.94 23.46 -16.73
CA GLY H 102 21.69 22.78 -15.47
C GLY H 102 20.98 21.46 -15.68
N GLU H 103 21.49 20.42 -15.03
CA GLU H 103 20.90 19.11 -15.24
C GLU H 103 19.68 18.94 -14.35
N LEU H 104 18.94 17.87 -14.62
CA LEU H 104 17.84 17.42 -13.77
C LEU H 104 18.33 16.40 -12.75
N PHE H 105 17.66 16.39 -11.61
CA PHE H 105 17.90 15.42 -10.54
C PHE H 105 16.57 14.74 -10.26
N PHE H 106 16.54 13.41 -10.43
CA PHE H 106 15.32 12.61 -10.47
C PHE H 106 15.10 11.85 -9.17
N GLY H 107 13.81 11.63 -8.82
CA GLY H 107 13.45 10.73 -7.75
C GLY H 107 13.35 9.29 -8.23
N GLU H 108 13.16 8.37 -7.29
CA GLU H 108 13.26 6.96 -7.66
C GLU H 108 12.08 6.44 -8.48
N GLY H 109 11.04 7.25 -8.71
CA GLY H 109 9.93 6.85 -9.55
C GLY H 109 8.80 6.21 -8.77
N SER H 110 7.60 6.24 -9.37
CA SER H 110 6.40 5.69 -8.75
C SER H 110 5.59 4.95 -9.82
N ARG H 111 5.43 3.64 -9.64
CA ARG H 111 4.73 2.81 -10.60
C ARG H 111 3.27 2.69 -10.21
N LEU H 112 2.40 3.30 -10.98
CA LEU H 112 0.95 3.15 -10.79
C LEU H 112 0.37 2.23 -11.84
N THR H 113 -0.50 1.34 -11.40
CA THR H 113 -1.31 0.52 -12.29
C THR H 113 -2.78 0.79 -11.94
N VAL H 114 -3.53 1.31 -12.92
CA VAL H 114 -4.96 1.59 -12.78
C VAL H 114 -5.75 0.46 -13.44
N LEU H 115 -6.62 -0.20 -12.67
CA LEU H 115 -7.40 -1.36 -13.11
C LEU H 115 -8.90 -1.11 -12.98
N GLU H 116 -9.69 -1.70 -13.88
CA GLU H 116 -11.15 -1.58 -13.79
C GLU H 116 -11.67 -2.15 -12.48
N ASP H 117 -11.12 -3.29 -12.03
CA ASP H 117 -11.34 -3.72 -10.66
C ASP H 117 -10.17 -4.56 -10.17
N LEU H 118 -10.13 -4.78 -8.87
CA LEU H 118 -9.07 -5.53 -8.24
C LEU H 118 -9.29 -7.03 -8.24
N LYS H 119 -10.27 -7.55 -9.00
CA LYS H 119 -10.55 -8.97 -8.95
C LYS H 119 -9.40 -9.83 -9.48
N ASN H 120 -8.38 -9.24 -10.10
CA ASN H 120 -7.27 -10.02 -10.65
C ASN H 120 -5.95 -9.76 -9.93
N VAL H 121 -5.93 -8.87 -8.94
CA VAL H 121 -4.75 -8.70 -8.11
C VAL H 121 -4.45 -9.97 -7.33
N PHE H 122 -3.19 -10.44 -7.41
CA PHE H 122 -2.70 -11.68 -6.79
C PHE H 122 -1.28 -11.47 -6.27
N PRO H 123 -0.98 -11.89 -5.05
CA PRO H 123 0.42 -11.91 -4.60
C PRO H 123 1.15 -13.10 -5.17
N PRO H 124 2.48 -13.08 -5.20
CA PRO H 124 3.21 -14.20 -5.78
C PRO H 124 3.27 -15.41 -4.86
N GLU H 125 3.30 -16.58 -5.49
CA GLU H 125 3.76 -17.81 -4.85
C GLU H 125 5.28 -17.90 -4.99
N VAL H 126 5.99 -18.00 -3.87
CA VAL H 126 7.44 -18.05 -3.86
C VAL H 126 7.88 -19.44 -3.44
N ALA H 127 8.78 -20.05 -4.23
CA ALA H 127 9.36 -21.35 -3.96
C ALA H 127 10.88 -21.32 -4.21
N VAL H 128 11.64 -22.03 -3.39
CA VAL H 128 13.10 -22.12 -3.52
C VAL H 128 13.48 -23.55 -3.87
N PHE H 129 14.37 -23.69 -4.86
CA PHE H 129 14.82 -24.99 -5.36
C PHE H 129 16.33 -25.12 -5.12
N GLU H 130 16.73 -26.23 -4.48
CA GLU H 130 18.10 -26.42 -4.04
C GLU H 130 19.00 -26.89 -5.18
N PRO H 131 20.31 -26.69 -5.08
CA PRO H 131 21.18 -26.93 -6.23
C PRO H 131 21.31 -28.40 -6.61
N SER H 132 21.60 -28.59 -7.90
CA SER H 132 21.90 -29.91 -8.44
C SER H 132 23.21 -30.43 -7.87
N GLU H 133 23.17 -31.65 -7.31
CA GLU H 133 24.42 -32.33 -6.94
C GLU H 133 25.31 -32.55 -8.15
N ALA H 134 24.71 -32.79 -9.32
CA ALA H 134 25.51 -32.88 -10.54
C ALA H 134 26.28 -31.58 -10.81
N GLU H 135 25.67 -30.42 -10.56
CA GLU H 135 26.41 -29.18 -10.76
C GLU H 135 27.55 -29.07 -9.76
N ILE H 136 27.27 -29.40 -8.50
CA ILE H 136 28.26 -29.27 -7.44
C ILE H 136 29.52 -30.06 -7.77
N SER H 137 29.38 -31.30 -8.25
CA SER H 137 30.57 -32.09 -8.52
C SER H 137 31.19 -31.76 -9.87
N HIS H 138 30.44 -31.20 -10.82
CA HIS H 138 31.00 -30.86 -12.12
C HIS H 138 31.71 -29.51 -12.13
N THR H 139 31.29 -28.58 -11.28
CA THR H 139 31.77 -27.20 -11.29
C THR H 139 32.26 -26.69 -9.96
N GLN H 140 32.01 -27.41 -8.87
CA GLN H 140 32.32 -26.98 -7.51
C GLN H 140 31.62 -25.67 -7.14
N LYS H 141 30.48 -25.39 -7.79
CA LYS H 141 29.60 -24.30 -7.38
C LYS H 141 28.18 -24.82 -7.22
N ALA H 142 27.32 -24.03 -6.58
CA ALA H 142 25.95 -24.44 -6.31
C ALA H 142 24.99 -23.29 -6.61
N THR H 143 24.00 -23.53 -7.48
CA THR H 143 23.02 -22.52 -7.88
C THR H 143 21.67 -22.83 -7.24
N LEU H 144 21.19 -21.90 -6.40
CA LEU H 144 19.81 -21.94 -5.91
C LEU H 144 18.94 -21.09 -6.84
N VAL H 145 17.73 -21.60 -7.15
CA VAL H 145 16.77 -20.87 -7.96
C VAL H 145 15.54 -20.55 -7.14
N CYS H 146 15.05 -19.32 -7.28
CA CYS H 146 13.81 -18.88 -6.66
C CYS H 146 12.80 -18.48 -7.73
N LEU H 147 11.58 -18.97 -7.59
CA LEU H 147 10.51 -18.73 -8.55
C LEU H 147 9.40 -18.01 -7.82
N ALA H 148 8.94 -16.91 -8.39
CA ALA H 148 7.80 -16.15 -7.90
C ALA H 148 6.78 -16.12 -9.02
N THR H 149 5.63 -16.76 -8.81
CA THR H 149 4.70 -16.99 -9.92
C THR H 149 3.29 -16.57 -9.53
N GLY H 150 2.46 -16.35 -10.55
CA GLY H 150 1.06 -16.04 -10.38
C GLY H 150 0.72 -14.68 -9.81
N PHE H 151 1.64 -13.73 -9.81
CA PHE H 151 1.33 -12.44 -9.22
C PHE H 151 0.84 -11.44 -10.26
N TYR H 152 0.18 -10.41 -9.76
CA TYR H 152 -0.45 -9.38 -10.57
C TYR H 152 -0.94 -8.27 -9.66
N PRO H 153 -0.63 -6.99 -9.96
CA PRO H 153 0.14 -6.50 -11.10
C PRO H 153 1.64 -6.68 -10.85
N ASP H 154 2.50 -6.27 -11.79
CA ASP H 154 3.95 -6.48 -11.64
C ASP H 154 4.54 -5.43 -10.69
N HIS H 155 4.20 -5.57 -9.41
CA HIS H 155 4.67 -4.71 -8.32
C HIS H 155 5.44 -5.56 -7.30
N VAL H 156 6.65 -6.00 -7.63
CA VAL H 156 7.38 -6.91 -6.74
C VAL H 156 8.85 -6.48 -6.62
N GLU H 157 9.46 -6.81 -5.49
CA GLU H 157 10.89 -6.65 -5.26
C GLU H 157 11.44 -7.95 -4.68
N LEU H 158 12.42 -8.53 -5.35
CA LEU H 158 12.98 -9.81 -4.96
C LEU H 158 14.39 -9.61 -4.42
N SER H 159 14.67 -10.21 -3.25
CA SER H 159 15.99 -10.14 -2.65
C SER H 159 16.34 -11.51 -2.06
N TRP H 160 17.64 -11.77 -1.91
CA TRP H 160 18.15 -12.98 -1.28
C TRP H 160 18.76 -12.64 0.06
N TRP H 161 18.68 -13.57 1.01
CA TRP H 161 19.16 -13.36 2.38
C TRP H 161 19.96 -14.58 2.82
N VAL H 162 21.20 -14.37 3.21
CA VAL H 162 22.08 -15.45 3.62
C VAL H 162 22.47 -15.17 5.06
N ASN H 163 22.18 -16.12 5.95
CA ASN H 163 22.33 -15.93 7.39
C ASN H 163 21.77 -14.57 7.83
N GLY H 164 20.55 -14.26 7.37
CA GLY H 164 19.83 -13.09 7.82
C GLY H 164 20.29 -11.75 7.27
N LYS H 165 21.22 -11.73 6.32
CA LYS H 165 21.71 -10.49 5.71
C LYS H 165 21.54 -10.56 4.20
N GLU H 166 21.07 -9.46 3.62
CA GLU H 166 20.86 -9.41 2.18
C GLU H 166 22.19 -9.55 1.46
N VAL H 167 22.18 -10.26 0.34
CA VAL H 167 23.37 -10.39 -0.50
C VAL H 167 23.01 -9.97 -1.91
N HIS H 168 24.05 -9.67 -2.69
CA HIS H 168 23.90 -9.21 -4.05
C HIS H 168 24.86 -9.94 -4.98
N SER H 169 26.03 -10.31 -4.46
CA SER H 169 27.01 -11.05 -5.24
C SER H 169 26.50 -12.44 -5.59
N GLY H 170 26.69 -12.86 -6.84
CA GLY H 170 26.18 -14.16 -7.26
C GLY H 170 24.68 -14.21 -7.48
N VAL H 171 23.99 -13.06 -7.52
CA VAL H 171 22.55 -13.03 -7.72
C VAL H 171 22.23 -12.62 -9.16
N CYS H 172 21.26 -13.28 -9.76
CA CYS H 172 20.71 -12.81 -11.03
C CYS H 172 19.21 -12.93 -10.95
N THR H 173 18.54 -11.79 -11.02
CA THR H 173 17.09 -11.72 -11.05
C THR H 173 16.70 -11.26 -12.44
N ASP H 174 15.59 -11.75 -12.94
CA ASP H 174 15.19 -11.37 -14.29
C ASP H 174 14.94 -9.86 -14.34
N PRO H 175 15.46 -9.16 -15.33
CA PRO H 175 15.15 -7.73 -15.46
C PRO H 175 13.66 -7.50 -15.72
N GLN H 176 13.04 -8.27 -16.59
CA GLN H 176 11.60 -8.14 -16.77
C GLN H 176 10.90 -9.44 -16.40
N PRO H 177 9.63 -9.39 -16.01
CA PRO H 177 8.93 -10.61 -15.65
C PRO H 177 8.36 -11.31 -16.88
N LEU H 178 8.09 -12.59 -16.69
CA LEU H 178 7.40 -13.42 -17.67
C LEU H 178 5.89 -13.30 -17.51
N LYS H 179 5.17 -13.05 -18.61
CA LYS H 179 3.73 -13.26 -18.64
C LYS H 179 3.41 -14.75 -18.77
N GLU H 180 2.60 -15.26 -17.86
CA GLU H 180 2.31 -16.69 -17.84
C GLU H 180 1.33 -17.12 -18.93
N GLN H 181 0.63 -16.18 -19.53
CA GLN H 181 -0.35 -16.47 -20.58
C GLN H 181 -0.27 -15.31 -21.55
N PRO H 182 0.71 -15.31 -22.45
CA PRO H 182 1.11 -14.05 -23.12
C PRO H 182 -0.02 -13.41 -23.91
N ALA H 183 -0.96 -14.19 -24.42
CA ALA H 183 -2.03 -13.63 -25.23
C ALA H 183 -2.96 -12.74 -24.43
N LEU H 184 -3.10 -12.99 -23.13
CA LEU H 184 -4.13 -12.32 -22.35
C LEU H 184 -3.66 -10.99 -21.77
N ASN H 185 -4.62 -10.05 -21.69
CA ASN H 185 -4.32 -8.69 -21.28
C ASN H 185 -4.05 -8.59 -19.78
N ASP H 186 -4.79 -9.36 -18.99
CA ASP H 186 -4.60 -9.38 -17.55
C ASP H 186 -3.80 -10.59 -17.11
N SER H 187 -2.84 -11.03 -17.93
CA SER H 187 -2.07 -12.23 -17.62
C SER H 187 -1.21 -12.03 -16.37
N ARG H 188 -1.24 -13.00 -15.46
CA ARG H 188 -0.39 -12.95 -14.28
C ARG H 188 1.07 -13.18 -14.66
N TYR H 189 1.98 -12.84 -13.74
CA TYR H 189 3.40 -12.78 -14.07
C TYR H 189 4.19 -13.87 -13.35
N ALA H 190 5.38 -14.16 -13.89
CA ALA H 190 6.38 -14.98 -13.22
C ALA H 190 7.74 -14.28 -13.28
N LEU H 191 8.58 -14.58 -12.29
CA LEU H 191 9.89 -13.96 -12.11
C LEU H 191 10.83 -15.00 -11.51
N SER H 192 12.01 -15.14 -12.06
CA SER H 192 12.99 -16.09 -11.57
C SER H 192 14.27 -15.38 -11.13
N SER H 193 14.90 -15.92 -10.09
CA SER H 193 16.15 -15.42 -9.58
C SER H 193 17.07 -16.59 -9.23
N ARG H 194 18.38 -16.40 -9.40
CA ARG H 194 19.41 -17.38 -9.09
C ARG H 194 20.39 -16.78 -8.09
N LEU H 195 20.88 -17.63 -7.18
CA LEU H 195 21.99 -17.30 -6.28
C LEU H 195 23.00 -18.42 -6.40
N ARG H 196 24.22 -18.08 -6.76
CA ARG H 196 25.25 -19.07 -6.95
C ARG H 196 26.30 -18.85 -5.87
N VAL H 197 26.65 -19.92 -5.18
CA VAL H 197 27.65 -19.89 -4.15
C VAL H 197 28.64 -21.00 -4.45
N SER H 198 29.78 -20.93 -3.77
CA SER H 198 30.73 -22.02 -3.90
C SER H 198 30.14 -23.29 -3.30
N ALA H 199 30.64 -24.43 -3.77
CA ALA H 199 30.22 -25.71 -3.21
C ALA H 199 30.58 -25.81 -1.73
N THR H 200 31.70 -25.23 -1.31
CA THR H 200 32.03 -25.28 0.11
C THR H 200 31.08 -24.43 0.94
N PHE H 201 30.57 -23.33 0.40
CA PHE H 201 29.63 -22.54 1.18
C PHE H 201 28.29 -23.26 1.29
N TRP H 202 27.82 -23.85 0.19
CA TRP H 202 26.55 -24.58 0.23
C TRP H 202 26.62 -25.77 1.17
N GLN H 203 27.79 -26.41 1.31
CA GLN H 203 27.88 -27.67 2.04
C GLN H 203 28.11 -27.49 3.54
N ASN H 204 28.02 -26.26 4.04
CA ASN H 204 28.02 -26.07 5.49
C ASN H 204 26.58 -26.10 5.98
N PRO H 205 26.22 -27.03 6.87
CA PRO H 205 24.80 -27.24 7.19
C PRO H 205 24.17 -26.15 8.02
N ARG H 206 24.93 -25.15 8.47
CA ARG H 206 24.30 -24.08 9.23
C ARG H 206 24.32 -22.74 8.51
N ASN H 207 24.50 -22.76 7.20
CA ASN H 207 24.25 -21.61 6.33
C ASN H 207 22.78 -21.61 5.90
N HIS H 208 22.14 -20.45 6.00
CA HIS H 208 20.71 -20.30 5.75
C HIS H 208 20.49 -19.40 4.54
N PHE H 209 19.59 -19.84 3.66
CA PHE H 209 19.27 -19.13 2.42
C PHE H 209 17.78 -18.86 2.38
N ARG H 210 17.40 -17.62 2.08
CA ARG H 210 16.01 -17.24 1.98
C ARG H 210 15.82 -16.34 0.77
N CYS H 211 14.78 -16.63 -0.01
CA CYS H 211 14.34 -15.80 -1.11
C CYS H 211 13.09 -15.06 -0.66
N GLN H 212 13.09 -13.74 -0.82
CA GLN H 212 12.01 -12.92 -0.31
C GLN H 212 11.45 -12.02 -1.42
N VAL H 213 10.14 -12.02 -1.58
CA VAL H 213 9.47 -11.21 -2.58
C VAL H 213 8.50 -10.28 -1.86
N GLN H 214 8.77 -8.98 -1.88
CA GLN H 214 7.83 -7.98 -1.42
C GLN H 214 6.82 -7.70 -2.53
N PHE H 215 5.54 -7.71 -2.18
CA PHE H 215 4.46 -7.49 -3.14
C PHE H 215 3.68 -6.27 -2.68
N TYR H 216 3.45 -5.34 -3.58
CA TYR H 216 2.70 -4.13 -3.28
C TYR H 216 1.32 -4.30 -3.88
N GLY H 217 0.33 -4.43 -3.01
CA GLY H 217 -1.03 -4.68 -3.44
C GLY H 217 -1.99 -3.76 -2.72
N LEU H 218 -3.03 -4.30 -2.11
CA LEU H 218 -4.06 -3.45 -1.52
C LEU H 218 -3.71 -3.05 -0.10
N SER H 219 -4.42 -2.04 0.42
CA SER H 219 -4.27 -1.64 1.82
C SER H 219 -5.63 -1.77 2.48
N GLU H 220 -5.70 -1.36 3.75
CA GLU H 220 -6.95 -1.46 4.49
C GLU H 220 -8.08 -0.66 3.83
N ASN H 221 -7.78 0.54 3.33
CA ASN H 221 -8.87 1.38 2.84
C ASN H 221 -9.51 0.84 1.56
N ASP H 222 -8.91 -0.16 0.91
CA ASP H 222 -9.44 -0.66 -0.35
C ASP H 222 -10.54 -1.67 -0.13
N GLU H 223 -11.63 -1.52 -0.87
CA GLU H 223 -12.76 -2.43 -0.74
C GLU H 223 -12.38 -3.79 -1.31
N TRP H 224 -12.76 -4.85 -0.60
CA TRP H 224 -12.56 -6.20 -1.08
C TRP H 224 -13.85 -6.98 -0.88
N THR H 225 -14.33 -7.61 -1.97
CA THR H 225 -15.57 -8.36 -1.92
C THR H 225 -15.44 -9.77 -2.48
N GLN H 226 -14.25 -10.19 -2.87
CA GLN H 226 -14.08 -11.53 -3.39
C GLN H 226 -14.04 -12.55 -2.26
N ASP H 227 -14.13 -13.83 -2.64
CA ASP H 227 -14.13 -14.92 -1.67
C ASP H 227 -12.74 -15.34 -1.23
N ARG H 228 -11.73 -15.06 -2.02
CA ARG H 228 -10.38 -15.39 -1.63
C ARG H 228 -9.85 -14.31 -0.67
N ALA H 229 -8.63 -14.53 -0.18
CA ALA H 229 -8.02 -13.60 0.76
C ALA H 229 -7.66 -12.30 0.06
N LYS H 230 -7.97 -11.20 0.72
CA LYS H 230 -7.61 -9.87 0.27
C LYS H 230 -6.12 -9.79 -0.02
N PRO H 231 -5.73 -9.50 -1.26
CA PRO H 231 -4.31 -9.48 -1.68
C PRO H 231 -3.59 -8.20 -1.25
N VAL H 232 -3.40 -8.05 0.06
CA VAL H 232 -2.77 -6.85 0.60
C VAL H 232 -1.27 -6.87 0.33
N THR H 233 -0.65 -5.70 0.49
CA THR H 233 0.81 -5.58 0.50
C THR H 233 1.42 -6.51 1.55
N GLN H 234 2.41 -7.30 1.16
CA GLN H 234 2.86 -8.39 2.02
C GLN H 234 4.18 -8.93 1.51
N ILE H 235 4.88 -9.65 2.38
CA ILE H 235 6.16 -10.27 2.07
C ILE H 235 5.98 -11.79 2.08
N VAL H 236 6.17 -12.42 0.93
CA VAL H 236 6.07 -13.87 0.76
C VAL H 236 7.48 -14.40 0.55
N SER H 237 7.85 -15.51 1.22
CA SER H 237 9.24 -15.93 1.11
C SER H 237 9.39 -17.45 1.21
N ALA H 238 10.58 -17.94 0.90
CA ALA H 238 10.88 -19.37 0.98
C ALA H 238 12.36 -19.56 1.28
N GLU H 239 12.68 -20.59 2.05
CA GLU H 239 14.03 -20.75 2.60
C GLU H 239 14.63 -22.10 2.20
N ALA H 240 15.92 -22.25 2.50
CA ALA H 240 16.62 -23.53 2.41
C ALA H 240 17.86 -23.48 3.28
N TRP H 241 18.19 -24.59 3.93
CA TRP H 241 19.45 -24.71 4.65
C TRP H 241 20.45 -25.47 3.80
N GLY H 242 21.73 -25.14 3.99
CA GLY H 242 22.78 -25.88 3.33
C GLY H 242 22.80 -27.34 3.77
N ARG H 243 23.25 -28.20 2.85
CA ARG H 243 23.18 -29.64 3.03
C ARG H 243 24.60 -30.19 2.97
N ALA H 244 24.99 -30.94 3.99
CA ALA H 244 26.25 -31.68 3.95
C ALA H 244 26.02 -33.10 3.46
#